data_8XF0
#
_entry.id   8XF0
#
_cell.length_a   169.990
_cell.length_b   169.990
_cell.length_c   125.968
_cell.angle_alpha   90.00
_cell.angle_beta   90.00
_cell.angle_gamma   120.00
#
_symmetry.space_group_name_H-M   'P 62'
#
loop_
_entity.id
_entity.type
_entity.pdbx_description
1 polymer 'C-phycocyanin alpha chain'
2 non-polymer PHYCOCYANOBILIN
3 non-polymer 'MAGNESIUM ION'
4 water water
#
_entity_poly.entity_id   1
_entity_poly.type   'polypeptide(L)'
_entity_poly.pdbx_seq_one_letter_code
;MKTPITEAIAAADTQGRFLSNTELQAVNGRFERAAASMEAARALTNNAQQLIDGAANAVYQKFPYTTQMQGANFASDSRG
KSKCARDIGYYLRIITYSLVAGGTGPLDEYLIAGLDEINRTFDLSPSWYVEALKYIKANHGLSGQAANEANTYIDYAINA
LS
;
_entity_poly.pdbx_strand_id   A,B,C,D,E,F,G,H,I,J,K,L
#
# COMPACT_ATOMS: atom_id res chain seq x y z
N MET A 1 -16.19 -8.48 6.18
CA MET A 1 -16.71 -8.94 7.46
C MET A 1 -17.17 -10.40 7.37
N LYS A 2 -17.26 -11.07 8.51
CA LYS A 2 -17.48 -12.52 8.56
C LYS A 2 -18.97 -12.80 8.70
N THR A 3 -19.59 -13.26 7.61
CA THR A 3 -20.97 -13.75 7.62
C THR A 3 -20.95 -15.21 7.21
N PRO A 4 -22.06 -15.95 7.34
CA PRO A 4 -22.07 -17.34 6.83
C PRO A 4 -21.86 -17.44 5.34
N ILE A 5 -22.00 -16.34 4.60
CA ILE A 5 -21.80 -16.37 3.15
C ILE A 5 -20.32 -16.22 2.81
N THR A 6 -19.70 -15.16 3.33
CA THR A 6 -18.29 -14.92 3.07
C THR A 6 -17.42 -16.04 3.61
N GLU A 7 -17.84 -16.67 4.71
CA GLU A 7 -17.10 -17.81 5.25
C GLU A 7 -16.97 -18.92 4.21
N ALA A 8 -18.11 -19.35 3.67
CA ALA A 8 -18.09 -20.41 2.66
C ALA A 8 -17.36 -19.99 1.41
N ILE A 9 -17.53 -18.72 1.00
CA ILE A 9 -16.86 -18.25 -0.21
C ILE A 9 -15.35 -18.27 -0.03
N ALA A 10 -14.86 -17.83 1.13
CA ALA A 10 -13.41 -17.83 1.36
C ALA A 10 -12.88 -19.25 1.49
N ALA A 11 -13.61 -20.12 2.18
CA ALA A 11 -13.17 -21.50 2.34
C ALA A 11 -13.15 -22.25 1.01
N ALA A 12 -14.00 -21.84 0.06
CA ALA A 12 -13.97 -22.46 -1.26
C ALA A 12 -12.91 -21.82 -2.16
N ASP A 13 -12.65 -20.52 -2.01
CA ASP A 13 -11.69 -19.85 -2.88
C ASP A 13 -10.25 -20.17 -2.52
N THR A 14 -9.96 -20.32 -1.21
CA THR A 14 -8.58 -20.60 -0.81
C THR A 14 -8.09 -21.92 -1.36
N GLN A 15 -8.99 -22.88 -1.57
CA GLN A 15 -8.65 -24.18 -2.14
C GLN A 15 -8.93 -24.25 -3.64
N GLY A 16 -9.36 -23.15 -4.25
CA GLY A 16 -9.62 -23.15 -5.69
C GLY A 16 -10.73 -24.08 -6.11
N ARG A 17 -11.75 -24.27 -5.28
CA ARG A 17 -12.83 -25.22 -5.54
C ARG A 17 -14.17 -24.52 -5.48
N PHE A 18 -15.21 -25.27 -5.85
CA PHE A 18 -16.59 -24.80 -5.70
C PHE A 18 -17.05 -24.96 -4.26
N LEU A 19 -18.20 -24.35 -3.95
CA LEU A 19 -18.76 -24.49 -2.62
C LEU A 19 -19.25 -25.91 -2.40
N SER A 20 -18.85 -26.51 -1.28
CA SER A 20 -19.26 -27.87 -0.98
C SER A 20 -20.75 -27.92 -0.68
N ASN A 21 -21.32 -29.13 -0.78
CA ASN A 21 -22.74 -29.30 -0.48
C ASN A 21 -23.05 -28.95 0.97
N THR A 22 -22.10 -29.18 1.87
CA THR A 22 -22.28 -28.75 3.26
C THR A 22 -22.33 -27.22 3.35
N GLU A 23 -21.41 -26.54 2.65
CA GLU A 23 -21.44 -25.08 2.62
C GLU A 23 -22.71 -24.57 1.96
N LEU A 24 -23.14 -25.23 0.89
CA LEU A 24 -24.41 -24.87 0.25
C LEU A 24 -25.57 -25.00 1.23
N GLN A 25 -25.57 -26.06 2.05
CA GLN A 25 -26.64 -26.26 3.00
C GLN A 25 -26.61 -25.22 4.12
N ALA A 26 -25.41 -24.80 4.54
CA ALA A 26 -25.31 -23.74 5.54
C ALA A 26 -25.83 -22.42 4.98
N VAL A 27 -25.48 -22.10 3.73
CA VAL A 27 -25.97 -20.88 3.11
C VAL A 27 -27.48 -20.91 2.96
N ASN A 28 -28.02 -22.07 2.56
CA ASN A 28 -29.47 -22.19 2.44
C ASN A 28 -30.16 -22.13 3.79
N GLY A 29 -29.49 -22.60 4.84
CA GLY A 29 -30.03 -22.45 6.18
C GLY A 29 -30.09 -21.02 6.64
N ARG A 30 -29.10 -20.21 6.24
CA ARG A 30 -29.23 -18.77 6.47
C ARG A 30 -30.39 -18.18 5.69
N PHE A 31 -30.53 -18.59 4.43
CA PHE A 31 -31.55 -18.00 3.57
C PHE A 31 -32.96 -18.33 4.07
N GLU A 32 -33.19 -19.55 4.54
CA GLU A 32 -34.52 -19.94 4.99
C GLU A 32 -34.94 -19.22 6.27
N ARG A 33 -34.04 -18.49 6.92
CA ARG A 33 -34.39 -17.66 8.06
C ARG A 33 -34.20 -16.17 7.78
N ALA A 34 -33.68 -15.82 6.61
CA ALA A 34 -33.52 -14.41 6.24
C ALA A 34 -34.82 -13.62 6.38
N ALA A 35 -35.96 -14.22 6.03
CA ALA A 35 -37.22 -13.50 6.08
C ALA A 35 -37.56 -13.09 7.51
N ALA A 36 -37.50 -14.04 8.44
CA ALA A 36 -37.77 -13.74 9.84
C ALA A 36 -36.74 -12.77 10.40
N SER A 37 -35.47 -12.91 10.01
CA SER A 37 -34.45 -12.00 10.50
C SER A 37 -34.72 -10.57 10.05
N MET A 38 -35.13 -10.40 8.79
CA MET A 38 -35.45 -9.08 8.28
C MET A 38 -36.69 -8.50 8.94
N GLU A 39 -37.71 -9.34 9.17
CA GLU A 39 -38.88 -8.89 9.91
C GLU A 39 -38.49 -8.37 11.29
N ALA A 40 -37.67 -9.14 12.02
CA ALA A 40 -37.26 -8.73 13.35
C ALA A 40 -36.46 -7.44 13.33
N ALA A 41 -35.51 -7.33 12.39
CA ALA A 41 -34.68 -6.13 12.33
C ALA A 41 -35.53 -4.90 11.99
N ARG A 42 -36.49 -5.06 11.07
CA ARG A 42 -37.37 -3.94 10.72
C ARG A 42 -38.22 -3.52 11.90
N ALA A 43 -38.81 -4.48 12.61
CA ALA A 43 -39.60 -4.15 13.79
C ALA A 43 -38.76 -3.42 14.83
N LEU A 44 -37.58 -3.95 15.14
CA LEU A 44 -36.74 -3.32 16.15
C LEU A 44 -36.26 -1.94 15.72
N THR A 45 -36.03 -1.74 14.43
CA THR A 45 -35.58 -0.43 13.96
C THR A 45 -36.71 0.59 14.02
N ASN A 46 -37.91 0.20 13.62
CA ASN A 46 -39.02 1.16 13.55
C ASN A 46 -39.47 1.59 14.94
N ASN A 47 -39.40 0.71 15.93
CA ASN A 47 -39.80 1.03 17.30
C ASN A 47 -38.58 1.14 18.22
N ALA A 48 -37.51 1.76 17.71
CA ALA A 48 -36.26 1.79 18.47
C ALA A 48 -36.35 2.72 19.68
N GLN A 49 -36.90 3.92 19.49
CA GLN A 49 -36.91 4.90 20.58
C GLN A 49 -37.77 4.44 21.74
N GLN A 50 -38.95 3.88 21.45
CA GLN A 50 -39.83 3.40 22.51
C GLN A 50 -39.17 2.26 23.29
N LEU A 51 -38.54 1.32 22.57
CA LEU A 51 -37.85 0.22 23.24
C LEU A 51 -36.71 0.73 24.10
N ILE A 52 -35.94 1.69 23.59
CA ILE A 52 -34.81 2.24 24.35
C ILE A 52 -35.30 2.90 25.63
N ASP A 53 -36.35 3.72 25.51
CA ASP A 53 -36.88 4.42 26.69
C ASP A 53 -37.45 3.43 27.71
N GLY A 54 -38.18 2.42 27.23
CA GLY A 54 -38.71 1.43 28.15
C GLY A 54 -37.62 0.63 28.85
N ALA A 55 -36.56 0.27 28.12
CA ALA A 55 -35.47 -0.47 28.73
C ALA A 55 -34.72 0.38 29.76
N ALA A 56 -34.46 1.64 29.43
CA ALA A 56 -33.85 2.55 30.40
C ALA A 56 -34.72 2.69 31.64
N ASN A 57 -36.03 2.81 31.46
CA ASN A 57 -36.93 2.92 32.61
C ASN A 57 -36.92 1.65 33.44
N ALA A 58 -36.91 0.49 32.80
CA ALA A 58 -36.86 -0.77 33.54
C ALA A 58 -35.57 -0.87 34.35
N VAL A 59 -34.46 -0.43 33.76
CA VAL A 59 -33.20 -0.40 34.50
C VAL A 59 -33.32 0.53 35.71
N TYR A 60 -33.95 1.68 35.52
CA TYR A 60 -34.11 2.62 36.63
C TYR A 60 -34.97 2.04 37.75
N GLN A 61 -36.03 1.29 37.39
CA GLN A 61 -36.88 0.71 38.42
C GLN A 61 -36.18 -0.43 39.15
N LYS A 62 -35.47 -1.29 38.41
CA LYS A 62 -34.81 -2.42 39.06
C LYS A 62 -33.63 -1.94 39.93
N PHE A 63 -32.91 -0.92 39.47
CA PHE A 63 -31.78 -0.34 40.21
C PHE A 63 -32.09 1.13 40.46
N PRO A 64 -32.88 1.43 41.50
CA PRO A 64 -33.29 2.83 41.71
C PRO A 64 -32.14 3.76 42.06
N TYR A 65 -31.07 3.26 42.69
CA TYR A 65 -29.96 4.12 43.06
C TYR A 65 -29.34 4.81 41.84
N THR A 66 -29.44 4.18 40.67
CA THR A 66 -28.89 4.77 39.45
C THR A 66 -29.51 6.12 39.14
N THR A 67 -30.73 6.37 39.63
CA THR A 67 -31.38 7.66 39.42
C THR A 67 -31.23 8.60 40.61
N GLN A 68 -30.73 8.13 41.75
CA GLN A 68 -30.61 8.94 42.94
C GLN A 68 -29.17 9.28 43.31
N MET A 69 -28.19 8.73 42.59
CA MET A 69 -26.78 8.94 42.90
C MET A 69 -26.18 10.12 42.14
N GLN A 70 -25.29 10.84 42.82
CA GLN A 70 -24.41 11.77 42.14
C GLN A 70 -23.23 11.03 41.50
N GLY A 71 -22.59 11.69 40.56
CA GLY A 71 -21.43 11.13 39.90
C GLY A 71 -21.72 10.82 38.45
N ALA A 72 -20.68 10.94 37.62
CA ALA A 72 -20.81 10.60 36.20
C ALA A 72 -21.22 9.15 36.00
N ASN A 73 -20.93 8.30 36.98
CA ASN A 73 -21.26 6.88 36.86
C ASN A 73 -22.75 6.66 36.60
N PHE A 74 -23.61 7.45 37.23
CA PHE A 74 -25.03 7.16 37.32
C PHE A 74 -25.86 8.19 36.57
N ALA A 75 -27.18 8.04 36.66
CA ALA A 75 -28.09 8.85 35.86
C ALA A 75 -29.09 9.63 36.73
N SER A 76 -28.59 10.51 37.59
CA SER A 76 -29.46 11.39 38.35
C SER A 76 -29.84 12.64 37.56
N ASP A 77 -28.90 13.17 36.77
CA ASP A 77 -29.17 14.33 35.94
C ASP A 77 -29.67 13.88 34.57
N SER A 78 -29.81 14.83 33.64
CA SER A 78 -30.24 14.50 32.29
C SER A 78 -29.09 13.93 31.46
N ARG A 79 -27.86 14.31 31.78
CA ARG A 79 -26.69 13.83 31.04
C ARG A 79 -26.55 12.32 31.17
N GLY A 80 -26.62 11.81 32.41
CA GLY A 80 -26.47 10.37 32.60
C GLY A 80 -27.59 9.56 31.98
N LYS A 81 -28.82 10.07 32.06
CA LYS A 81 -29.95 9.38 31.43
C LYS A 81 -29.78 9.35 29.92
N SER A 82 -29.32 10.45 29.32
CA SER A 82 -29.08 10.45 27.88
C SER A 82 -27.98 9.46 27.51
N LYS A 83 -26.90 9.40 28.30
CA LYS A 83 -25.83 8.45 28.01
C LYS A 83 -26.34 7.01 28.13
N CYS A 84 -27.21 6.75 29.09
CA CYS A 84 -27.76 5.40 29.25
C CYS A 84 -28.63 5.02 28.05
N ALA A 85 -29.48 5.94 27.60
CA ALA A 85 -30.27 5.69 26.40
C ALA A 85 -29.37 5.46 25.19
N ARG A 86 -28.27 6.21 25.10
CA ARG A 86 -27.33 6.04 23.99
C ARG A 86 -26.67 4.66 24.02
N ASP A 87 -26.32 4.17 25.22
CA ASP A 87 -25.76 2.83 25.34
C ASP A 87 -26.75 1.76 24.89
N ILE A 88 -28.00 1.87 25.36
CA ILE A 88 -29.01 0.92 24.94
C ILE A 88 -29.21 0.99 23.43
N GLY A 89 -29.13 2.19 22.86
CA GLY A 89 -29.22 2.32 21.42
C GLY A 89 -28.10 1.60 20.70
N TYR A 90 -26.87 1.73 21.21
CA TYR A 90 -25.77 0.92 20.71
C TYR A 90 -26.15 -0.54 20.64
N TYR A 91 -26.65 -1.07 21.77
CA TYR A 91 -26.97 -2.50 21.83
C TYR A 91 -28.00 -2.87 20.77
N LEU A 92 -29.09 -2.10 20.69
CA LEU A 92 -30.15 -2.44 19.75
C LEU A 92 -29.68 -2.32 18.31
N ARG A 93 -28.85 -1.32 18.03
CA ARG A 93 -28.32 -1.12 16.68
C ARG A 93 -27.46 -2.30 16.24
N ILE A 94 -26.52 -2.72 17.10
CA ILE A 94 -25.67 -3.85 16.73
C ILE A 94 -26.48 -5.13 16.64
N ILE A 95 -27.55 -5.24 17.44
CA ILE A 95 -28.41 -6.43 17.35
C ILE A 95 -29.12 -6.47 16.00
N THR A 96 -29.62 -5.32 15.54
CA THR A 96 -30.24 -5.27 14.21
C THR A 96 -29.23 -5.60 13.13
N TYR A 97 -27.99 -5.13 13.28
CA TYR A 97 -26.93 -5.49 12.36
C TYR A 97 -26.77 -7.01 12.30
N SER A 98 -26.66 -7.66 13.46
CA SER A 98 -26.49 -9.11 13.50
C SER A 98 -27.69 -9.83 12.92
N LEU A 99 -28.89 -9.25 13.06
CA LEU A 99 -30.07 -9.85 12.44
C LEU A 99 -29.99 -9.78 10.92
N VAL A 100 -29.62 -8.62 10.39
CA VAL A 100 -29.54 -8.46 8.94
C VAL A 100 -28.44 -9.36 8.36
N ALA A 101 -27.32 -9.49 9.07
CA ALA A 101 -26.23 -10.31 8.59
C ALA A 101 -26.49 -11.81 8.77
N GLY A 102 -27.42 -12.18 9.64
CA GLY A 102 -27.72 -13.58 9.87
C GLY A 102 -26.71 -14.31 10.72
N GLY A 103 -25.95 -13.60 11.54
CA GLY A 103 -24.94 -14.23 12.39
C GLY A 103 -24.46 -13.27 13.44
N THR A 104 -23.65 -13.82 14.36
CA THR A 104 -23.13 -13.05 15.48
C THR A 104 -21.95 -12.16 15.11
N GLY A 105 -21.57 -12.13 13.83
CA GLY A 105 -20.45 -11.35 13.37
C GLY A 105 -20.45 -9.89 13.82
N PRO A 106 -21.52 -9.14 13.49
CA PRO A 106 -21.56 -7.73 13.89
C PRO A 106 -21.51 -7.53 15.39
N LEU A 107 -22.22 -8.38 16.15
CA LEU A 107 -22.17 -8.28 17.60
C LEU A 107 -20.76 -8.53 18.12
N ASP A 108 -20.08 -9.54 17.56
CA ASP A 108 -18.72 -9.85 17.98
C ASP A 108 -17.78 -8.69 17.68
N GLU A 109 -17.90 -8.10 16.50
CA GLU A 109 -16.90 -7.14 16.04
C GLU A 109 -17.13 -5.75 16.63
N TYR A 110 -18.39 -5.31 16.73
CA TYR A 110 -18.68 -3.94 17.13
C TYR A 110 -18.98 -3.77 18.61
N LEU A 111 -19.41 -4.81 19.31
CA LEU A 111 -19.88 -4.67 20.68
C LEU A 111 -19.08 -5.50 21.68
N ILE A 112 -19.02 -6.81 21.52
CA ILE A 112 -18.44 -7.66 22.56
C ILE A 112 -16.94 -7.41 22.69
N ALA A 113 -16.25 -7.19 21.57
CA ALA A 113 -14.82 -6.94 21.59
C ALA A 113 -14.49 -5.72 22.43
N GLY A 114 -14.05 -5.93 23.66
CA GLY A 114 -13.76 -4.84 24.57
C GLY A 114 -14.88 -4.44 25.48
N LEU A 115 -16.01 -5.15 25.46
CA LEU A 115 -17.15 -4.77 26.27
C LEU A 115 -16.85 -4.87 27.76
N ASP A 116 -16.14 -5.92 28.18
CA ASP A 116 -15.73 -6.02 29.58
C ASP A 116 -14.83 -4.85 29.95
N GLU A 117 -13.89 -4.51 29.07
CA GLU A 117 -13.02 -3.36 29.27
C GLU A 117 -13.83 -2.07 29.42
N ILE A 118 -14.83 -1.89 28.56
CA ILE A 118 -15.67 -0.70 28.62
C ILE A 118 -16.39 -0.62 29.96
N ASN A 119 -17.07 -1.70 30.33
CA ASN A 119 -17.90 -1.68 31.53
C ASN A 119 -17.06 -1.57 32.80
N ARG A 120 -15.80 -2.03 32.76
CA ARG A 120 -14.97 -1.90 33.94
C ARG A 120 -14.31 -0.52 34.03
N THR A 121 -13.84 0.01 32.90
CA THR A 121 -13.16 1.30 32.90
C THR A 121 -14.07 2.41 33.39
N PHE A 122 -15.30 2.46 32.87
CA PHE A 122 -16.25 3.50 33.24
C PHE A 122 -17.24 3.03 34.30
N ASP A 123 -16.96 1.88 34.93
CA ASP A 123 -17.71 1.41 36.10
C ASP A 123 -19.19 1.23 35.79
N LEU A 124 -19.48 0.73 34.59
CA LEU A 124 -20.86 0.41 34.20
C LEU A 124 -21.16 -1.04 34.56
N SER A 125 -22.25 -1.25 35.28
CA SER A 125 -22.61 -2.59 35.71
C SER A 125 -23.28 -3.36 34.58
N PRO A 126 -22.78 -4.55 34.23
CA PRO A 126 -23.42 -5.32 33.14
C PRO A 126 -24.84 -5.75 33.45
N SER A 127 -25.23 -5.82 34.72
CA SER A 127 -26.60 -6.18 35.06
C SER A 127 -27.61 -5.15 34.56
N TRP A 128 -27.20 -3.88 34.51
CA TRP A 128 -28.05 -2.83 33.93
C TRP A 128 -28.45 -3.21 32.50
N TYR A 129 -27.46 -3.42 31.65
CA TYR A 129 -27.74 -3.75 30.25
C TYR A 129 -28.39 -5.11 30.13
N VAL A 130 -28.14 -6.03 31.07
CA VAL A 130 -28.84 -7.30 31.05
C VAL A 130 -30.34 -7.09 31.24
N GLU A 131 -30.71 -6.25 32.21
CA GLU A 131 -32.12 -5.95 32.43
C GLU A 131 -32.71 -5.19 31.25
N ALA A 132 -31.94 -4.29 30.64
CA ALA A 132 -32.43 -3.58 29.46
C ALA A 132 -32.70 -4.54 28.32
N LEU A 133 -31.79 -5.49 28.08
CA LEU A 133 -32.00 -6.49 27.04
C LEU A 133 -33.18 -7.40 27.38
N LYS A 134 -33.41 -7.67 28.68
CA LYS A 134 -34.58 -8.45 29.07
C LYS A 134 -35.86 -7.70 28.73
N TYR A 135 -35.89 -6.40 29.00
CA TYR A 135 -37.06 -5.61 28.61
C TYR A 135 -37.27 -5.65 27.11
N ILE A 136 -36.19 -5.51 26.34
CA ILE A 136 -36.32 -5.54 24.88
C ILE A 136 -36.86 -6.89 24.43
N LYS A 137 -36.34 -7.98 24.99
CA LYS A 137 -36.78 -9.32 24.61
C LYS A 137 -38.25 -9.52 24.95
N ALA A 138 -38.70 -8.97 26.08
CA ALA A 138 -40.08 -9.11 26.49
C ALA A 138 -41.03 -8.16 25.77
N ASN A 139 -40.50 -7.12 25.10
CA ASN A 139 -41.37 -6.09 24.53
C ASN A 139 -41.11 -5.82 23.06
N HIS A 140 -40.51 -6.77 22.33
CA HIS A 140 -40.33 -6.53 20.90
C HIS A 140 -41.58 -6.85 20.10
N GLY A 141 -42.54 -7.57 20.67
CA GLY A 141 -43.80 -7.83 19.99
C GLY A 141 -43.70 -8.69 18.76
N LEU A 142 -42.65 -9.49 18.63
CA LEU A 142 -42.47 -10.33 17.46
C LEU A 142 -43.07 -11.71 17.69
N SER A 143 -43.30 -12.42 16.58
CA SER A 143 -43.95 -13.73 16.62
C SER A 143 -43.20 -14.70 15.70
N GLY A 144 -43.26 -15.98 16.06
CA GLY A 144 -42.69 -17.03 15.24
C GLY A 144 -41.18 -16.96 15.18
N GLN A 145 -40.64 -17.43 14.05
CA GLN A 145 -39.19 -17.40 13.85
C GLN A 145 -38.63 -15.99 13.98
N ALA A 146 -39.42 -14.97 13.60
CA ALA A 146 -38.98 -13.59 13.77
C ALA A 146 -38.62 -13.30 15.22
N ALA A 147 -39.40 -13.82 16.16
CA ALA A 147 -39.02 -13.71 17.56
C ALA A 147 -37.81 -14.60 17.86
N ASN A 148 -37.85 -15.84 17.37
CA ASN A 148 -36.76 -16.78 17.61
C ASN A 148 -35.43 -16.21 17.14
N GLU A 149 -35.43 -15.48 16.02
CA GLU A 149 -34.23 -14.78 15.60
C GLU A 149 -33.86 -13.69 16.59
N ALA A 150 -34.79 -12.78 16.86
CA ALA A 150 -34.49 -11.65 17.75
C ALA A 150 -33.95 -12.16 19.09
N ASN A 151 -34.69 -13.08 19.71
CA ASN A 151 -34.26 -13.65 20.98
C ASN A 151 -32.85 -14.23 20.89
N THR A 152 -32.55 -14.95 19.81
CA THR A 152 -31.25 -15.62 19.75
C THR A 152 -30.11 -14.62 19.72
N TYR A 153 -30.37 -13.38 19.31
CA TYR A 153 -29.35 -12.34 19.36
C TYR A 153 -29.43 -11.50 20.62
N ILE A 154 -30.58 -11.47 21.30
CA ILE A 154 -30.63 -10.85 22.62
C ILE A 154 -29.85 -11.69 23.62
N ASP A 155 -30.22 -12.96 23.75
CA ASP A 155 -29.58 -13.85 24.71
C ASP A 155 -28.06 -13.88 24.51
N TYR A 156 -27.62 -13.92 23.24
CA TYR A 156 -26.21 -13.85 22.93
C TYR A 156 -25.57 -12.64 23.62
N ALA A 157 -26.12 -11.44 23.37
CA ALA A 157 -25.64 -10.26 24.05
C ALA A 157 -25.68 -10.45 25.57
N ILE A 158 -26.79 -11.00 26.06
CA ILE A 158 -26.90 -11.26 27.49
C ILE A 158 -25.79 -12.20 27.95
N ASN A 159 -25.54 -13.25 27.17
CA ASN A 159 -24.49 -14.19 27.55
C ASN A 159 -23.13 -13.52 27.51
N ALA A 160 -22.96 -12.50 26.66
CA ALA A 160 -21.70 -11.79 26.61
C ALA A 160 -21.49 -10.91 27.83
N LEU A 161 -22.56 -10.56 28.55
CA LEU A 161 -22.44 -9.73 29.73
C LEU A 161 -22.28 -10.54 31.01
N SER A 162 -22.59 -11.82 30.97
CA SER A 162 -22.47 -12.69 32.14
C SER A 162 -21.10 -13.37 32.18
N MET B 1 39.48 -37.82 6.42
CA MET B 1 38.14 -37.64 5.86
C MET B 1 37.11 -37.41 6.96
N LYS B 2 36.22 -36.45 6.75
CA LYS B 2 35.26 -36.02 7.75
C LYS B 2 33.86 -36.33 7.23
N THR B 3 33.16 -37.24 7.91
CA THR B 3 31.78 -37.60 7.59
C THR B 3 30.96 -37.50 8.85
N PRO B 4 29.63 -37.39 8.74
CA PRO B 4 28.81 -37.31 9.96
C PRO B 4 29.00 -38.49 10.89
N ILE B 5 29.21 -39.68 10.32
CA ILE B 5 29.40 -40.88 11.12
C ILE B 5 30.73 -40.80 11.88
N THR B 6 31.82 -40.50 11.16
CA THR B 6 33.11 -40.36 11.82
C THR B 6 33.12 -39.17 12.78
N GLU B 7 32.35 -38.12 12.46
CA GLU B 7 32.24 -36.99 13.37
C GLU B 7 31.62 -37.39 14.69
N ALA B 8 30.48 -38.09 14.64
CA ALA B 8 29.84 -38.56 15.86
C ALA B 8 30.75 -39.52 16.63
N ILE B 9 31.42 -40.42 15.92
CA ILE B 9 32.28 -41.41 16.59
C ILE B 9 33.44 -40.72 17.28
N ALA B 10 34.08 -39.76 16.61
CA ALA B 10 35.21 -39.05 17.20
C ALA B 10 34.75 -38.20 18.38
N ALA B 11 33.58 -37.56 18.28
CA ALA B 11 33.07 -36.78 19.40
C ALA B 11 32.79 -37.68 20.60
N ALA B 12 32.29 -38.89 20.36
CA ALA B 12 32.04 -39.81 21.47
C ALA B 12 33.34 -40.35 22.06
N ASP B 13 34.36 -40.54 21.23
CA ASP B 13 35.62 -41.10 21.72
C ASP B 13 36.46 -40.07 22.46
N THR B 14 36.42 -38.81 22.05
CA THR B 14 37.18 -37.76 22.75
C THR B 14 36.74 -37.64 24.21
N GLN B 15 35.50 -38.00 24.51
CA GLN B 15 34.99 -37.99 25.88
C GLN B 15 34.82 -39.39 26.45
N GLY B 16 35.14 -40.44 25.69
CA GLY B 16 35.02 -41.81 26.16
C GLY B 16 33.62 -42.17 26.59
N ARG B 17 32.63 -41.92 25.75
CA ARG B 17 31.23 -42.14 26.06
C ARG B 17 30.57 -42.89 24.91
N PHE B 18 29.36 -43.41 25.18
CA PHE B 18 28.54 -43.94 24.10
C PHE B 18 27.91 -42.79 23.33
N LEU B 19 27.47 -43.10 22.11
CA LEU B 19 26.90 -42.07 21.25
C LEU B 19 25.60 -41.55 21.84
N SER B 20 25.48 -40.22 21.93
CA SER B 20 24.27 -39.61 22.44
C SER B 20 23.10 -39.86 21.47
N ASN B 21 21.88 -39.68 22.00
CA ASN B 21 20.69 -39.84 21.17
C ASN B 21 20.62 -38.78 20.09
N THR B 22 21.20 -37.60 20.34
CA THR B 22 21.29 -36.57 19.31
C THR B 22 22.21 -37.01 18.18
N GLU B 23 23.40 -37.53 18.53
CA GLU B 23 24.32 -38.03 17.52
C GLU B 23 23.74 -39.23 16.79
N LEU B 24 23.08 -40.13 17.52
CA LEU B 24 22.43 -41.26 16.87
C LEU B 24 21.34 -40.79 15.92
N GLN B 25 20.60 -39.75 16.29
CA GLN B 25 19.58 -39.20 15.41
C GLN B 25 20.21 -38.59 14.16
N ALA B 26 21.34 -37.90 14.31
CA ALA B 26 22.04 -37.37 13.16
C ALA B 26 22.49 -38.48 12.21
N VAL B 27 23.07 -39.54 12.76
CA VAL B 27 23.53 -40.65 11.92
C VAL B 27 22.34 -41.33 11.24
N ASN B 28 21.23 -41.48 11.97
CA ASN B 28 20.02 -42.05 11.38
C ASN B 28 19.53 -41.18 10.23
N GLY B 29 19.44 -39.86 10.46
CA GLY B 29 19.00 -38.96 9.40
C GLY B 29 19.89 -39.02 8.18
N ARG B 30 21.20 -39.15 8.37
CA ARG B 30 22.08 -39.40 7.23
C ARG B 30 21.70 -40.70 6.53
N PHE B 31 21.35 -41.73 7.29
CA PHE B 31 21.00 -43.00 6.67
C PHE B 31 19.69 -42.92 5.89
N GLU B 32 18.73 -42.10 6.34
CA GLU B 32 17.48 -41.96 5.60
C GLU B 32 17.68 -41.31 4.24
N ARG B 33 18.66 -40.42 4.13
CA ARG B 33 18.92 -39.74 2.87
C ARG B 33 19.98 -40.44 2.03
N ALA B 34 20.46 -41.61 2.46
CA ALA B 34 21.57 -42.25 1.76
C ALA B 34 21.13 -42.80 0.39
N ALA B 35 19.88 -43.28 0.29
CA ALA B 35 19.40 -43.82 -0.98
C ALA B 35 19.35 -42.72 -2.04
N ALA B 36 18.75 -41.59 -1.70
CA ALA B 36 18.68 -40.48 -2.65
C ALA B 36 20.07 -39.93 -2.97
N SER B 37 20.96 -39.90 -1.97
CA SER B 37 22.32 -39.43 -2.22
C SER B 37 23.04 -40.35 -3.21
N MET B 38 22.89 -41.66 -3.04
CA MET B 38 23.51 -42.60 -3.97
C MET B 38 22.89 -42.50 -5.36
N GLU B 39 21.57 -42.27 -5.42
CA GLU B 39 20.93 -42.10 -6.72
C GLU B 39 21.46 -40.87 -7.43
N ALA B 40 21.59 -39.76 -6.71
CA ALA B 40 22.14 -38.54 -7.30
C ALA B 40 23.58 -38.73 -7.74
N ALA B 41 24.39 -39.42 -6.93
CA ALA B 41 25.78 -39.67 -7.29
C ALA B 41 25.86 -40.54 -8.54
N ARG B 42 25.02 -41.56 -8.63
CA ARG B 42 25.03 -42.44 -9.81
C ARG B 42 24.61 -41.67 -11.05
N ALA B 43 23.61 -40.80 -10.93
CA ALA B 43 23.18 -40.00 -12.07
C ALA B 43 24.28 -39.05 -12.51
N LEU B 44 24.93 -38.38 -11.57
CA LEU B 44 26.02 -37.47 -11.92
C LEU B 44 27.21 -38.22 -12.51
N THR B 45 27.42 -39.46 -12.10
CA THR B 45 28.56 -40.23 -12.59
C THR B 45 28.31 -40.79 -13.98
N ASN B 46 27.14 -41.38 -14.20
CA ASN B 46 26.84 -41.99 -15.49
C ASN B 46 26.65 -40.98 -16.61
N ASN B 47 26.39 -39.71 -16.26
CA ASN B 47 26.24 -38.65 -17.26
C ASN B 47 27.29 -37.57 -17.06
N ALA B 48 28.49 -37.96 -16.63
CA ALA B 48 29.49 -36.98 -16.21
C ALA B 48 30.03 -36.18 -17.39
N GLN B 49 30.44 -36.85 -18.47
CA GLN B 49 31.12 -36.17 -19.56
C GLN B 49 30.18 -35.17 -20.25
N GLN B 50 28.92 -35.55 -20.45
CA GLN B 50 27.98 -34.63 -21.08
C GLN B 50 27.77 -33.38 -20.23
N LEU B 51 27.60 -33.56 -18.91
CA LEU B 51 27.45 -32.41 -18.03
C LEU B 51 28.69 -31.53 -18.05
N ILE B 52 29.88 -32.15 -18.08
CA ILE B 52 31.11 -31.37 -18.08
C ILE B 52 31.22 -30.54 -19.35
N ASP B 53 30.95 -31.17 -20.50
CA ASP B 53 31.02 -30.45 -21.76
C ASP B 53 30.00 -29.31 -21.82
N GLY B 54 28.77 -29.59 -21.37
CA GLY B 54 27.76 -28.54 -21.37
C GLY B 54 28.12 -27.38 -20.45
N ALA B 55 28.72 -27.69 -19.29
CA ALA B 55 29.12 -26.64 -18.36
C ALA B 55 30.25 -25.80 -18.95
N ALA B 56 31.25 -26.44 -19.57
CA ALA B 56 32.31 -25.70 -20.21
C ALA B 56 31.76 -24.79 -21.31
N ASN B 57 30.83 -25.32 -22.11
CA ASN B 57 30.24 -24.51 -23.18
C ASN B 57 29.44 -23.34 -22.61
N ALA B 58 28.74 -23.55 -21.49
CA ALA B 58 27.99 -22.46 -20.88
C ALA B 58 28.94 -21.38 -20.35
N VAL B 59 30.07 -21.78 -19.77
CA VAL B 59 31.06 -20.80 -19.33
C VAL B 59 31.63 -20.05 -20.52
N TYR B 60 31.87 -20.75 -21.63
CA TYR B 60 32.36 -20.08 -22.83
C TYR B 60 31.35 -19.09 -23.38
N GLN B 61 30.06 -19.39 -23.26
CA GLN B 61 29.05 -18.46 -23.75
C GLN B 61 28.87 -17.27 -22.82
N LYS B 62 28.95 -17.47 -21.51
CA LYS B 62 28.77 -16.36 -20.58
C LYS B 62 30.00 -15.45 -20.56
N PHE B 63 31.19 -16.03 -20.70
CA PHE B 63 32.46 -15.28 -20.76
C PHE B 63 33.12 -15.57 -22.09
N PRO B 64 32.67 -14.92 -23.18
CA PRO B 64 33.25 -15.21 -24.50
C PRO B 64 34.73 -14.88 -24.60
N TYR B 65 35.26 -14.01 -23.73
CA TYR B 65 36.68 -13.67 -23.80
C TYR B 65 37.58 -14.82 -23.35
N THR B 66 37.03 -15.87 -22.75
CA THR B 66 37.87 -16.98 -22.28
C THR B 66 38.43 -17.78 -23.46
N THR B 67 37.72 -17.79 -24.59
CA THR B 67 38.17 -18.49 -25.78
C THR B 67 38.88 -17.57 -26.78
N GLN B 68 38.41 -16.33 -26.92
CA GLN B 68 38.90 -15.42 -27.95
C GLN B 68 40.13 -14.63 -27.50
N MET B 69 40.70 -14.94 -26.34
CA MET B 69 41.88 -14.25 -25.85
C MET B 69 43.01 -15.26 -25.67
N GLN B 70 44.22 -14.74 -25.52
CA GLN B 70 45.41 -15.56 -25.36
C GLN B 70 45.98 -15.39 -23.96
N GLY B 71 46.67 -16.41 -23.50
CA GLY B 71 47.27 -16.41 -22.18
C GLY B 71 47.21 -17.79 -21.57
N ALA B 72 48.05 -18.00 -20.54
CA ALA B 72 48.09 -19.29 -19.87
C ALA B 72 46.77 -19.63 -19.21
N ASN B 73 46.12 -18.63 -18.59
CA ASN B 73 44.92 -18.86 -17.80
C ASN B 73 43.65 -18.91 -18.64
N PHE B 74 43.71 -18.58 -19.93
CA PHE B 74 42.51 -18.58 -20.76
C PHE B 74 42.43 -19.87 -21.56
N ALA B 75 41.38 -20.00 -22.36
CA ALA B 75 41.03 -21.25 -23.03
C ALA B 75 40.95 -21.00 -24.53
N SER B 76 42.09 -20.67 -25.13
CA SER B 76 42.22 -20.55 -26.58
C SER B 76 42.85 -21.79 -27.20
N ASP B 77 43.99 -22.23 -26.65
CA ASP B 77 44.67 -23.42 -27.14
C ASP B 77 44.02 -24.68 -26.59
N SER B 78 44.53 -25.83 -27.01
CA SER B 78 43.99 -27.10 -26.54
C SER B 78 44.27 -27.29 -25.04
N ARG B 79 45.45 -26.84 -24.58
CA ARG B 79 45.79 -26.96 -23.17
C ARG B 79 44.75 -26.27 -22.29
N GLY B 80 44.32 -25.08 -22.70
CA GLY B 80 43.37 -24.32 -21.88
C GLY B 80 42.02 -25.00 -21.78
N LYS B 81 41.45 -25.39 -22.92
CA LYS B 81 40.14 -26.04 -22.91
C LYS B 81 40.18 -27.38 -22.17
N SER B 82 41.26 -28.15 -22.37
CA SER B 82 41.38 -29.42 -21.67
C SER B 82 41.49 -29.21 -20.17
N LYS B 83 42.27 -28.22 -19.74
CA LYS B 83 42.41 -27.96 -18.31
C LYS B 83 41.10 -27.43 -17.71
N CYS B 84 40.32 -26.68 -18.49
CA CYS B 84 39.01 -26.22 -18.01
C CYS B 84 38.06 -27.39 -17.82
N ALA B 85 38.02 -28.30 -18.80
CA ALA B 85 37.22 -29.52 -18.65
C ALA B 85 37.68 -30.32 -17.44
N ARG B 86 38.99 -30.40 -17.22
CA ARG B 86 39.51 -31.16 -16.08
C ARG B 86 39.13 -30.50 -14.75
N ASP B 87 39.10 -29.16 -14.71
CA ASP B 87 38.67 -28.46 -13.51
C ASP B 87 37.20 -28.73 -13.21
N ILE B 88 36.35 -28.62 -14.23
CA ILE B 88 34.93 -28.91 -14.04
C ILE B 88 34.74 -30.36 -13.60
N GLY B 89 35.52 -31.27 -14.16
CA GLY B 89 35.45 -32.66 -13.74
C GLY B 89 35.88 -32.85 -12.29
N TYR B 90 36.91 -32.10 -11.87
CA TYR B 90 37.28 -32.08 -10.46
C TYR B 90 36.09 -31.73 -9.59
N TYR B 91 35.40 -30.64 -9.95
CA TYR B 91 34.26 -30.18 -9.17
C TYR B 91 33.17 -31.25 -9.11
N LEU B 92 32.83 -31.84 -10.25
CA LEU B 92 31.77 -32.85 -10.28
C LEU B 92 32.16 -34.10 -9.50
N ARG B 93 33.42 -34.52 -9.63
CA ARG B 93 33.92 -35.67 -8.89
C ARG B 93 33.78 -35.47 -7.40
N ILE B 94 34.22 -34.32 -6.89
CA ILE B 94 34.17 -34.11 -5.46
C ILE B 94 32.72 -33.89 -5.00
N ILE B 95 31.86 -33.40 -5.90
CA ILE B 95 30.43 -33.36 -5.59
C ILE B 95 29.90 -34.76 -5.33
N THR B 96 30.21 -35.70 -6.23
CA THR B 96 29.76 -37.07 -6.01
C THR B 96 30.39 -37.68 -4.76
N TYR B 97 31.63 -37.31 -4.47
CA TYR B 97 32.25 -37.76 -3.21
C TYR B 97 31.43 -37.29 -2.02
N SER B 98 31.04 -36.01 -2.00
CA SER B 98 30.23 -35.48 -0.91
C SER B 98 28.88 -36.18 -0.84
N LEU B 99 28.32 -36.52 -2.01
CA LEU B 99 27.06 -37.26 -2.01
C LEU B 99 27.21 -38.61 -1.35
N VAL B 100 28.28 -39.34 -1.69
CA VAL B 100 28.50 -40.66 -1.09
C VAL B 100 28.77 -40.54 0.40
N ALA B 101 29.48 -39.48 0.82
CA ALA B 101 29.82 -39.31 2.22
C ALA B 101 28.65 -38.82 3.06
N GLY B 102 27.66 -38.18 2.45
CA GLY B 102 26.56 -37.62 3.20
C GLY B 102 26.85 -36.30 3.88
N GLY B 103 27.94 -35.64 3.51
CA GLY B 103 28.32 -34.38 4.13
C GLY B 103 29.28 -33.63 3.24
N THR B 104 29.71 -32.45 3.72
CA THR B 104 30.58 -31.57 2.97
C THR B 104 32.06 -31.85 3.20
N GLY B 105 32.39 -32.98 3.84
CA GLY B 105 33.76 -33.33 4.15
C GLY B 105 34.67 -33.38 2.94
N PRO B 106 34.32 -34.20 1.94
CA PRO B 106 35.12 -34.22 0.70
C PRO B 106 35.25 -32.86 0.04
N LEU B 107 34.15 -32.10 -0.06
CA LEU B 107 34.20 -30.76 -0.61
C LEU B 107 35.21 -29.90 0.17
N ASP B 108 35.16 -29.96 1.50
CA ASP B 108 36.01 -29.09 2.31
C ASP B 108 37.48 -29.47 2.19
N GLU B 109 37.78 -30.77 2.27
CA GLU B 109 39.18 -31.20 2.34
C GLU B 109 39.83 -31.26 0.96
N TYR B 110 39.11 -31.76 -0.05
CA TYR B 110 39.72 -32.03 -1.34
C TYR B 110 39.61 -30.87 -2.31
N LEU B 111 38.71 -29.91 -2.07
CA LEU B 111 38.44 -28.88 -3.07
C LEU B 111 38.61 -27.48 -2.53
N ILE B 112 37.83 -27.12 -1.50
CA ILE B 112 37.85 -25.75 -1.02
C ILE B 112 39.16 -25.41 -0.33
N ALA B 113 39.85 -26.43 0.20
CA ALA B 113 41.13 -26.20 0.87
C ALA B 113 42.17 -25.67 -0.10
N GLY B 114 42.40 -24.36 -0.06
CA GLY B 114 43.32 -23.72 -0.98
C GLY B 114 42.72 -23.31 -2.31
N LEU B 115 41.40 -23.37 -2.45
CA LEU B 115 40.77 -22.99 -3.71
C LEU B 115 41.01 -21.51 -4.03
N ASP B 116 41.01 -20.66 -3.00
CA ASP B 116 41.26 -19.24 -3.21
C ASP B 116 42.69 -19.01 -3.70
N GLU B 117 43.66 -19.64 -3.04
CA GLU B 117 45.06 -19.49 -3.46
C GLU B 117 45.28 -20.03 -4.85
N ILE B 118 44.62 -21.15 -5.20
CA ILE B 118 44.75 -21.72 -6.53
C ILE B 118 44.16 -20.77 -7.57
N ASN B 119 42.96 -20.24 -7.32
CA ASN B 119 42.33 -19.33 -8.27
C ASN B 119 43.12 -18.05 -8.43
N ARG B 120 43.78 -17.58 -7.37
CA ARG B 120 44.52 -16.33 -7.46
C ARG B 120 45.86 -16.54 -8.17
N THR B 121 46.60 -17.58 -7.79
CA THR B 121 47.94 -17.76 -8.33
C THR B 121 47.94 -18.04 -9.83
N PHE B 122 46.87 -18.66 -10.35
CA PHE B 122 46.81 -19.01 -11.75
C PHE B 122 45.78 -18.17 -12.51
N ASP B 123 45.37 -17.04 -11.95
CA ASP B 123 44.52 -16.06 -12.63
C ASP B 123 43.23 -16.70 -13.14
N LEU B 124 42.63 -17.57 -12.35
CA LEU B 124 41.34 -18.16 -12.65
C LEU B 124 40.26 -17.41 -11.90
N SER B 125 39.16 -17.06 -12.60
CA SER B 125 38.08 -16.28 -12.00
C SER B 125 37.02 -17.22 -11.44
N PRO B 126 36.60 -17.03 -10.18
CA PRO B 126 35.59 -17.93 -9.60
C PRO B 126 34.24 -17.90 -10.31
N SER B 127 33.91 -16.79 -11.00
CA SER B 127 32.60 -16.70 -11.66
C SER B 127 32.46 -17.74 -12.76
N TRP B 128 33.56 -18.14 -13.41
CA TRP B 128 33.51 -19.18 -14.42
C TRP B 128 32.98 -20.49 -13.83
N TYR B 129 33.63 -20.96 -12.78
CA TYR B 129 33.20 -22.18 -12.12
C TYR B 129 31.81 -22.02 -11.51
N VAL B 130 31.45 -20.81 -11.07
CA VAL B 130 30.10 -20.60 -10.55
C VAL B 130 29.07 -20.85 -11.65
N GLU B 131 29.33 -20.31 -12.85
CA GLU B 131 28.41 -20.52 -13.96
C GLU B 131 28.34 -21.99 -14.36
N ALA B 132 29.49 -22.68 -14.35
CA ALA B 132 29.50 -24.11 -14.65
C ALA B 132 28.66 -24.90 -13.65
N LEU B 133 28.82 -24.59 -12.36
CA LEU B 133 28.02 -25.26 -11.34
C LEU B 133 26.54 -24.94 -11.50
N LYS B 134 26.21 -23.72 -11.93
CA LYS B 134 24.83 -23.39 -12.21
C LYS B 134 24.28 -24.25 -13.34
N TYR B 135 25.08 -24.45 -14.39
CA TYR B 135 24.68 -25.35 -15.47
C TYR B 135 24.41 -26.75 -14.95
N ILE B 136 25.34 -27.28 -14.16
CA ILE B 136 25.19 -28.65 -13.65
C ILE B 136 23.95 -28.75 -12.78
N LYS B 137 23.72 -27.76 -11.92
CA LYS B 137 22.53 -27.77 -11.07
C LYS B 137 21.25 -27.74 -11.90
N ALA B 138 21.26 -26.99 -13.00
CA ALA B 138 20.07 -26.88 -13.82
C ALA B 138 19.87 -28.07 -14.75
N ASN B 139 20.91 -28.89 -14.96
CA ASN B 139 20.82 -29.94 -15.97
C ASN B 139 21.15 -31.33 -15.43
N HIS B 140 21.00 -31.57 -14.13
CA HIS B 140 21.29 -32.91 -13.64
C HIS B 140 20.11 -33.87 -13.78
N GLY B 141 18.92 -33.37 -14.09
CA GLY B 141 17.79 -34.24 -14.36
C GLY B 141 17.33 -35.08 -13.19
N LEU B 142 17.58 -34.63 -11.97
CA LEU B 142 17.20 -35.37 -10.78
C LEU B 142 15.87 -34.87 -10.23
N SER B 143 15.24 -35.71 -9.41
CA SER B 143 13.93 -35.42 -8.85
C SER B 143 13.92 -35.75 -7.36
N GLY B 144 13.15 -34.98 -6.60
CA GLY B 144 12.91 -35.32 -5.21
C GLY B 144 14.14 -35.12 -4.33
N GLN B 145 14.32 -36.07 -3.40
CA GLN B 145 15.39 -35.93 -2.42
C GLN B 145 16.77 -36.07 -3.05
N ALA B 146 16.91 -36.85 -4.11
CA ALA B 146 18.18 -36.92 -4.83
C ALA B 146 18.56 -35.55 -5.38
N ALA B 147 17.60 -34.88 -6.02
CA ALA B 147 17.83 -33.52 -6.49
C ALA B 147 18.14 -32.59 -5.33
N ASN B 148 17.46 -32.77 -4.19
CA ASN B 148 17.72 -31.92 -3.04
C ASN B 148 19.14 -32.07 -2.53
N GLU B 149 19.65 -33.30 -2.46
CA GLU B 149 21.02 -33.54 -2.00
C GLU B 149 22.04 -32.98 -2.98
N ALA B 150 21.85 -33.26 -4.27
CA ALA B 150 22.74 -32.72 -5.28
C ALA B 150 22.77 -31.21 -5.23
N ASN B 151 21.61 -30.57 -5.06
CA ASN B 151 21.54 -29.12 -5.02
C ASN B 151 22.18 -28.58 -3.75
N THR B 152 22.03 -29.29 -2.63
CA THR B 152 22.71 -28.91 -1.41
C THR B 152 24.21 -28.80 -1.65
N TYR B 153 24.80 -29.85 -2.24
CA TYR B 153 26.24 -29.83 -2.40
C TYR B 153 26.71 -28.89 -3.51
N ILE B 154 25.93 -28.73 -4.58
CA ILE B 154 26.29 -27.79 -5.62
C ILE B 154 26.21 -26.36 -5.10
N ASP B 155 25.17 -26.05 -4.31
CA ASP B 155 25.07 -24.73 -3.70
C ASP B 155 26.20 -24.48 -2.72
N TYR B 156 26.62 -25.53 -1.99
CA TYR B 156 27.78 -25.39 -1.11
C TYR B 156 29.03 -25.03 -1.90
N ALA B 157 29.27 -25.75 -3.01
CA ALA B 157 30.41 -25.43 -3.85
C ALA B 157 30.33 -24.00 -4.39
N ILE B 158 29.14 -23.58 -4.83
CA ILE B 158 28.96 -22.23 -5.36
C ILE B 158 29.26 -21.20 -4.28
N ASN B 159 28.73 -21.41 -3.07
CA ASN B 159 28.94 -20.47 -1.98
C ASN B 159 30.41 -20.40 -1.58
N ALA B 160 31.14 -21.51 -1.68
CA ALA B 160 32.56 -21.48 -1.37
C ALA B 160 33.33 -20.62 -2.36
N LEU B 161 32.83 -20.47 -3.58
CA LEU B 161 33.51 -19.69 -4.61
C LEU B 161 33.23 -18.20 -4.51
N SER B 162 32.27 -17.78 -3.68
CA SER B 162 31.94 -16.38 -3.54
C SER B 162 32.79 -15.72 -2.47
N MET C 1 -15.13 -10.15 -1.70
CA MET C 1 -14.87 -9.45 -0.44
C MET C 1 -16.04 -8.56 -0.07
N LYS C 2 -16.67 -7.95 -1.07
CA LYS C 2 -17.79 -7.04 -0.86
C LYS C 2 -19.10 -7.76 -1.11
N THR C 3 -20.00 -7.69 -0.13
CA THR C 3 -21.39 -8.09 -0.25
C THR C 3 -22.25 -6.89 0.13
N PRO C 4 -23.49 -6.82 -0.36
CA PRO C 4 -24.33 -5.65 -0.03
C PRO C 4 -24.50 -5.44 1.47
N ILE C 5 -24.81 -6.52 2.19
CA ILE C 5 -25.07 -6.46 3.62
C ILE C 5 -23.86 -5.90 4.36
N THR C 6 -22.66 -6.39 4.01
CA THR C 6 -21.46 -5.99 4.74
C THR C 6 -21.15 -4.51 4.55
N GLU C 7 -21.24 -4.03 3.31
CA GLU C 7 -21.01 -2.61 3.04
C GLU C 7 -22.02 -1.75 3.80
N ALA C 8 -23.30 -2.12 3.73
CA ALA C 8 -24.32 -1.37 4.44
C ALA C 8 -24.02 -1.30 5.93
N ILE C 9 -23.74 -2.44 6.54
CA ILE C 9 -23.51 -2.49 7.98
C ILE C 9 -22.27 -1.69 8.37
N ALA C 10 -21.20 -1.79 7.58
CA ALA C 10 -19.98 -1.05 7.90
C ALA C 10 -20.21 0.46 7.82
N ALA C 11 -20.87 0.93 6.76
CA ALA C 11 -21.18 2.35 6.66
C ALA C 11 -22.04 2.82 7.83
N ALA C 12 -23.05 2.02 8.18
CA ALA C 12 -23.92 2.39 9.30
C ALA C 12 -23.14 2.49 10.60
N ASP C 13 -22.24 1.54 10.85
CA ASP C 13 -21.46 1.57 12.09
C ASP C 13 -20.50 2.76 12.11
N THR C 14 -19.94 3.12 10.95
CA THR C 14 -19.11 4.32 10.89
C THR C 14 -19.93 5.55 11.26
N GLN C 15 -21.14 5.66 10.71
CA GLN C 15 -21.98 6.81 11.04
C GLN C 15 -22.66 6.67 12.41
N GLY C 16 -22.74 5.45 12.95
CA GLY C 16 -23.43 5.25 14.21
C GLY C 16 -24.93 5.28 14.09
N ARG C 17 -25.47 4.79 12.99
CA ARG C 17 -26.89 4.89 12.66
C ARG C 17 -27.48 3.51 12.44
N PHE C 18 -28.80 3.43 12.59
CA PHE C 18 -29.52 2.28 12.08
C PHE C 18 -29.46 2.28 10.55
N LEU C 19 -29.73 1.11 9.97
CA LEU C 19 -29.77 1.01 8.52
C LEU C 19 -30.99 1.76 7.97
N SER C 20 -30.76 2.51 6.90
CA SER C 20 -31.84 3.26 6.27
C SER C 20 -32.87 2.31 5.65
N ASN C 21 -34.06 2.84 5.40
CA ASN C 21 -35.12 2.03 4.80
C ASN C 21 -34.76 1.60 3.38
N THR C 22 -34.02 2.44 2.64
CA THR C 22 -33.57 2.06 1.32
C THR C 22 -32.57 0.91 1.40
N GLU C 23 -31.65 0.98 2.36
CA GLU C 23 -30.72 -0.13 2.58
C GLU C 23 -31.47 -1.41 2.96
N LEU C 24 -32.47 -1.28 3.84
CA LEU C 24 -33.26 -2.45 4.22
C LEU C 24 -33.96 -3.06 3.02
N GLN C 25 -34.51 -2.22 2.14
CA GLN C 25 -35.20 -2.75 0.97
C GLN C 25 -34.21 -3.39 -0.01
N ALA C 26 -33.01 -2.84 -0.13
CA ALA C 26 -31.99 -3.46 -0.97
C ALA C 26 -31.61 -4.85 -0.44
N VAL C 27 -31.40 -4.97 0.88
CA VAL C 27 -31.04 -6.25 1.46
C VAL C 27 -32.20 -7.24 1.32
N ASN C 28 -33.43 -6.77 1.49
CA ASN C 28 -34.58 -7.63 1.29
C ASN C 28 -34.68 -8.12 -0.15
N GLY C 29 -34.40 -7.23 -1.10
CA GLY C 29 -34.40 -7.64 -2.50
C GLY C 29 -33.33 -8.68 -2.80
N ARG C 30 -32.15 -8.52 -2.18
CA ARG C 30 -31.13 -9.56 -2.31
C ARG C 30 -31.62 -10.89 -1.76
N PHE C 31 -32.30 -10.86 -0.62
CA PHE C 31 -32.79 -12.11 -0.02
C PHE C 31 -33.92 -12.73 -0.82
N GLU C 32 -34.69 -11.91 -1.55
CA GLU C 32 -35.84 -12.44 -2.29
C GLU C 32 -35.42 -13.18 -3.55
N ARG C 33 -34.28 -12.83 -4.13
CA ARG C 33 -33.74 -13.56 -5.28
C ARG C 33 -32.71 -14.60 -4.88
N ALA C 34 -32.53 -14.85 -3.58
CA ALA C 34 -31.46 -15.73 -3.12
C ALA C 34 -31.74 -17.18 -3.47
N ALA C 35 -33.01 -17.61 -3.47
CA ALA C 35 -33.31 -19.00 -3.81
C ALA C 35 -33.03 -19.29 -5.27
N ALA C 36 -33.38 -18.36 -6.16
CA ALA C 36 -33.08 -18.52 -7.57
C ALA C 36 -31.57 -18.50 -7.81
N SER C 37 -30.85 -17.61 -7.11
CA SER C 37 -29.41 -17.58 -7.24
C SER C 37 -28.78 -18.88 -6.75
N MET C 38 -29.36 -19.48 -5.71
CA MET C 38 -28.87 -20.76 -5.22
C MET C 38 -29.11 -21.87 -6.22
N GLU C 39 -30.30 -21.89 -6.83
CA GLU C 39 -30.57 -22.88 -7.87
C GLU C 39 -29.62 -22.70 -9.05
N ALA C 40 -29.33 -21.46 -9.42
CA ALA C 40 -28.40 -21.20 -10.51
C ALA C 40 -27.00 -21.68 -10.17
N ALA C 41 -26.53 -21.39 -8.96
CA ALA C 41 -25.21 -21.85 -8.54
C ALA C 41 -25.14 -23.36 -8.52
N ARG C 42 -26.21 -24.02 -8.05
CA ARG C 42 -26.25 -25.48 -8.03
C ARG C 42 -26.19 -26.05 -9.45
N ALA C 43 -26.93 -25.45 -10.37
CA ALA C 43 -26.90 -25.90 -11.75
C ALA C 43 -25.51 -25.74 -12.36
N LEU C 44 -24.91 -24.56 -12.17
CA LEU C 44 -23.59 -24.30 -12.73
C LEU C 44 -22.53 -25.21 -12.10
N THR C 45 -22.67 -25.54 -10.82
CA THR C 45 -21.68 -26.37 -10.16
C THR C 45 -21.81 -27.83 -10.59
N ASN C 46 -23.03 -28.36 -10.62
CA ASN C 46 -23.22 -29.77 -10.95
C ASN C 46 -22.94 -30.07 -12.41
N ASN C 47 -23.08 -29.07 -13.30
CA ASN C 47 -22.83 -29.26 -14.73
C ASN C 47 -21.54 -28.57 -15.17
N ALA C 48 -20.59 -28.38 -14.24
CA ALA C 48 -19.43 -27.55 -14.50
C ALA C 48 -18.57 -28.12 -15.62
N GLN C 49 -18.23 -29.41 -15.56
CA GLN C 49 -17.30 -29.98 -16.52
C GLN C 49 -17.89 -30.00 -17.93
N GLN C 50 -19.17 -30.33 -18.05
CA GLN C 50 -19.82 -30.34 -19.37
C GLN C 50 -19.84 -28.95 -19.97
N LEU C 51 -20.22 -27.95 -19.17
CA LEU C 51 -20.24 -26.58 -19.66
C LEU C 51 -18.83 -26.12 -20.05
N ILE C 52 -17.81 -26.50 -19.27
CA ILE C 52 -16.45 -26.06 -19.55
C ILE C 52 -15.95 -26.67 -20.85
N ASP C 53 -16.18 -27.97 -21.04
CA ASP C 53 -15.76 -28.62 -22.28
C ASP C 53 -16.50 -28.04 -23.49
N GLY C 54 -17.81 -27.82 -23.35
CA GLY C 54 -18.55 -27.22 -24.45
C GLY C 54 -18.06 -25.83 -24.79
N ALA C 55 -17.77 -25.01 -23.77
CA ALA C 55 -17.28 -23.66 -24.01
C ALA C 55 -15.91 -23.67 -24.66
N ALA C 56 -15.00 -24.52 -24.17
CA ALA C 56 -13.69 -24.63 -24.79
C ALA C 56 -13.79 -25.04 -26.25
N ASN C 57 -14.65 -26.03 -26.55
CA ASN C 57 -14.81 -26.44 -27.94
C ASN C 57 -15.42 -25.33 -28.78
N ALA C 58 -16.35 -24.56 -28.22
CA ALA C 58 -16.92 -23.44 -28.95
C ALA C 58 -15.85 -22.41 -29.30
N VAL C 59 -14.96 -22.14 -28.36
CA VAL C 59 -13.82 -21.26 -28.64
C VAL C 59 -12.97 -21.85 -29.76
N TYR C 60 -12.71 -23.15 -29.70
CA TYR C 60 -11.85 -23.79 -30.70
C TYR C 60 -12.46 -23.70 -32.10
N GLN C 61 -13.79 -23.78 -32.20
CA GLN C 61 -14.42 -23.71 -33.51
C GLN C 61 -14.55 -22.27 -34.01
N LYS C 62 -14.77 -21.30 -33.12
CA LYS C 62 -14.82 -19.92 -33.58
C LYS C 62 -13.42 -19.39 -33.91
N PHE C 63 -12.40 -19.88 -33.20
CA PHE C 63 -11.02 -19.44 -33.40
C PHE C 63 -10.16 -20.68 -33.70
N PRO C 64 -10.21 -21.18 -34.94
CA PRO C 64 -9.55 -22.47 -35.23
C PRO C 64 -8.03 -22.45 -35.07
N TYR C 65 -7.38 -21.30 -35.31
CA TYR C 65 -5.92 -21.23 -35.19
C TYR C 65 -5.46 -21.67 -33.80
N THR C 66 -6.29 -21.44 -32.77
CA THR C 66 -5.90 -21.79 -31.41
C THR C 66 -5.62 -23.27 -31.25
N THR C 67 -6.16 -24.12 -32.14
CA THR C 67 -5.87 -25.55 -32.06
C THR C 67 -4.79 -25.99 -33.03
N GLN C 68 -4.39 -25.15 -33.98
CA GLN C 68 -3.40 -25.53 -34.98
C GLN C 68 -2.04 -24.92 -34.74
N MET C 69 -1.98 -23.67 -34.32
CA MET C 69 -0.71 -22.97 -34.18
C MET C 69 0.02 -23.45 -32.92
N GLN C 70 1.29 -23.78 -33.08
CA GLN C 70 2.11 -24.11 -31.92
C GLN C 70 2.47 -22.82 -31.17
N GLY C 71 2.97 -23.00 -29.95
CA GLY C 71 3.24 -21.88 -29.08
C GLY C 71 2.53 -22.01 -27.75
N ALA C 72 3.10 -21.42 -26.71
CA ALA C 72 2.55 -21.60 -25.37
C ALA C 72 1.14 -21.02 -25.26
N ASN C 73 0.90 -19.85 -25.87
CA ASN C 73 -0.36 -19.15 -25.70
C ASN C 73 -1.56 -19.90 -26.28
N PHE C 74 -1.34 -20.85 -27.17
CA PHE C 74 -2.44 -21.54 -27.86
C PHE C 74 -2.62 -22.94 -27.30
N ALA C 75 -3.62 -23.64 -27.84
CA ALA C 75 -4.00 -24.95 -27.34
C ALA C 75 -3.75 -26.05 -28.35
N SER C 76 -2.53 -26.08 -28.92
CA SER C 76 -2.18 -27.15 -29.85
C SER C 76 -1.94 -28.46 -29.10
N ASP C 77 -1.12 -28.41 -28.05
CA ASP C 77 -0.84 -29.59 -27.25
C ASP C 77 -1.95 -29.78 -26.21
N SER C 78 -1.86 -30.88 -25.45
CA SER C 78 -2.82 -31.12 -24.39
C SER C 78 -2.66 -30.13 -23.25
N ARG C 79 -1.43 -29.64 -23.05
CA ARG C 79 -1.18 -28.66 -21.99
C ARG C 79 -2.00 -27.39 -22.22
N GLY C 80 -2.03 -26.90 -23.46
CA GLY C 80 -2.79 -25.69 -23.76
C GLY C 80 -4.29 -25.88 -23.60
N LYS C 81 -4.81 -27.03 -24.04
CA LYS C 81 -6.23 -27.32 -23.86
C LYS C 81 -6.59 -27.40 -22.38
N SER C 82 -5.71 -28.01 -21.57
CA SER C 82 -5.95 -28.07 -20.13
C SER C 82 -5.95 -26.68 -19.53
N LYS C 83 -5.02 -25.82 -19.97
CA LYS C 83 -4.98 -24.46 -19.46
C LYS C 83 -6.25 -23.70 -19.84
N CYS C 84 -6.77 -23.94 -21.05
CA CYS C 84 -8.00 -23.27 -21.47
C CYS C 84 -9.19 -23.71 -20.62
N ALA C 85 -9.33 -25.01 -20.41
CA ALA C 85 -10.39 -25.50 -19.54
C ALA C 85 -10.24 -24.92 -18.13
N ARG C 86 -8.99 -24.76 -17.68
CA ARG C 86 -8.76 -24.18 -16.35
C ARG C 86 -9.22 -22.73 -16.29
N ASP C 87 -8.93 -21.95 -17.34
CA ASP C 87 -9.36 -20.55 -17.36
C ASP C 87 -10.89 -20.45 -17.35
N ILE C 88 -11.56 -21.26 -18.17
CA ILE C 88 -13.01 -21.25 -18.18
C ILE C 88 -13.55 -21.66 -16.81
N GLY C 89 -12.89 -22.63 -16.16
CA GLY C 89 -13.29 -23.00 -14.81
C GLY C 89 -13.11 -21.87 -13.81
N TYR C 90 -12.05 -21.09 -13.97
CA TYR C 90 -11.89 -19.87 -13.18
C TYR C 90 -13.13 -19.00 -13.28
N TYR C 91 -13.50 -18.68 -14.52
CA TYR C 91 -14.67 -17.82 -14.74
C TYR C 91 -15.92 -18.40 -14.09
N LEU C 92 -16.17 -19.69 -14.32
CA LEU C 92 -17.41 -20.29 -13.83
C LEU C 92 -17.43 -20.37 -12.30
N ARG C 93 -16.28 -20.67 -11.69
CA ARG C 93 -16.21 -20.73 -10.24
C ARG C 93 -16.47 -19.37 -9.62
N ILE C 94 -15.84 -18.31 -10.16
CA ILE C 94 -16.10 -16.99 -9.58
C ILE C 94 -17.53 -16.56 -9.85
N ILE C 95 -18.13 -17.02 -10.96
CA ILE C 95 -19.53 -16.69 -11.21
C ILE C 95 -20.43 -17.33 -10.17
N THR C 96 -20.15 -18.59 -9.81
CA THR C 96 -20.92 -19.21 -8.72
C THR C 96 -20.70 -18.48 -7.40
N TYR C 97 -19.47 -18.01 -7.16
CA TYR C 97 -19.21 -17.21 -5.97
C TYR C 97 -20.10 -15.97 -5.92
N SER C 98 -20.17 -15.26 -7.05
CA SER C 98 -21.00 -14.05 -7.11
C SER C 98 -22.48 -14.38 -6.95
N LEU C 99 -22.93 -15.50 -7.53
CA LEU C 99 -24.31 -15.92 -7.36
C LEU C 99 -24.61 -16.21 -5.89
N VAL C 100 -23.68 -16.89 -5.21
CA VAL C 100 -23.87 -17.21 -3.79
C VAL C 100 -23.91 -15.92 -2.96
N ALA C 101 -23.03 -14.97 -3.27
CA ALA C 101 -23.02 -13.71 -2.53
C ALA C 101 -24.13 -12.78 -2.95
N GLY C 102 -24.76 -13.00 -4.10
CA GLY C 102 -25.77 -12.09 -4.59
C GLY C 102 -25.25 -10.73 -4.96
N GLY C 103 -24.02 -10.65 -5.49
CA GLY C 103 -23.45 -9.38 -5.88
C GLY C 103 -22.20 -9.61 -6.71
N THR C 104 -21.66 -8.51 -7.24
CA THR C 104 -20.50 -8.56 -8.12
C THR C 104 -19.18 -8.50 -7.38
N GLY C 105 -19.20 -8.60 -6.04
CA GLY C 105 -17.99 -8.54 -5.24
C GLY C 105 -16.93 -9.56 -5.62
N PRO C 106 -17.28 -10.85 -5.58
CA PRO C 106 -16.31 -11.88 -5.97
C PRO C 106 -15.76 -11.70 -7.37
N LEU C 107 -16.62 -11.38 -8.34
CA LEU C 107 -16.15 -11.16 -9.70
C LEU C 107 -15.23 -9.94 -9.77
N ASP C 108 -15.57 -8.88 -9.03
CA ASP C 108 -14.75 -7.67 -9.07
C ASP C 108 -13.37 -7.92 -8.46
N GLU C 109 -13.30 -8.71 -7.39
CA GLU C 109 -12.03 -8.88 -6.70
C GLU C 109 -11.17 -9.99 -7.31
N TYR C 110 -11.74 -11.18 -7.49
CA TYR C 110 -10.94 -12.34 -7.87
C TYR C 110 -10.71 -12.45 -9.37
N LEU C 111 -11.51 -11.75 -10.20
CA LEU C 111 -11.42 -11.95 -11.64
C LEU C 111 -11.15 -10.66 -12.40
N ILE C 112 -12.04 -9.67 -12.27
CA ILE C 112 -11.99 -8.52 -13.15
C ILE C 112 -10.79 -7.63 -12.84
N ALA C 113 -10.35 -7.58 -11.59
CA ALA C 113 -9.24 -6.73 -11.19
C ALA C 113 -7.96 -7.11 -11.93
N GLY C 114 -7.56 -6.27 -12.89
CA GLY C 114 -6.37 -6.53 -13.67
C GLY C 114 -6.53 -7.55 -14.77
N LEU C 115 -7.78 -7.93 -15.10
CA LEU C 115 -8.02 -8.99 -16.07
C LEU C 115 -7.38 -8.70 -17.42
N ASP C 116 -7.51 -7.46 -17.90
CA ASP C 116 -6.94 -7.11 -19.20
C ASP C 116 -5.42 -7.19 -19.16
N GLU C 117 -4.81 -6.82 -18.04
CA GLU C 117 -3.37 -6.95 -17.90
C GLU C 117 -2.94 -8.41 -17.97
N ILE C 118 -3.76 -9.30 -17.43
CA ILE C 118 -3.45 -10.72 -17.48
C ILE C 118 -3.54 -11.22 -18.91
N ASN C 119 -4.62 -10.88 -19.60
CA ASN C 119 -4.81 -11.36 -20.96
C ASN C 119 -3.74 -10.82 -21.90
N ARG C 120 -3.28 -9.58 -21.67
CA ARG C 120 -2.27 -9.01 -22.56
C ARG C 120 -0.86 -9.49 -22.21
N THR C 121 -0.60 -9.79 -20.93
CA THR C 121 0.72 -10.27 -20.56
C THR C 121 1.00 -11.64 -21.18
N PHE C 122 0.02 -12.54 -21.12
CA PHE C 122 0.18 -13.89 -21.64
C PHE C 122 -0.43 -14.06 -23.02
N ASP C 123 -0.68 -12.96 -23.73
CA ASP C 123 -1.15 -12.98 -25.12
C ASP C 123 -2.44 -13.78 -25.26
N LEU C 124 -3.36 -13.57 -24.31
CA LEU C 124 -4.66 -14.20 -24.34
C LEU C 124 -5.68 -13.23 -24.92
N SER C 125 -6.53 -13.75 -25.80
CA SER C 125 -7.52 -12.89 -26.46
C SER C 125 -8.80 -12.84 -25.64
N PRO C 126 -9.34 -11.65 -25.35
CA PRO C 126 -10.59 -11.59 -24.59
C PRO C 126 -11.78 -12.18 -25.33
N SER C 127 -11.74 -12.21 -26.66
CA SER C 127 -12.87 -12.74 -27.41
C SER C 127 -13.06 -14.23 -27.19
N TRP C 128 -11.97 -14.97 -26.95
CA TRP C 128 -12.08 -16.38 -26.57
C TRP C 128 -13.03 -16.55 -25.40
N TYR C 129 -12.74 -15.83 -24.30
CA TYR C 129 -13.54 -15.97 -23.09
C TYR C 129 -14.92 -15.36 -23.25
N VAL C 130 -15.05 -14.32 -24.08
CA VAL C 130 -16.38 -13.81 -24.41
C VAL C 130 -17.22 -14.91 -25.03
N GLU C 131 -16.67 -15.61 -26.02
CA GLU C 131 -17.42 -16.68 -26.68
C GLU C 131 -17.70 -17.84 -25.74
N ALA C 132 -16.74 -18.15 -24.86
CA ALA C 132 -16.96 -19.22 -23.88
C ALA C 132 -18.09 -18.86 -22.92
N LEU C 133 -18.16 -17.59 -22.52
CA LEU C 133 -19.24 -17.14 -21.64
C LEU C 133 -20.57 -17.14 -22.38
N LYS C 134 -20.56 -16.77 -23.67
CA LYS C 134 -21.78 -16.88 -24.47
C LYS C 134 -22.28 -18.32 -24.51
N TYR C 135 -21.37 -19.27 -24.69
CA TYR C 135 -21.76 -20.67 -24.69
C TYR C 135 -22.36 -21.08 -23.35
N ILE C 136 -21.70 -20.70 -22.25
CA ILE C 136 -22.22 -21.04 -20.93
C ILE C 136 -23.60 -20.43 -20.72
N LYS C 137 -23.79 -19.19 -21.18
CA LYS C 137 -25.08 -18.52 -21.03
C LYS C 137 -26.17 -19.24 -21.82
N ALA C 138 -25.87 -19.66 -23.04
CA ALA C 138 -26.86 -20.31 -23.88
C ALA C 138 -27.10 -21.77 -23.55
N ASN C 139 -26.36 -22.35 -22.58
CA ASN C 139 -26.46 -23.79 -22.35
C ASN C 139 -26.60 -24.15 -20.87
N HIS C 140 -26.96 -23.21 -20.00
CA HIS C 140 -27.08 -23.54 -18.59
C HIS C 140 -28.38 -24.25 -18.25
N GLY C 141 -29.35 -24.30 -19.17
CA GLY C 141 -30.58 -25.03 -18.92
C GLY C 141 -31.46 -24.46 -17.84
N LEU C 142 -31.25 -23.20 -17.47
CA LEU C 142 -32.01 -22.59 -16.39
C LEU C 142 -33.24 -21.88 -16.93
N SER C 143 -34.22 -21.70 -16.04
CA SER C 143 -35.48 -21.05 -16.38
C SER C 143 -35.89 -20.12 -15.26
N GLY C 144 -36.51 -19.00 -15.62
CA GLY C 144 -37.05 -18.08 -14.63
C GLY C 144 -36.02 -17.17 -13.98
N GLN C 145 -36.20 -16.92 -12.68
CA GLN C 145 -35.32 -15.99 -11.98
C GLN C 145 -33.89 -16.51 -11.89
N ALA C 146 -33.71 -17.83 -11.77
CA ALA C 146 -32.38 -18.40 -11.72
C ALA C 146 -31.60 -18.09 -13.00
N ALA C 147 -32.26 -18.26 -14.14
CA ALA C 147 -31.66 -17.87 -15.41
C ALA C 147 -31.36 -16.37 -15.43
N ASN C 148 -32.24 -15.56 -14.84
CA ASN C 148 -32.02 -14.12 -14.82
C ASN C 148 -30.75 -13.77 -14.06
N GLU C 149 -30.55 -14.37 -12.88
CA GLU C 149 -29.37 -14.09 -12.09
C GLU C 149 -28.10 -14.61 -12.77
N ALA C 150 -28.14 -15.85 -13.26
CA ALA C 150 -27.00 -16.40 -13.98
C ALA C 150 -26.61 -15.51 -15.14
N ASN C 151 -27.59 -15.07 -15.93
CA ASN C 151 -27.33 -14.21 -17.07
C ASN C 151 -26.78 -12.86 -16.62
N THR C 152 -27.31 -12.33 -15.51
CA THR C 152 -26.79 -11.07 -14.98
C THR C 152 -25.28 -11.16 -14.76
N TYR C 153 -24.84 -12.22 -14.08
CA TYR C 153 -23.42 -12.30 -13.76
C TYR C 153 -22.57 -12.68 -14.97
N ILE C 154 -23.10 -13.53 -15.86
CA ILE C 154 -22.37 -13.86 -17.09
C ILE C 154 -22.19 -12.63 -17.96
N ASP C 155 -23.24 -11.82 -18.11
CA ASP C 155 -23.15 -10.58 -18.85
C ASP C 155 -22.21 -9.59 -18.17
N TYR C 156 -22.16 -9.58 -16.84
CA TYR C 156 -21.20 -8.74 -16.14
C TYR C 156 -19.78 -9.12 -16.52
N ALA C 157 -19.46 -10.42 -16.49
CA ALA C 157 -18.13 -10.86 -16.88
C ALA C 157 -17.84 -10.50 -18.34
N ILE C 158 -18.81 -10.72 -19.22
CA ILE C 158 -18.64 -10.40 -20.63
C ILE C 158 -18.33 -8.92 -20.81
N ASN C 159 -19.07 -8.06 -20.10
CA ASN C 159 -18.83 -6.62 -20.20
C ASN C 159 -17.44 -6.27 -19.67
N ALA C 160 -17.01 -6.94 -18.60
CA ALA C 160 -15.68 -6.72 -18.08
C ALA C 160 -14.63 -7.02 -19.16
N LEU C 161 -14.84 -8.08 -19.94
CA LEU C 161 -13.93 -8.39 -21.03
C LEU C 161 -14.08 -7.45 -22.23
N SER C 162 -15.18 -6.71 -22.31
CA SER C 162 -15.46 -5.89 -23.48
C SER C 162 -15.05 -4.44 -23.28
N MET D 1 30.56 6.01 11.23
CA MET D 1 29.70 6.03 12.42
C MET D 1 30.32 5.21 13.54
N LYS D 2 31.07 4.17 13.16
CA LYS D 2 31.71 3.28 14.11
C LYS D 2 33.20 3.61 14.19
N THR D 3 33.61 4.20 15.30
CA THR D 3 35.01 4.44 15.62
C THR D 3 35.32 3.83 16.97
N PRO D 4 36.60 3.58 17.28
CA PRO D 4 36.93 3.11 18.64
C PRO D 4 36.42 4.04 19.73
N ILE D 5 36.49 5.35 19.50
CA ILE D 5 35.97 6.31 20.47
C ILE D 5 34.48 6.11 20.69
N THR D 6 33.71 6.07 19.60
CA THR D 6 32.27 5.96 19.71
C THR D 6 31.87 4.65 20.35
N GLU D 7 32.57 3.55 20.02
CA GLU D 7 32.23 2.27 20.63
C GLU D 7 32.57 2.26 22.12
N ALA D 8 33.69 2.88 22.50
CA ALA D 8 34.01 2.99 23.91
C ALA D 8 32.93 3.74 24.68
N ILE D 9 32.53 4.91 24.19
CA ILE D 9 31.55 5.70 24.94
C ILE D 9 30.18 5.02 24.92
N ALA D 10 29.84 4.32 23.84
CA ALA D 10 28.56 3.62 23.80
C ALA D 10 28.53 2.45 24.79
N ALA D 11 29.61 1.67 24.84
CA ALA D 11 29.69 0.56 25.79
C ALA D 11 29.70 1.07 27.22
N ALA D 12 30.28 2.25 27.46
CA ALA D 12 30.26 2.80 28.81
C ALA D 12 28.87 3.31 29.17
N ASP D 13 28.17 3.94 28.22
CA ASP D 13 26.86 4.50 28.52
C ASP D 13 25.81 3.42 28.69
N THR D 14 25.92 2.30 27.96
CA THR D 14 24.94 1.23 28.09
C THR D 14 24.92 0.62 29.48
N GLN D 15 25.90 0.93 30.34
CA GLN D 15 25.93 0.45 31.71
C GLN D 15 26.16 1.56 32.73
N GLY D 16 26.16 2.82 32.31
CA GLY D 16 26.38 3.93 33.20
C GLY D 16 27.71 3.87 33.92
N ARG D 17 28.80 4.03 33.17
CA ARG D 17 30.13 3.82 33.72
C ARG D 17 31.11 4.77 33.04
N PHE D 18 32.21 5.08 33.75
CA PHE D 18 33.32 5.78 33.13
C PHE D 18 34.13 4.79 32.30
N LEU D 19 34.71 5.28 31.20
CA LEU D 19 35.49 4.43 30.31
C LEU D 19 36.52 3.64 31.08
N SER D 20 36.40 2.31 31.05
CA SER D 20 37.34 1.46 31.75
C SER D 20 38.74 1.59 31.13
N ASN D 21 39.74 1.14 31.89
CA ASN D 21 41.13 1.33 31.47
C ASN D 21 41.44 0.55 30.19
N THR D 22 40.71 -0.53 29.92
CA THR D 22 40.81 -1.18 28.62
C THR D 22 40.33 -0.24 27.51
N GLU D 23 39.16 0.37 27.70
CA GLU D 23 38.65 1.34 26.74
C GLU D 23 39.56 2.57 26.66
N LEU D 24 40.10 3.00 27.81
CA LEU D 24 40.99 4.15 27.81
C LEU D 24 42.26 3.86 27.02
N GLN D 25 42.83 2.68 27.19
CA GLN D 25 44.01 2.32 26.41
C GLN D 25 43.68 2.15 24.94
N ALA D 26 42.46 1.70 24.63
CA ALA D 26 42.06 1.60 23.22
C ALA D 26 42.02 2.99 22.57
N VAL D 27 41.36 3.94 23.22
CA VAL D 27 41.25 5.28 22.62
C VAL D 27 42.62 5.96 22.59
N ASN D 28 43.46 5.73 23.61
CA ASN D 28 44.79 6.30 23.60
C ASN D 28 45.67 5.68 22.52
N GLY D 29 45.48 4.39 22.23
CA GLY D 29 46.20 3.77 21.14
C GLY D 29 45.76 4.26 19.79
N ARG D 30 44.46 4.59 19.65
CA ARG D 30 44.03 5.28 18.44
C ARG D 30 44.71 6.64 18.33
N PHE D 31 44.79 7.37 19.43
CA PHE D 31 45.40 8.70 19.39
C PHE D 31 46.90 8.64 19.09
N GLU D 32 47.57 7.55 19.50
CA GLU D 32 49.01 7.44 19.24
C GLU D 32 49.32 7.34 17.75
N ARG D 33 48.42 6.73 16.97
CA ARG D 33 48.60 6.57 15.54
C ARG D 33 47.78 7.58 14.75
N ALA D 34 47.31 8.65 15.39
CA ALA D 34 46.42 9.59 14.72
C ALA D 34 47.16 10.48 13.74
N ALA D 35 48.33 11.01 14.14
CA ALA D 35 49.05 11.93 13.28
C ALA D 35 49.48 11.26 11.98
N ALA D 36 49.99 10.03 12.06
CA ALA D 36 50.39 9.33 10.85
C ALA D 36 49.19 8.95 10.00
N SER D 37 48.08 8.58 10.63
CA SER D 37 46.86 8.32 9.88
C SER D 37 46.43 9.55 9.09
N MET D 38 46.51 10.73 9.71
CA MET D 38 46.11 11.95 9.02
C MET D 38 47.09 12.31 7.92
N GLU D 39 48.40 12.09 8.16
CA GLU D 39 49.39 12.31 7.10
C GLU D 39 49.09 11.43 5.89
N ALA D 40 48.82 10.15 6.13
CA ALA D 40 48.50 9.24 5.04
C ALA D 40 47.22 9.65 4.33
N ALA D 41 46.18 10.02 5.08
CA ALA D 41 44.92 10.41 4.47
C ALA D 41 45.08 11.67 3.63
N ARG D 42 45.84 12.65 4.11
CA ARG D 42 46.06 13.87 3.35
C ARG D 42 46.86 13.58 2.08
N ALA D 43 47.90 12.74 2.18
CA ALA D 43 48.67 12.39 1.00
C ALA D 43 47.80 11.66 -0.03
N LEU D 44 46.97 10.73 0.43
CA LEU D 44 46.09 10.02 -0.48
C LEU D 44 45.02 10.92 -1.06
N THR D 45 44.65 11.99 -0.36
CA THR D 45 43.66 12.92 -0.87
C THR D 45 44.25 13.84 -1.92
N ASN D 46 45.47 14.34 -1.70
CA ASN D 46 46.06 15.30 -2.63
C ASN D 46 46.40 14.64 -3.97
N ASN D 47 47.08 13.50 -3.94
CA ASN D 47 47.46 12.79 -5.16
C ASN D 47 46.43 11.74 -5.56
N ALA D 48 45.14 12.06 -5.45
CA ALA D 48 44.10 11.06 -5.68
C ALA D 48 43.96 10.73 -7.17
N GLN D 49 43.96 11.75 -8.03
CA GLN D 49 43.71 11.50 -9.45
C GLN D 49 44.86 10.74 -10.10
N GLN D 50 46.10 11.09 -9.77
CA GLN D 50 47.25 10.38 -10.33
C GLN D 50 47.23 8.91 -9.92
N LEU D 51 46.96 8.65 -8.63
CA LEU D 51 46.88 7.27 -8.15
C LEU D 51 45.75 6.52 -8.84
N ILE D 52 44.59 7.16 -9.01
CA ILE D 52 43.44 6.50 -9.64
C ILE D 52 43.77 6.13 -11.08
N ASP D 53 44.38 7.06 -11.82
CA ASP D 53 44.73 6.79 -13.21
C ASP D 53 45.77 5.69 -13.31
N GLY D 54 46.80 5.73 -12.45
CA GLY D 54 47.81 4.68 -12.48
C GLY D 54 47.24 3.31 -12.15
N ALA D 55 46.34 3.25 -11.16
CA ALA D 55 45.74 1.97 -10.78
C ALA D 55 44.85 1.43 -11.89
N ALA D 56 44.02 2.29 -12.48
CA ALA D 56 43.21 1.85 -13.61
C ALA D 56 44.08 1.35 -14.76
N ASN D 57 45.18 2.05 -15.04
CA ASN D 57 46.09 1.59 -16.08
C ASN D 57 46.66 0.22 -15.75
N ALA D 58 47.08 0.02 -14.48
CA ALA D 58 47.64 -1.26 -14.09
C ALA D 58 46.64 -2.39 -14.25
N VAL D 59 45.38 -2.13 -13.89
CA VAL D 59 44.33 -3.13 -14.12
C VAL D 59 44.17 -3.41 -15.60
N TYR D 60 44.26 -2.38 -16.44
CA TYR D 60 44.13 -2.58 -17.88
C TYR D 60 45.28 -3.43 -18.42
N GLN D 61 46.49 -3.22 -17.91
CA GLN D 61 47.63 -4.01 -18.39
C GLN D 61 47.53 -5.46 -17.92
N LYS D 62 47.17 -5.67 -16.64
CA LYS D 62 47.11 -7.04 -16.13
C LYS D 62 45.93 -7.82 -16.72
N PHE D 63 44.86 -7.13 -17.07
CA PHE D 63 43.67 -7.74 -17.67
C PHE D 63 43.35 -6.99 -18.97
N PRO D 64 44.09 -7.26 -20.04
CA PRO D 64 43.84 -6.50 -21.29
C PRO D 64 42.47 -6.72 -21.88
N TYR D 65 41.83 -7.87 -21.62
CA TYR D 65 40.53 -8.15 -22.21
C TYR D 65 39.45 -7.16 -21.78
N THR D 66 39.63 -6.49 -20.64
CA THR D 66 38.66 -5.49 -20.24
C THR D 66 38.66 -4.27 -21.15
N THR D 67 39.75 -4.05 -21.89
CA THR D 67 39.85 -2.93 -22.82
C THR D 67 39.36 -3.30 -24.23
N GLN D 68 39.68 -4.51 -24.70
CA GLN D 68 39.38 -4.91 -26.06
C GLN D 68 38.00 -5.53 -26.22
N MET D 69 37.52 -6.26 -25.22
CA MET D 69 36.21 -6.90 -25.32
C MET D 69 35.10 -5.88 -25.13
N GLN D 70 33.93 -6.20 -25.67
CA GLN D 70 32.77 -5.34 -25.58
C GLN D 70 31.83 -5.84 -24.48
N GLY D 71 30.86 -5.00 -24.14
CA GLY D 71 29.92 -5.33 -23.08
C GLY D 71 29.82 -4.22 -22.05
N ALA D 72 28.70 -4.18 -21.33
CA ALA D 72 28.49 -3.10 -20.36
C ALA D 72 29.52 -3.15 -19.24
N ASN D 73 29.80 -4.35 -18.73
CA ASN D 73 30.68 -4.51 -17.58
C ASN D 73 32.15 -4.23 -17.89
N PHE D 74 32.51 -4.06 -19.15
CA PHE D 74 33.90 -3.86 -19.54
C PHE D 74 34.17 -2.40 -19.88
N ALA D 75 35.45 -2.09 -20.09
CA ALA D 75 35.88 -0.72 -20.34
C ALA D 75 36.51 -0.55 -21.71
N SER D 76 35.75 -0.89 -22.76
CA SER D 76 36.23 -0.65 -24.12
C SER D 76 35.93 0.77 -24.58
N ASP D 77 34.75 1.28 -24.23
CA ASP D 77 34.31 2.61 -24.61
C ASP D 77 34.64 3.60 -23.49
N SER D 78 34.13 4.83 -23.64
CA SER D 78 34.38 5.87 -22.64
C SER D 78 33.59 5.63 -21.37
N ARG D 79 32.35 5.13 -21.50
CA ARG D 79 31.51 4.91 -20.33
C ARG D 79 32.14 3.90 -19.39
N GLY D 80 32.69 2.80 -19.92
CA GLY D 80 33.30 1.80 -19.07
C GLY D 80 34.52 2.31 -18.34
N LYS D 81 35.37 3.07 -19.03
CA LYS D 81 36.56 3.63 -18.38
C LYS D 81 36.17 4.63 -17.31
N SER D 82 35.12 5.42 -17.56
CA SER D 82 34.64 6.36 -16.55
C SER D 82 34.15 5.64 -15.31
N LYS D 83 33.35 4.58 -15.51
CA LYS D 83 32.87 3.80 -14.36
C LYS D 83 34.01 3.11 -13.62
N CYS D 84 35.05 2.68 -14.34
CA CYS D 84 36.21 2.08 -13.68
C CYS D 84 36.94 3.09 -12.79
N ALA D 85 37.24 4.26 -13.35
CA ALA D 85 37.85 5.32 -12.54
C ALA D 85 36.96 5.68 -11.36
N ARG D 86 35.64 5.67 -11.56
CA ARG D 86 34.72 6.00 -10.47
C ARG D 86 34.75 4.96 -9.36
N ASP D 87 34.82 3.68 -9.72
CA ASP D 87 34.91 2.63 -8.70
C ASP D 87 36.22 2.73 -7.92
N ILE D 88 37.33 2.94 -8.63
CA ILE D 88 38.61 3.09 -7.94
C ILE D 88 38.59 4.32 -7.04
N GLY D 89 37.92 5.38 -7.48
CA GLY D 89 37.78 6.56 -6.64
C GLY D 89 36.97 6.28 -5.39
N TYR D 90 35.88 5.53 -5.53
CA TYR D 90 35.13 5.06 -4.37
C TYR D 90 36.05 4.37 -3.38
N TYR D 91 36.85 3.43 -3.88
CA TYR D 91 37.75 2.66 -3.01
C TYR D 91 38.71 3.59 -2.25
N LEU D 92 39.38 4.49 -2.97
CA LEU D 92 40.35 5.36 -2.33
C LEU D 92 39.68 6.32 -1.35
N ARG D 93 38.50 6.84 -1.70
CA ARG D 93 37.75 7.70 -0.81
C ARG D 93 37.46 7.00 0.52
N ILE D 94 36.96 5.77 0.43
CA ILE D 94 36.58 5.08 1.67
C ILE D 94 37.80 4.66 2.47
N ILE D 95 38.93 4.36 1.81
CA ILE D 95 40.12 4.05 2.61
C ILE D 95 40.63 5.31 3.30
N THR D 96 40.52 6.48 2.67
CA THR D 96 40.89 7.71 3.38
C THR D 96 39.95 7.97 4.56
N TYR D 97 38.66 7.70 4.37
CA TYR D 97 37.71 7.81 5.48
C TYR D 97 38.14 6.92 6.63
N SER D 98 38.47 5.66 6.35
CA SER D 98 38.89 4.72 7.39
C SER D 98 40.19 5.16 8.04
N LEU D 99 41.09 5.79 7.28
CA LEU D 99 42.31 6.33 7.87
C LEU D 99 42.00 7.44 8.85
N VAL D 100 41.10 8.35 8.49
CA VAL D 100 40.75 9.44 9.37
C VAL D 100 40.03 8.92 10.62
N ALA D 101 39.19 7.91 10.47
CA ALA D 101 38.46 7.36 11.60
C ALA D 101 39.29 6.44 12.47
N GLY D 102 40.44 5.99 11.98
CA GLY D 102 41.27 5.07 12.74
C GLY D 102 40.65 3.71 12.96
N GLY D 103 39.82 3.25 12.02
CA GLY D 103 39.18 1.95 12.14
C GLY D 103 38.61 1.52 10.81
N THR D 104 38.12 0.27 10.78
CA THR D 104 37.54 -0.31 9.59
C THR D 104 36.07 0.01 9.41
N GLY D 105 35.51 0.90 10.24
CA GLY D 105 34.12 1.26 10.19
C GLY D 105 33.65 1.76 8.84
N PRO D 106 34.27 2.84 8.35
CA PRO D 106 33.88 3.34 7.02
C PRO D 106 33.99 2.30 5.93
N LEU D 107 35.04 1.49 5.92
CA LEU D 107 35.16 0.44 4.90
C LEU D 107 34.08 -0.60 5.06
N ASP D 108 33.77 -0.98 6.31
CA ASP D 108 32.75 -2.00 6.55
C ASP D 108 31.37 -1.52 6.16
N GLU D 109 31.09 -0.23 6.28
CA GLU D 109 29.75 0.30 6.07
C GLU D 109 29.52 0.84 4.67
N TYR D 110 30.45 1.61 4.12
CA TYR D 110 30.28 2.25 2.83
C TYR D 110 30.72 1.40 1.66
N LEU D 111 31.53 0.36 1.90
CA LEU D 111 32.17 -0.38 0.81
C LEU D 111 31.87 -1.87 0.86
N ILE D 112 32.31 -2.58 1.91
CA ILE D 112 32.18 -4.03 1.91
C ILE D 112 30.73 -4.47 2.03
N ALA D 113 29.89 -3.66 2.68
CA ALA D 113 28.48 -3.98 2.81
C ALA D 113 27.80 -4.00 1.46
N GLY D 114 27.51 -5.19 0.94
CA GLY D 114 26.94 -5.34 -0.38
C GLY D 114 27.93 -5.38 -1.51
N LEU D 115 29.23 -5.46 -1.21
CA LEU D 115 30.26 -5.47 -2.26
C LEU D 115 30.15 -6.70 -3.15
N ASP D 116 30.01 -7.88 -2.54
CA ASP D 116 29.93 -9.11 -3.32
C ASP D 116 28.69 -9.11 -4.20
N GLU D 117 27.56 -8.66 -3.67
CA GLU D 117 26.34 -8.58 -4.46
C GLU D 117 26.50 -7.61 -5.63
N ILE D 118 27.17 -6.48 -5.40
CA ILE D 118 27.38 -5.51 -6.46
C ILE D 118 28.28 -6.09 -7.54
N ASN D 119 29.38 -6.72 -7.14
CA ASN D 119 30.32 -7.27 -8.12
C ASN D 119 29.72 -8.44 -8.88
N ARG D 120 28.83 -9.20 -8.25
CA ARG D 120 28.23 -10.35 -8.93
C ARG D 120 27.12 -9.92 -9.88
N THR D 121 26.22 -9.02 -9.42
CA THR D 121 25.11 -8.60 -10.26
C THR D 121 25.56 -7.84 -11.49
N PHE D 122 26.67 -7.11 -11.41
CA PHE D 122 27.14 -6.29 -12.52
C PHE D 122 28.37 -6.86 -13.21
N ASP D 123 28.66 -8.16 -12.99
CA ASP D 123 29.70 -8.88 -13.73
C ASP D 123 31.05 -8.20 -13.61
N LEU D 124 31.41 -7.82 -12.38
CA LEU D 124 32.68 -7.17 -12.09
C LEU D 124 33.58 -8.14 -11.35
N SER D 125 34.75 -8.41 -11.90
CA SER D 125 35.68 -9.35 -11.28
C SER D 125 36.44 -8.67 -10.15
N PRO D 126 36.48 -9.27 -8.96
CA PRO D 126 37.20 -8.63 -7.84
C PRO D 126 38.72 -8.60 -8.03
N SER D 127 39.28 -9.46 -8.87
CA SER D 127 40.72 -9.43 -9.11
C SER D 127 41.16 -8.11 -9.72
N TRP D 128 40.29 -7.48 -10.52
CA TRP D 128 40.58 -6.15 -11.07
C TRP D 128 40.86 -5.15 -9.96
N TYR D 129 39.91 -5.03 -9.02
CA TYR D 129 40.08 -4.09 -7.92
C TYR D 129 41.23 -4.50 -7.00
N VAL D 130 41.51 -5.80 -6.89
CA VAL D 130 42.67 -6.23 -6.12
C VAL D 130 43.95 -5.70 -6.74
N GLU D 131 44.06 -5.81 -8.07
CA GLU D 131 45.24 -5.27 -8.76
C GLU D 131 45.34 -3.76 -8.59
N ALA D 132 44.21 -3.06 -8.67
CA ALA D 132 44.22 -1.61 -8.49
C ALA D 132 44.71 -1.24 -7.10
N LEU D 133 44.20 -1.92 -6.07
CA LEU D 133 44.64 -1.66 -4.70
C LEU D 133 46.11 -2.01 -4.52
N LYS D 134 46.60 -3.03 -5.23
CA LYS D 134 48.03 -3.34 -5.18
C LYS D 134 48.86 -2.19 -5.73
N TYR D 135 48.45 -1.66 -6.88
CA TYR D 135 49.16 -0.51 -7.44
C TYR D 135 49.14 0.67 -6.46
N ILE D 136 47.99 0.94 -5.85
CA ILE D 136 47.89 2.05 -4.92
C ILE D 136 48.82 1.83 -3.73
N LYS D 137 48.86 0.60 -3.22
CA LYS D 137 49.77 0.28 -2.12
C LYS D 137 51.23 0.49 -2.52
N ALA D 138 51.57 0.23 -3.77
CA ALA D 138 52.96 0.33 -4.19
C ALA D 138 53.39 1.76 -4.52
N ASN D 139 52.46 2.71 -4.64
CA ASN D 139 52.80 4.01 -5.18
C ASN D 139 52.23 5.17 -4.36
N HIS D 140 52.02 4.97 -3.06
CA HIS D 140 51.56 6.07 -2.23
C HIS D 140 52.69 6.94 -1.68
N GLY D 141 53.92 6.43 -1.68
CA GLY D 141 55.07 7.24 -1.31
C GLY D 141 55.09 7.67 0.14
N LEU D 142 54.55 6.86 1.04
CA LEU D 142 54.51 7.18 2.45
C LEU D 142 55.61 6.43 3.20
N SER D 143 55.88 6.90 4.42
CA SER D 143 56.96 6.36 5.23
C SER D 143 56.50 6.24 6.67
N GLY D 144 57.05 5.24 7.37
CA GLY D 144 56.80 5.13 8.80
C GLY D 144 55.40 4.63 9.09
N GLN D 145 54.79 5.21 10.13
CA GLN D 145 53.46 4.76 10.55
C GLN D 145 52.39 5.16 9.55
N ALA D 146 52.62 6.23 8.78
CA ALA D 146 51.65 6.63 7.76
C ALA D 146 51.49 5.55 6.71
N ALA D 147 52.62 5.08 6.16
CA ALA D 147 52.57 3.97 5.21
C ALA D 147 51.98 2.73 5.86
N ASN D 148 52.29 2.50 7.14
CA ASN D 148 51.77 1.32 7.81
C ASN D 148 50.24 1.36 7.91
N GLU D 149 49.67 2.52 8.25
CA GLU D 149 48.22 2.65 8.34
C GLU D 149 47.57 2.52 6.97
N ALA D 150 48.13 3.21 5.96
CA ALA D 150 47.62 3.09 4.61
C ALA D 150 47.64 1.64 4.15
N ASN D 151 48.75 0.94 4.37
CA ASN D 151 48.86 -0.45 3.96
C ASN D 151 47.88 -1.32 4.73
N THR D 152 47.66 -1.03 6.01
CA THR D 152 46.68 -1.76 6.79
C THR D 152 45.30 -1.69 6.15
N TYR D 153 44.84 -0.49 5.83
CA TYR D 153 43.48 -0.37 5.29
C TYR D 153 43.39 -0.86 3.85
N ILE D 154 44.46 -0.69 3.06
CA ILE D 154 44.49 -1.23 1.71
C ILE D 154 44.41 -2.75 1.74
N ASP D 155 45.21 -3.38 2.60
CA ASP D 155 45.17 -4.83 2.74
C ASP D 155 43.83 -5.30 3.28
N TYR D 156 43.18 -4.49 4.13
CA TYR D 156 41.84 -4.83 4.58
C TYR D 156 40.87 -4.89 3.41
N ALA D 157 40.93 -3.90 2.52
CA ALA D 157 40.09 -3.92 1.33
C ALA D 157 40.40 -5.14 0.46
N ILE D 158 41.70 -5.40 0.25
CA ILE D 158 42.11 -6.54 -0.57
C ILE D 158 41.58 -7.84 0.01
N ASN D 159 41.67 -7.98 1.34
CA ASN D 159 41.17 -9.18 2.00
C ASN D 159 39.66 -9.29 1.86
N ALA D 160 38.96 -8.16 1.95
CA ALA D 160 37.51 -8.16 1.76
C ALA D 160 37.15 -8.63 0.35
N LEU D 161 38.00 -8.33 -0.64
CA LEU D 161 37.71 -8.73 -2.01
C LEU D 161 37.99 -10.20 -2.30
N SER D 162 38.36 -11.00 -1.31
CA SER D 162 38.63 -12.42 -1.53
C SER D 162 37.47 -13.30 -1.07
N MET E 1 27.82 9.21 18.82
CA MET E 1 27.37 9.10 17.44
C MET E 1 27.78 10.33 16.63
N LYS E 2 27.91 11.47 17.30
CA LYS E 2 28.33 12.73 16.68
C LYS E 2 29.69 13.12 17.24
N THR E 3 30.73 12.92 16.46
CA THR E 3 32.08 13.37 16.76
C THR E 3 32.59 14.18 15.57
N PRO E 4 33.56 15.06 15.79
CA PRO E 4 34.14 15.80 14.66
C PRO E 4 34.62 14.88 13.54
N ILE E 5 35.24 13.75 13.91
CA ILE E 5 35.67 12.77 12.92
C ILE E 5 34.49 12.28 12.10
N THR E 6 33.47 11.76 12.78
CA THR E 6 32.30 11.22 12.08
C THR E 6 31.55 12.30 11.33
N GLU E 7 31.50 13.52 11.88
CA GLU E 7 30.82 14.61 11.20
C GLU E 7 31.53 14.94 9.88
N ALA E 8 32.85 15.03 9.90
CA ALA E 8 33.59 15.29 8.66
C ALA E 8 33.40 14.17 7.67
N ILE E 9 33.48 12.91 8.13
CA ILE E 9 33.36 11.78 7.21
C ILE E 9 31.98 11.74 6.59
N ALA E 10 30.93 11.98 7.39
CA ALA E 10 29.57 11.96 6.87
C ALA E 10 29.33 13.12 5.91
N ALA E 11 29.88 14.29 6.21
CA ALA E 11 29.74 15.43 5.31
C ALA E 11 30.42 15.14 3.98
N ALA E 12 31.55 14.46 4.00
CA ALA E 12 32.21 14.10 2.74
C ALA E 12 31.41 13.04 1.99
N ASP E 13 30.87 12.05 2.71
CA ASP E 13 30.17 10.96 2.06
C ASP E 13 28.82 11.39 1.49
N THR E 14 28.20 12.41 2.09
CA THR E 14 26.93 12.91 1.55
C THR E 14 27.10 13.45 0.14
N GLN E 15 28.27 14.01 -0.18
CA GLN E 15 28.54 14.56 -1.50
C GLN E 15 29.47 13.67 -2.32
N GLY E 16 29.88 12.52 -1.79
CA GLY E 16 30.74 11.61 -2.53
C GLY E 16 32.07 12.24 -2.92
N ARG E 17 32.73 12.89 -1.96
CA ARG E 17 33.97 13.61 -2.21
C ARG E 17 35.02 13.18 -1.20
N PHE E 18 36.28 13.50 -1.52
CA PHE E 18 37.33 13.38 -0.52
C PHE E 18 37.17 14.48 0.52
N LEU E 19 37.87 14.31 1.64
CA LEU E 19 37.79 15.29 2.72
C LEU E 19 38.30 16.65 2.25
N SER E 20 37.56 17.69 2.58
CA SER E 20 38.01 19.04 2.30
C SER E 20 39.22 19.38 3.16
N ASN E 21 40.03 20.34 2.69
CA ASN E 21 41.19 20.77 3.46
C ASN E 21 40.78 21.38 4.79
N THR E 22 39.65 22.08 4.84
CA THR E 22 39.16 22.63 6.09
C THR E 22 38.74 21.52 7.05
N GLU E 23 38.08 20.48 6.55
CA GLU E 23 37.68 19.37 7.40
C GLU E 23 38.91 18.60 7.90
N LEU E 24 39.91 18.42 7.04
CA LEU E 24 41.16 17.80 7.49
C LEU E 24 41.82 18.63 8.58
N GLN E 25 41.84 19.96 8.40
CA GLN E 25 42.43 20.82 9.42
C GLN E 25 41.68 20.72 10.74
N ALA E 26 40.35 20.67 10.68
CA ALA E 26 39.55 20.56 11.90
C ALA E 26 39.80 19.22 12.60
N VAL E 27 39.87 18.13 11.83
CA VAL E 27 40.11 16.82 12.42
C VAL E 27 41.49 16.74 13.05
N ASN E 28 42.51 17.28 12.36
CA ASN E 28 43.84 17.32 12.96
C ASN E 28 43.87 18.21 14.21
N GLY E 29 43.09 19.29 14.21
CA GLY E 29 42.99 20.09 15.41
C GLY E 29 42.41 19.32 16.58
N ARG E 30 41.33 18.57 16.34
CA ARG E 30 40.80 17.70 17.38
C ARG E 30 41.85 16.71 17.86
N PHE E 31 42.59 16.12 16.92
CA PHE E 31 43.57 15.10 17.31
C PHE E 31 44.74 15.70 18.09
N GLU E 32 45.05 16.97 17.87
CA GLU E 32 46.15 17.59 18.61
C GLU E 32 45.79 17.84 20.06
N ARG E 33 44.53 18.16 20.35
CA ARG E 33 44.07 18.38 21.71
C ARG E 33 43.65 17.10 22.42
N ALA E 34 43.92 15.93 21.83
CA ALA E 34 43.43 14.67 22.39
C ALA E 34 44.15 14.32 23.69
N ALA E 35 45.45 14.63 23.79
CA ALA E 35 46.18 14.31 25.01
C ALA E 35 45.68 15.13 26.19
N ALA E 36 45.43 16.43 25.97
CA ALA E 36 44.90 17.27 27.03
C ALA E 36 43.51 16.83 27.44
N SER E 37 42.67 16.45 26.47
CA SER E 37 41.33 15.98 26.78
C SER E 37 41.38 14.67 27.57
N MET E 38 42.30 13.78 27.21
CA MET E 38 42.45 12.53 27.96
C MET E 38 42.95 12.79 29.37
N GLU E 39 43.85 13.76 29.55
CA GLU E 39 44.28 14.12 30.89
C GLU E 39 43.11 14.69 31.71
N ALA E 40 42.30 15.53 31.09
CA ALA E 40 41.11 16.07 31.76
C ALA E 40 40.18 14.95 32.20
N ALA E 41 39.82 14.06 31.28
CA ALA E 41 38.95 12.94 31.61
C ALA E 41 39.58 12.04 32.67
N ARG E 42 40.90 11.90 32.63
CA ARG E 42 41.60 11.08 33.62
CA ARG E 42 41.60 11.08 33.62
C ARG E 42 41.44 11.66 35.02
N ALA E 43 41.71 12.95 35.17
CA ALA E 43 41.57 13.59 36.48
C ALA E 43 40.12 13.62 36.93
N LEU E 44 39.17 13.78 36.01
CA LEU E 44 37.77 13.79 36.40
C LEU E 44 37.31 12.41 36.84
N THR E 45 37.82 11.36 36.19
CA THR E 45 37.41 10.01 36.56
C THR E 45 38.05 9.57 37.86
N ASN E 46 39.33 9.86 38.05
CA ASN E 46 40.03 9.44 39.26
C ASN E 46 39.68 10.28 40.48
N ASN E 47 39.04 11.43 40.30
CA ASN E 47 38.61 12.28 41.41
C ASN E 47 37.10 12.48 41.40
N ALA E 48 36.37 11.50 40.85
CA ALA E 48 34.92 11.60 40.68
C ALA E 48 34.19 11.89 41.98
N GLN E 49 34.20 10.91 42.89
CA GLN E 49 33.36 10.98 44.09
C GLN E 49 33.60 12.25 44.89
N GLN E 50 34.86 12.69 44.99
CA GLN E 50 35.15 13.92 45.72
C GLN E 50 34.52 15.13 45.04
N LEU E 51 34.62 15.21 43.72
CA LEU E 51 33.98 16.29 42.98
C LEU E 51 32.46 16.26 43.16
N ILE E 52 31.87 15.07 43.09
CA ILE E 52 30.42 14.94 43.22
C ILE E 52 29.96 15.40 44.60
N ASP E 53 30.65 14.95 45.65
CA ASP E 53 30.25 15.33 47.00
C ASP E 53 30.43 16.83 47.23
N GLY E 54 31.54 17.40 46.76
CA GLY E 54 31.74 18.83 46.89
C GLY E 54 30.69 19.63 46.14
N ALA E 55 30.32 19.20 44.94
CA ALA E 55 29.32 19.91 44.17
C ALA E 55 27.95 19.82 44.84
N ALA E 56 27.58 18.65 45.33
CA ALA E 56 26.31 18.53 46.05
C ALA E 56 26.28 19.41 47.28
N ASN E 57 27.38 19.44 48.04
CA ASN E 57 27.42 20.30 49.22
C ASN E 57 27.37 21.77 48.84
N ALA E 58 27.96 22.16 47.71
CA ALA E 58 27.86 23.54 47.26
C ALA E 58 26.42 23.89 46.89
N VAL E 59 25.72 22.96 46.22
CA VAL E 59 24.31 23.17 45.91
C VAL E 59 23.51 23.35 47.19
N TYR E 60 23.79 22.51 48.20
CA TYR E 60 23.06 22.61 49.47
C TYR E 60 23.33 23.94 50.15
N GLN E 61 24.60 24.37 50.19
CA GLN E 61 24.94 25.59 50.92
C GLN E 61 24.44 26.84 50.21
N LYS E 62 24.38 26.83 48.88
CA LYS E 62 23.84 27.99 48.18
C LYS E 62 22.32 28.04 48.28
N PHE E 63 21.66 26.88 48.20
CA PHE E 63 20.21 26.77 48.31
C PHE E 63 19.87 25.94 49.54
N PRO E 64 19.88 26.54 50.74
CA PRO E 64 19.60 25.77 51.96
C PRO E 64 18.21 25.15 51.98
N TYR E 65 17.27 25.68 51.18
CA TYR E 65 15.90 25.18 51.18
C TYR E 65 15.80 23.77 50.63
N THR E 66 16.86 23.23 50.04
CA THR E 66 16.82 21.87 49.50
C THR E 66 17.09 20.80 50.56
N THR E 67 17.71 21.17 51.68
CA THR E 67 18.04 20.23 52.75
C THR E 67 17.21 20.47 54.02
N GLN E 68 16.20 21.34 53.95
CA GLN E 68 15.40 21.67 55.12
C GLN E 68 13.92 21.33 54.99
N MET E 69 13.42 21.03 53.80
CA MET E 69 12.01 20.73 53.60
C MET E 69 11.79 19.30 53.14
N GLN E 70 10.73 18.68 53.67
CA GLN E 70 10.25 17.41 53.19
C GLN E 70 9.78 17.55 51.73
N GLY E 71 9.47 16.41 51.12
CA GLY E 71 9.13 16.38 49.71
C GLY E 71 10.13 15.53 48.95
N ALA E 72 9.64 14.67 48.06
CA ALA E 72 10.52 13.74 47.35
C ALA E 72 11.54 14.48 46.49
N ASN E 73 11.14 15.59 45.89
CA ASN E 73 12.04 16.36 45.04
C ASN E 73 13.17 17.07 45.82
N PHE E 74 13.36 16.87 47.12
CA PHE E 74 14.38 17.59 47.88
C PHE E 74 15.32 16.60 48.56
N ALA E 75 16.35 17.15 49.21
CA ALA E 75 17.40 16.37 49.84
C ALA E 75 17.41 16.58 51.35
N SER E 76 16.23 16.66 51.96
CA SER E 76 16.17 16.68 53.42
C SER E 76 16.49 15.31 54.00
N ASP E 77 16.10 14.25 53.31
CA ASP E 77 16.40 12.90 53.73
C ASP E 77 17.72 12.45 53.10
N SER E 78 18.12 11.21 53.38
CA SER E 78 19.32 10.66 52.78
C SER E 78 19.09 10.19 51.35
N ARG E 79 17.89 9.72 51.04
CA ARG E 79 17.58 9.32 49.68
C ARG E 79 17.71 10.49 48.71
N GLY E 80 17.29 11.68 49.15
CA GLY E 80 17.40 12.85 48.29
C GLY E 80 18.83 13.26 48.04
N LYS E 81 19.67 13.23 49.09
CA LYS E 81 21.07 13.57 48.93
C LYS E 81 21.77 12.56 48.01
N SER E 82 21.46 11.27 48.18
CA SER E 82 22.01 10.26 47.30
C SER E 82 21.57 10.50 45.85
N LYS E 83 20.31 10.87 45.65
CA LYS E 83 19.84 11.13 44.29
C LYS E 83 20.51 12.35 43.68
N CYS E 84 20.77 13.37 44.50
CA CYS E 84 21.47 14.56 44.01
C CYS E 84 22.88 14.22 43.57
N ALA E 85 23.63 13.51 44.42
CA ALA E 85 24.96 13.07 44.03
C ALA E 85 24.91 12.17 42.80
N ARG E 86 23.84 11.38 42.66
CA ARG E 86 23.68 10.53 41.48
C ARG E 86 23.52 11.37 40.21
N ASP E 87 22.74 12.45 40.28
CA ASP E 87 22.60 13.34 39.13
C ASP E 87 23.92 14.01 38.77
N ILE E 88 24.64 14.51 39.78
CA ILE E 88 25.94 15.13 39.53
C ILE E 88 26.89 14.12 38.88
N GLY E 89 26.80 12.86 39.31
CA GLY E 89 27.59 11.81 38.67
C GLY E 89 27.22 11.61 37.21
N TYR E 90 25.92 11.63 36.89
CA TYR E 90 25.49 11.66 35.49
C TYR E 90 26.25 12.72 34.72
N TYR E 91 26.19 13.96 35.23
CA TYR E 91 26.80 15.08 34.51
C TYR E 91 28.29 14.87 34.30
N LEU E 92 29.01 14.49 35.36
CA LEU E 92 30.46 14.33 35.26
C LEU E 92 30.84 13.20 34.30
N ARG E 93 30.08 12.11 34.34
CA ARG E 93 30.37 10.98 33.46
C ARG E 93 30.17 11.35 31.99
N ILE E 94 29.06 12.01 31.67
CA ILE E 94 28.86 12.39 30.28
C ILE E 94 29.84 13.48 29.85
N ILE E 95 30.32 14.28 30.80
CA ILE E 95 31.37 15.25 30.48
C ILE E 95 32.66 14.53 30.12
N THR E 96 33.00 13.48 30.86
CA THR E 96 34.16 12.67 30.47
C THR E 96 33.95 12.03 29.10
N TYR E 97 32.71 11.62 28.81
CA TYR E 97 32.40 11.11 27.47
C TYR E 97 32.74 12.13 26.40
N SER E 98 32.27 13.38 26.59
CA SER E 98 32.56 14.43 25.62
C SER E 98 34.06 14.71 25.53
N LEU E 99 34.76 14.63 26.66
CA LEU E 99 36.21 14.84 26.63
C LEU E 99 36.91 13.77 25.82
N VAL E 100 36.46 12.52 25.94
CA VAL E 100 37.06 11.43 25.17
C VAL E 100 36.72 11.58 23.69
N ALA E 101 35.50 12.03 23.38
CA ALA E 101 35.07 12.12 21.99
C ALA E 101 35.64 13.35 21.29
N GLY E 102 35.97 14.40 22.04
CA GLY E 102 36.48 15.62 21.44
C GLY E 102 35.42 16.51 20.83
N GLY E 103 34.19 16.43 21.31
CA GLY E 103 33.11 17.25 20.78
C GLY E 103 31.93 17.29 21.73
N THR E 104 30.92 18.07 21.36
CA THR E 104 29.72 18.19 22.16
C THR E 104 28.71 17.08 21.92
N GLY E 105 28.99 16.16 20.99
CA GLY E 105 28.08 15.10 20.62
C GLY E 105 27.49 14.29 21.76
N PRO E 106 28.35 13.68 22.59
CA PRO E 106 27.82 12.88 23.70
C PRO E 106 26.98 13.68 24.68
N LEU E 107 27.31 14.95 24.92
CA LEU E 107 26.43 15.78 25.74
C LEU E 107 25.10 16.03 25.03
N ASP E 108 25.13 16.19 23.70
CA ASP E 108 23.92 16.47 22.96
C ASP E 108 22.99 15.26 22.93
N GLU E 109 23.53 14.05 22.97
CA GLU E 109 22.71 12.85 22.84
C GLU E 109 22.36 12.21 24.18
N TYR E 110 23.33 12.11 25.10
CA TYR E 110 23.14 11.39 26.35
C TYR E 110 22.60 12.25 27.48
N LEU E 111 22.67 13.57 27.38
CA LEU E 111 22.28 14.41 28.50
C LEU E 111 21.26 15.48 28.09
N ILE E 112 21.60 16.30 27.09
CA ILE E 112 20.79 17.48 26.79
C ILE E 112 19.47 17.08 26.15
N ALA E 113 19.46 16.03 25.33
CA ALA E 113 18.24 15.57 24.70
C ALA E 113 17.22 15.14 25.74
N GLY E 114 16.19 15.96 25.94
CA GLY E 114 15.16 15.67 26.92
C GLY E 114 15.42 16.20 28.31
N LEU E 115 16.47 17.00 28.49
CA LEU E 115 16.81 17.52 29.81
C LEU E 115 15.71 18.43 30.34
N ASP E 116 15.13 19.25 29.46
CA ASP E 116 14.02 20.11 29.84
C ASP E 116 12.88 19.30 30.46
N GLU E 117 12.52 18.19 29.79
CA GLU E 117 11.43 17.36 30.29
C GLU E 117 11.75 16.81 31.68
N ILE E 118 12.97 16.31 31.87
CA ILE E 118 13.35 15.76 33.17
C ILE E 118 13.21 16.82 34.26
N ASN E 119 13.84 17.97 34.06
CA ASN E 119 13.85 19.01 35.08
C ASN E 119 12.45 19.52 35.38
N ARG E 120 11.62 19.66 34.34
CA ARG E 120 10.28 20.20 34.56
C ARG E 120 9.34 19.15 35.17
N THR E 121 9.57 17.86 34.86
CA THR E 121 8.70 16.82 35.41
C THR E 121 8.98 16.60 36.89
N PHE E 122 10.26 16.51 37.26
CA PHE E 122 10.61 16.17 38.63
C PHE E 122 10.95 17.40 39.47
N ASP E 123 10.48 18.58 39.05
CA ASP E 123 10.63 19.82 39.84
C ASP E 123 12.09 20.08 40.18
N LEU E 124 13.00 19.68 39.31
CA LEU E 124 14.43 19.85 39.53
C LEU E 124 14.85 21.19 38.95
N SER E 125 15.23 22.11 39.81
CA SER E 125 15.63 23.45 39.37
C SER E 125 16.98 23.39 38.68
N PRO E 126 17.10 23.86 37.44
CA PRO E 126 18.41 23.79 36.76
C PRO E 126 19.50 24.59 37.44
N SER E 127 19.15 25.56 38.28
CA SER E 127 20.18 26.35 38.97
C SER E 127 21.01 25.48 39.91
N TRP E 128 20.41 24.42 40.46
CA TRP E 128 21.17 23.47 41.27
C TRP E 128 22.33 22.88 40.49
N TYR E 129 22.02 22.21 39.37
CA TYR E 129 23.05 21.60 38.56
C TYR E 129 24.02 22.64 38.01
N VAL E 130 23.53 23.85 37.74
CA VAL E 130 24.41 24.93 37.28
C VAL E 130 25.47 25.23 38.34
N GLU E 131 25.03 25.42 39.59
CA GLU E 131 25.98 25.71 40.66
C GLU E 131 26.93 24.53 40.89
N ALA E 132 26.43 23.31 40.76
CA ALA E 132 27.30 22.13 40.89
C ALA E 132 28.36 22.14 39.81
N LEU E 133 27.99 22.50 38.58
CA LEU E 133 28.96 22.57 37.49
C LEU E 133 29.98 23.67 37.74
N LYS E 134 29.54 24.82 38.29
CA LYS E 134 30.52 25.84 38.66
C LYS E 134 31.50 25.30 39.69
N TYR E 135 31.01 24.53 40.67
CA TYR E 135 31.92 23.96 41.66
C TYR E 135 32.93 23.03 41.00
N ILE E 136 32.45 22.13 40.14
CA ILE E 136 33.37 21.20 39.46
C ILE E 136 34.38 21.97 38.62
N LYS E 137 33.93 23.02 37.94
CA LYS E 137 34.83 23.86 37.16
C LYS E 137 35.90 24.50 38.03
N ALA E 138 35.53 24.92 39.24
CA ALA E 138 36.47 25.58 40.13
C ALA E 138 37.42 24.63 40.84
N ASN E 139 37.17 23.32 40.80
CA ASN E 139 37.94 22.40 41.62
C ASN E 139 38.38 21.15 40.86
N HIS E 140 38.57 21.25 39.54
CA HIS E 140 39.05 20.09 38.81
C HIS E 140 40.56 19.92 38.88
N GLY E 141 41.29 20.93 39.34
CA GLY E 141 42.72 20.83 39.51
C GLY E 141 43.52 20.74 38.24
N LEU E 142 42.88 20.91 37.08
CA LEU E 142 43.56 20.80 35.81
C LEU E 142 44.34 22.08 35.49
N SER E 143 45.25 21.97 34.53
CA SER E 143 46.09 23.09 34.13
C SER E 143 46.30 23.03 32.62
N GLY E 144 46.40 24.21 32.01
CA GLY E 144 46.73 24.26 30.60
C GLY E 144 45.54 23.93 29.70
N GLN E 145 45.85 23.27 28.58
CA GLN E 145 44.80 22.96 27.60
C GLN E 145 43.85 21.89 28.13
N ALA E 146 44.29 21.06 29.07
CA ALA E 146 43.38 20.10 29.69
C ALA E 146 42.27 20.81 30.45
N ALA E 147 42.64 21.79 31.28
CA ALA E 147 41.65 22.62 31.95
C ALA E 147 40.78 23.34 30.94
N ASN E 148 41.36 23.76 29.81
CA ASN E 148 40.59 24.46 28.79
C ASN E 148 39.50 23.58 28.20
N GLU E 149 39.85 22.32 27.90
CA GLU E 149 38.85 21.39 27.36
C GLU E 149 37.76 21.10 28.38
N ALA E 150 38.17 20.81 29.62
CA ALA E 150 37.19 20.55 30.67
C ALA E 150 36.25 21.72 30.86
N ASN E 151 36.80 22.94 30.88
CA ASN E 151 35.97 24.13 31.07
C ASN E 151 35.07 24.38 29.87
N THR E 152 35.56 24.08 28.67
CA THR E 152 34.71 24.19 27.48
C THR E 152 33.46 23.34 27.63
N TYR E 153 33.65 22.07 27.99
CA TYR E 153 32.48 21.18 28.08
C TYR E 153 31.62 21.50 29.29
N ILE E 154 32.21 21.92 30.40
CA ILE E 154 31.42 22.33 31.56
C ILE E 154 30.56 23.53 31.22
N ASP E 155 31.15 24.51 30.51
CA ASP E 155 30.38 25.70 30.11
C ASP E 155 29.30 25.35 29.10
N TYR E 156 29.56 24.40 28.21
CA TYR E 156 28.51 23.94 27.31
C TYR E 156 27.34 23.37 28.10
N ALA E 157 27.64 22.52 29.09
CA ALA E 157 26.58 21.97 29.93
C ALA E 157 25.83 23.07 30.68
N ILE E 158 26.56 24.07 31.17
CA ILE E 158 25.92 25.15 31.93
C ILE E 158 24.99 25.94 31.03
N ASN E 159 25.47 26.33 29.84
CA ASN E 159 24.65 27.10 28.91
C ASN E 159 23.46 26.30 28.38
N ALA E 160 23.57 24.97 28.36
CA ALA E 160 22.43 24.16 27.94
C ALA E 160 21.27 24.31 28.92
N LEU E 161 21.57 24.47 30.21
CA LEU E 161 20.54 24.56 31.25
C LEU E 161 19.90 25.94 31.33
N SER E 162 20.18 26.83 30.38
CA SER E 162 19.60 28.16 30.40
C SER E 162 18.64 28.36 29.24
N LYS F 2 -11.61 20.04 -31.45
CA LYS F 2 -11.47 20.36 -30.04
C LYS F 2 -10.00 20.50 -29.60
N THR F 3 -9.51 21.72 -29.64
CA THR F 3 -8.19 22.13 -29.16
C THR F 3 -8.35 23.05 -27.96
N PRO F 4 -7.30 23.27 -27.15
CA PRO F 4 -7.45 24.14 -25.96
C PRO F 4 -8.05 25.51 -26.26
N ILE F 5 -7.55 26.15 -27.31
CA ILE F 5 -8.06 27.45 -27.72
C ILE F 5 -9.57 27.39 -27.93
N THR F 6 -10.08 26.25 -28.38
CA THR F 6 -11.48 26.17 -28.80
C THR F 6 -12.45 26.06 -27.63
N GLU F 7 -12.18 25.22 -26.62
CA GLU F 7 -13.02 25.29 -25.43
C GLU F 7 -12.96 26.68 -24.83
N ALA F 8 -11.74 27.24 -24.70
CA ALA F 8 -11.62 28.58 -24.17
C ALA F 8 -12.61 29.53 -24.85
N ILE F 9 -12.51 29.65 -26.18
CA ILE F 9 -13.27 30.68 -26.89
C ILE F 9 -14.77 30.35 -26.88
N ALA F 10 -15.15 29.10 -27.17
CA ALA F 10 -16.57 28.78 -27.26
C ALA F 10 -17.27 28.95 -25.91
N ALA F 11 -16.66 28.39 -24.84
CA ALA F 11 -17.23 28.57 -23.52
C ALA F 11 -17.33 30.04 -23.15
N ALA F 12 -16.31 30.83 -23.47
CA ALA F 12 -16.38 32.26 -23.14
C ALA F 12 -17.48 32.96 -23.91
N ASP F 13 -17.62 32.68 -25.20
CA ASP F 13 -18.61 33.38 -26.02
C ASP F 13 -20.02 33.04 -25.59
N THR F 14 -20.26 31.81 -25.11
CA THR F 14 -21.60 31.49 -24.61
C THR F 14 -22.01 32.39 -23.45
N GLN F 15 -21.05 32.82 -22.62
CA GLN F 15 -21.32 33.61 -21.43
C GLN F 15 -20.96 35.09 -21.60
N GLY F 16 -20.56 35.50 -22.80
CA GLY F 16 -20.25 36.90 -23.05
C GLY F 16 -19.16 37.47 -22.16
N ARG F 17 -18.07 36.72 -21.98
CA ARG F 17 -17.01 37.11 -21.06
C ARG F 17 -15.67 37.10 -21.79
N PHE F 18 -14.72 37.85 -21.23
CA PHE F 18 -13.34 37.73 -21.66
C PHE F 18 -12.73 36.44 -21.14
N LEU F 19 -11.69 35.97 -21.83
CA LEU F 19 -10.99 34.77 -21.37
C LEU F 19 -10.32 35.04 -20.03
N SER F 20 -10.58 34.16 -19.06
CA SER F 20 -10.04 34.34 -17.72
C SER F 20 -8.52 34.14 -17.73
N ASN F 21 -7.89 34.50 -16.61
CA ASN F 21 -6.44 34.41 -16.52
C ASN F 21 -5.97 32.96 -16.55
N THR F 22 -6.74 32.04 -15.95
CA THR F 22 -6.36 30.63 -16.00
C THR F 22 -6.50 30.07 -17.41
N GLU F 23 -7.55 30.47 -18.12
CA GLU F 23 -7.72 30.06 -19.52
C GLU F 23 -6.54 30.56 -20.36
N LEU F 24 -6.18 31.83 -20.21
CA LEU F 24 -5.04 32.39 -20.93
C LEU F 24 -3.76 31.64 -20.57
N GLN F 25 -3.59 31.29 -19.29
CA GLN F 25 -2.40 30.57 -18.87
C GLN F 25 -2.30 29.21 -19.54
N ALA F 26 -3.41 28.47 -19.56
CA ALA F 26 -3.42 27.17 -20.22
C ALA F 26 -3.13 27.31 -21.71
N VAL F 27 -3.72 28.31 -22.35
CA VAL F 27 -3.54 28.47 -23.80
C VAL F 27 -2.09 28.81 -24.12
N ASN F 28 -1.51 29.78 -23.41
CA ASN F 28 -0.12 30.13 -23.70
C ASN F 28 0.83 29.01 -23.30
N GLY F 29 0.48 28.21 -22.29
CA GLY F 29 1.29 27.05 -21.98
C GLY F 29 1.28 26.02 -23.10
N ARG F 30 0.12 25.82 -23.72
CA ARG F 30 0.08 25.03 -24.95
C ARG F 30 0.97 25.64 -26.02
N PHE F 31 1.00 26.96 -26.11
CA PHE F 31 1.79 27.62 -27.15
C PHE F 31 3.29 27.49 -26.90
N GLU F 32 3.74 27.48 -25.65
CA GLU F 32 5.17 27.45 -25.37
C GLU F 32 5.82 26.15 -25.83
N ARG F 33 5.03 25.09 -26.05
CA ARG F 33 5.55 23.82 -26.53
C ARG F 33 5.28 23.60 -28.01
N ALA F 34 4.78 24.61 -28.71
CA ALA F 34 4.32 24.41 -30.09
C ALA F 34 5.49 24.13 -31.03
N ALA F 35 6.61 24.83 -30.86
CA ALA F 35 7.75 24.64 -31.75
C ALA F 35 8.32 23.23 -31.64
N ALA F 36 8.45 22.73 -30.40
CA ALA F 36 8.93 21.37 -30.20
C ALA F 36 7.92 20.35 -30.73
N SER F 37 6.62 20.60 -30.54
CA SER F 37 5.61 19.70 -31.07
C SER F 37 5.70 19.62 -32.59
N MET F 38 5.94 20.77 -33.24
CA MET F 38 6.06 20.78 -34.70
C MET F 38 7.34 20.09 -35.15
N GLU F 39 8.43 20.26 -34.40
CA GLU F 39 9.67 19.54 -34.72
C GLU F 39 9.44 18.03 -34.63
N ALA F 40 8.77 17.58 -33.58
CA ALA F 40 8.48 16.15 -33.43
C ALA F 40 7.57 15.67 -34.56
N ALA F 41 6.56 16.46 -34.92
CA ALA F 41 5.64 16.07 -35.97
C ALA F 41 6.36 15.96 -37.32
N ARG F 42 7.23 16.93 -37.64
CA ARG F 42 7.96 16.87 -38.90
C ARG F 42 8.96 15.72 -38.91
N ALA F 43 9.56 15.40 -37.76
CA ALA F 43 10.46 14.27 -37.69
C ALA F 43 9.71 12.96 -37.91
N LEU F 44 8.56 12.79 -37.24
CA LEU F 44 7.79 11.57 -37.40
C LEU F 44 7.14 11.47 -38.77
N THR F 45 6.89 12.60 -39.43
CA THR F 45 6.32 12.56 -40.76
C THR F 45 7.37 12.25 -41.81
N ASN F 46 8.56 12.84 -41.70
CA ASN F 46 9.59 12.61 -42.70
C ASN F 46 10.17 11.21 -42.62
N ASN F 47 10.10 10.56 -41.45
CA ASN F 47 10.66 9.23 -41.25
C ASN F 47 9.57 8.19 -41.03
N ALA F 48 8.38 8.41 -41.60
CA ALA F 48 7.23 7.58 -41.27
C ALA F 48 7.40 6.15 -41.76
N GLN F 49 7.83 5.98 -43.01
CA GLN F 49 7.92 4.63 -43.58
C GLN F 49 8.95 3.78 -42.85
N GLN F 50 10.10 4.37 -42.50
CA GLN F 50 11.13 3.64 -41.77
C GLN F 50 10.62 3.20 -40.40
N LEU F 51 9.98 4.11 -39.67
CA LEU F 51 9.45 3.78 -38.35
C LEU F 51 8.36 2.71 -38.45
N ILE F 52 7.53 2.78 -39.49
CA ILE F 52 6.46 1.80 -39.65
C ILE F 52 7.03 0.42 -39.93
N ASP F 53 8.01 0.34 -40.84
CA ASP F 53 8.65 -0.94 -41.15
C ASP F 53 9.32 -1.52 -39.90
N GLY F 54 10.05 -0.67 -39.16
CA GLY F 54 10.74 -1.15 -37.97
C GLY F 54 9.78 -1.64 -36.90
N ALA F 55 8.68 -0.91 -36.69
CA ALA F 55 7.71 -1.32 -35.68
C ALA F 55 7.00 -2.61 -36.07
N ALA F 56 6.65 -2.75 -37.36
CA ALA F 56 6.06 -4.00 -37.81
C ALA F 56 7.02 -5.16 -37.60
N ASN F 57 8.30 -4.97 -37.91
CA ASN F 57 9.27 -6.04 -37.71
C ASN F 57 9.44 -6.37 -36.22
N ALA F 58 9.38 -5.34 -35.36
CA ALA F 58 9.44 -5.59 -33.93
C ALA F 58 8.25 -6.43 -33.46
N VAL F 59 7.06 -6.13 -33.98
CA VAL F 59 5.88 -6.93 -33.64
C VAL F 59 6.06 -8.36 -34.12
N TYR F 60 6.56 -8.52 -35.35
CA TYR F 60 6.74 -9.86 -35.90
C TYR F 60 7.73 -10.67 -35.07
N GLN F 61 8.80 -10.02 -34.59
CA GLN F 61 9.80 -10.73 -33.81
C GLN F 61 9.32 -11.05 -32.40
N LYS F 62 8.58 -10.13 -31.77
CA LYS F 62 8.09 -10.40 -30.42
C LYS F 62 6.98 -11.45 -30.43
N PHE F 63 6.10 -11.41 -31.44
CA PHE F 63 5.00 -12.37 -31.59
C PHE F 63 5.20 -13.13 -32.89
N PRO F 64 6.01 -14.19 -32.87
CA PRO F 64 6.36 -14.86 -34.14
C PRO F 64 5.18 -15.51 -34.85
N TYR F 65 4.19 -16.00 -34.10
CA TYR F 65 3.05 -16.66 -34.71
C TYR F 65 2.33 -15.78 -35.73
N THR F 66 2.55 -14.47 -35.69
CA THR F 66 1.88 -13.58 -36.63
C THR F 66 2.43 -13.68 -38.04
N THR F 67 3.61 -14.29 -38.22
CA THR F 67 4.19 -14.42 -39.55
C THR F 67 4.21 -15.86 -40.06
N GLN F 68 3.73 -16.81 -39.27
CA GLN F 68 3.76 -18.22 -39.66
C GLN F 68 2.37 -18.84 -39.77
N MET F 69 1.51 -18.60 -38.79
CA MET F 69 0.16 -19.16 -38.85
C MET F 69 -0.67 -18.42 -39.89
N GLN F 70 -1.36 -19.16 -40.74
CA GLN F 70 -2.24 -18.56 -41.74
C GLN F 70 -3.47 -17.97 -41.05
N GLY F 71 -4.37 -17.42 -41.86
CA GLY F 71 -5.51 -16.73 -41.32
C GLY F 71 -5.49 -15.26 -41.69
N ALA F 72 -6.67 -14.67 -41.90
CA ALA F 72 -6.74 -13.29 -42.38
C ALA F 72 -6.16 -12.32 -41.36
N ASN F 73 -6.45 -12.53 -40.08
CA ASN F 73 -6.03 -11.61 -39.03
C ASN F 73 -4.52 -11.64 -38.77
N PHE F 74 -3.76 -12.46 -39.49
CA PHE F 74 -2.32 -12.55 -39.28
C PHE F 74 -1.57 -12.12 -40.54
N ALA F 75 -0.25 -12.03 -40.41
CA ALA F 75 0.59 -11.51 -41.48
C ALA F 75 1.48 -12.58 -42.09
N SER F 76 0.92 -13.73 -42.44
CA SER F 76 1.69 -14.75 -43.13
C SER F 76 1.93 -14.35 -44.59
N ASP F 77 0.88 -13.90 -45.26
CA ASP F 77 0.97 -13.46 -46.64
C ASP F 77 1.34 -11.98 -46.69
N SER F 78 1.40 -11.43 -47.91
CA SER F 78 1.71 -10.01 -48.07
C SER F 78 0.55 -9.12 -47.67
N ARG F 79 -0.69 -9.62 -47.81
CA ARG F 79 -1.86 -8.84 -47.43
C ARG F 79 -1.85 -8.54 -45.94
N GLY F 80 -1.46 -9.52 -45.12
CA GLY F 80 -1.43 -9.30 -43.68
C GLY F 80 -0.36 -8.29 -43.28
N LYS F 81 0.83 -8.41 -43.88
CA LYS F 81 1.90 -7.46 -43.58
C LYS F 81 1.53 -6.05 -44.01
N SER F 82 0.85 -5.92 -45.14
CA SER F 82 0.41 -4.61 -45.59
C SER F 82 -0.65 -4.04 -44.65
N LYS F 83 -1.58 -4.88 -44.18
CA LYS F 83 -2.59 -4.39 -43.24
C LYS F 83 -1.96 -3.97 -41.91
N CYS F 84 -0.92 -4.69 -41.48
CA CYS F 84 -0.22 -4.32 -40.24
C CYS F 84 0.48 -2.97 -40.40
N ALA F 85 1.22 -2.79 -41.49
CA ALA F 85 1.86 -1.50 -41.75
C ALA F 85 0.81 -0.40 -41.85
N ARG F 86 -0.37 -0.72 -42.42
CA ARG F 86 -1.44 0.26 -42.53
C ARG F 86 -1.94 0.69 -41.15
N ASP F 87 -2.12 -0.26 -40.24
CA ASP F 87 -2.56 0.10 -38.88
C ASP F 87 -1.51 0.94 -38.15
N ILE F 88 -0.23 0.57 -38.29
CA ILE F 88 0.81 1.34 -37.63
C ILE F 88 0.87 2.76 -38.19
N GLY F 89 0.66 2.89 -39.51
CA GLY F 89 0.56 4.21 -40.09
C GLY F 89 -0.62 5.00 -39.56
N TYR F 90 -1.77 4.33 -39.35
CA TYR F 90 -2.89 4.97 -38.67
C TYR F 90 -2.45 5.61 -37.37
N TYR F 91 -1.81 4.80 -36.51
CA TYR F 91 -1.39 5.29 -35.20
C TYR F 91 -0.46 6.48 -35.32
N LEU F 92 0.58 6.34 -36.15
CA LEU F 92 1.57 7.42 -36.27
C LEU F 92 0.95 8.69 -36.82
N ARG F 93 0.08 8.57 -37.84
CA ARG F 93 -0.59 9.73 -38.41
C ARG F 93 -1.42 10.46 -37.36
N ILE F 94 -2.19 9.72 -36.58
CA ILE F 94 -3.07 10.40 -35.63
C ILE F 94 -2.27 11.01 -34.49
N ILE F 95 -1.13 10.42 -34.13
CA ILE F 95 -0.33 11.09 -33.10
C ILE F 95 0.38 12.32 -33.67
N THR F 96 0.71 12.33 -34.97
CA THR F 96 1.23 13.57 -35.55
C THR F 96 0.15 14.65 -35.54
N TYR F 97 -1.09 14.28 -35.83
CA TYR F 97 -2.21 15.21 -35.68
C TYR F 97 -2.26 15.77 -34.26
N SER F 98 -2.18 14.89 -33.26
CA SER F 98 -2.25 15.35 -31.87
C SER F 98 -1.06 16.25 -31.51
N LEU F 99 0.11 15.97 -32.09
CA LEU F 99 1.27 16.84 -31.88
C LEU F 99 1.00 18.23 -32.44
N VAL F 100 0.49 18.30 -33.67
CA VAL F 100 0.22 19.58 -34.30
C VAL F 100 -0.85 20.35 -33.52
N ALA F 101 -1.85 19.64 -33.00
CA ALA F 101 -2.94 20.26 -32.27
C ALA F 101 -2.58 20.58 -30.82
N GLY F 102 -1.48 20.05 -30.30
CA GLY F 102 -1.10 20.31 -28.93
C GLY F 102 -2.06 19.77 -27.90
N GLY F 103 -2.72 18.67 -28.20
CA GLY F 103 -3.68 18.09 -27.26
C GLY F 103 -4.09 16.70 -27.71
N THR F 104 -4.77 16.00 -26.81
CA THR F 104 -5.22 14.64 -27.06
C THR F 104 -6.51 14.58 -27.87
N GLY F 105 -6.98 15.70 -28.41
CA GLY F 105 -8.19 15.76 -29.17
C GLY F 105 -8.24 14.80 -30.35
N PRO F 106 -7.31 14.93 -31.30
CA PRO F 106 -7.31 14.02 -32.46
C PRO F 106 -7.15 12.56 -32.09
N LEU F 107 -6.33 12.25 -31.08
CA LEU F 107 -6.19 10.87 -30.65
C LEU F 107 -7.50 10.32 -30.09
N ASP F 108 -8.20 11.12 -29.28
CA ASP F 108 -9.48 10.69 -28.73
C ASP F 108 -10.52 10.51 -29.82
N GLU F 109 -10.57 11.44 -30.78
CA GLU F 109 -11.65 11.44 -31.75
C GLU F 109 -11.43 10.40 -32.85
N TYR F 110 -10.21 10.30 -33.38
CA TYR F 110 -9.95 9.46 -34.55
C TYR F 110 -9.46 8.06 -34.20
N LEU F 111 -8.98 7.83 -32.98
CA LEU F 111 -8.35 6.55 -32.69
C LEU F 111 -8.96 5.84 -31.49
N ILE F 112 -8.97 6.49 -30.32
CA ILE F 112 -9.25 5.77 -29.08
C ILE F 112 -10.71 5.35 -29.02
N ALA F 113 -11.62 6.21 -29.49
CA ALA F 113 -13.05 5.92 -29.41
C ALA F 113 -13.41 4.68 -30.22
N GLY F 114 -13.65 3.57 -29.53
CA GLY F 114 -13.99 2.32 -30.19
C GLY F 114 -12.82 1.45 -30.57
N LEU F 115 -11.61 1.76 -30.08
CA LEU F 115 -10.43 0.99 -30.45
C LEU F 115 -10.51 -0.44 -29.95
N ASP F 116 -11.02 -0.64 -28.74
CA ASP F 116 -11.14 -1.99 -28.20
C ASP F 116 -12.12 -2.83 -29.02
N GLU F 117 -13.23 -2.22 -29.43
CA GLU F 117 -14.19 -2.94 -30.28
C GLU F 117 -13.58 -3.24 -31.65
N ILE F 118 -12.76 -2.33 -32.17
CA ILE F 118 -12.06 -2.59 -33.43
C ILE F 118 -11.14 -3.79 -33.29
N ASN F 119 -10.34 -3.80 -32.23
CA ASN F 119 -9.38 -4.89 -32.05
C ASN F 119 -10.06 -6.21 -31.77
N ARG F 120 -11.20 -6.21 -31.08
CA ARG F 120 -11.88 -7.46 -30.76
C ARG F 120 -12.70 -7.98 -31.94
N THR F 121 -13.28 -7.09 -32.74
CA THR F 121 -14.06 -7.53 -33.88
C THR F 121 -13.20 -8.28 -34.90
N PHE F 122 -12.02 -7.76 -35.19
CA PHE F 122 -11.13 -8.36 -36.17
C PHE F 122 -10.00 -9.14 -35.51
N ASP F 123 -10.12 -9.45 -34.23
CA ASP F 123 -9.20 -10.35 -33.52
C ASP F 123 -7.76 -9.85 -33.59
N LEU F 124 -7.58 -8.57 -33.33
CA LEU F 124 -6.25 -7.96 -33.29
C LEU F 124 -5.83 -7.82 -31.82
N SER F 125 -4.61 -8.23 -31.52
CA SER F 125 -4.11 -8.16 -30.15
C SER F 125 -3.58 -6.76 -29.87
N PRO F 126 -3.98 -6.14 -28.75
CA PRO F 126 -3.45 -4.81 -28.43
C PRO F 126 -1.97 -4.82 -28.10
N SER F 127 -1.43 -5.96 -27.66
CA SER F 127 0.01 -6.03 -27.36
C SER F 127 0.85 -5.80 -28.62
N TRP F 128 0.33 -6.21 -29.79
CA TRP F 128 1.02 -5.92 -31.05
C TRP F 128 1.29 -4.43 -31.17
N TYR F 129 0.22 -3.63 -31.07
CA TYR F 129 0.35 -2.20 -31.25
C TYR F 129 1.10 -1.55 -30.10
N VAL F 130 1.00 -2.12 -28.89
CA VAL F 130 1.82 -1.64 -27.78
C VAL F 130 3.30 -1.78 -28.11
N GLU F 131 3.70 -2.94 -28.63
CA GLU F 131 5.10 -3.15 -28.97
C GLU F 131 5.53 -2.26 -30.12
N ALA F 132 4.66 -2.07 -31.12
CA ALA F 132 4.96 -1.17 -32.22
C ALA F 132 5.19 0.25 -31.74
N LEU F 133 4.32 0.72 -30.83
CA LEU F 133 4.48 2.06 -30.29
C LEU F 133 5.73 2.17 -29.43
N LYS F 134 6.09 1.10 -28.71
CA LYS F 134 7.36 1.11 -27.96
C LYS F 134 8.54 1.27 -28.90
N TYR F 135 8.52 0.56 -30.04
CA TYR F 135 9.60 0.72 -31.01
C TYR F 135 9.66 2.16 -31.53
N ILE F 136 8.50 2.73 -31.85
CA ILE F 136 8.48 4.11 -32.34
C ILE F 136 9.06 5.05 -31.28
N LYS F 137 8.64 4.88 -30.02
CA LYS F 137 9.16 5.72 -28.95
C LYS F 137 10.67 5.60 -28.83
N ALA F 138 11.19 4.38 -28.99
CA ALA F 138 12.62 4.15 -28.83
C ALA F 138 13.43 4.55 -30.06
N ASN F 139 12.80 4.83 -31.20
CA ASN F 139 13.57 5.07 -32.41
C ASN F 139 13.13 6.35 -33.14
N HIS F 140 12.58 7.32 -32.43
CA HIS F 140 12.19 8.55 -33.11
C HIS F 140 13.35 9.50 -33.35
N GLY F 141 14.48 9.30 -32.66
CA GLY F 141 15.66 10.11 -32.90
C GLY F 141 15.57 11.55 -32.45
N LEU F 142 14.60 11.86 -31.59
CA LEU F 142 14.36 13.22 -31.13
C LEU F 142 15.06 13.48 -29.81
N SER F 143 15.33 14.75 -29.56
CA SER F 143 15.97 15.20 -28.33
C SER F 143 15.24 16.43 -27.81
N GLY F 144 15.29 16.62 -26.50
CA GLY F 144 14.75 17.81 -25.88
C GLY F 144 13.24 17.81 -25.75
N GLN F 145 12.63 18.98 -25.93
CA GLN F 145 11.19 19.09 -25.74
C GLN F 145 10.41 18.34 -26.81
N ALA F 146 10.96 18.25 -28.03
CA ALA F 146 10.28 17.50 -29.08
C ALA F 146 10.12 16.04 -28.70
N ALA F 147 11.18 15.45 -28.14
CA ALA F 147 11.07 14.09 -27.62
C ALA F 147 10.02 13.99 -26.52
N ASN F 148 9.93 15.02 -25.68
CA ASN F 148 8.94 15.01 -24.60
C ASN F 148 7.53 14.97 -25.15
N GLU F 149 7.23 15.81 -26.15
CA GLU F 149 5.90 15.84 -26.74
C GLU F 149 5.57 14.52 -27.42
N ALA F 150 6.49 14.05 -28.29
CA ALA F 150 6.26 12.78 -28.98
C ALA F 150 6.05 11.65 -27.99
N ASN F 151 6.84 11.61 -26.92
CA ASN F 151 6.71 10.54 -25.95
C ASN F 151 5.39 10.62 -25.21
N THR F 152 4.96 11.83 -24.83
CA THR F 152 3.69 11.96 -24.13
C THR F 152 2.54 11.44 -24.97
N TYR F 153 2.51 11.78 -26.26
CA TYR F 153 1.39 11.32 -27.07
C TYR F 153 1.49 9.83 -27.39
N ILE F 154 2.70 9.31 -27.59
CA ILE F 154 2.87 7.88 -27.81
C ILE F 154 2.43 7.09 -26.58
N ASP F 155 2.82 7.57 -25.39
CA ASP F 155 2.41 6.92 -24.15
C ASP F 155 0.91 7.04 -23.92
N TYR F 156 0.30 8.15 -24.36
CA TYR F 156 -1.15 8.27 -24.30
C TYR F 156 -1.82 7.18 -25.12
N ALA F 157 -1.35 6.99 -26.35
CA ALA F 157 -1.88 5.89 -27.17
C ALA F 157 -1.66 4.54 -26.50
N ILE F 158 -0.44 4.31 -25.98
CA ILE F 158 -0.11 3.03 -25.35
C ILE F 158 -1.06 2.76 -24.19
N ASN F 159 -1.33 3.78 -23.37
CA ASN F 159 -2.20 3.59 -22.22
C ASN F 159 -3.65 3.42 -22.65
N ALA F 160 -4.05 4.05 -23.77
CA ALA F 160 -5.36 3.77 -24.34
C ALA F 160 -5.50 2.30 -24.71
N LEU F 161 -4.43 1.71 -25.25
CA LEU F 161 -4.48 0.28 -25.56
C LEU F 161 -4.36 -0.59 -24.32
N SER F 162 -3.91 -0.03 -23.20
CA SER F 162 -3.71 -0.82 -21.99
C SER F 162 -4.93 -0.74 -21.07
N MET G 1 1.99 -36.31 -17.85
CA MET G 1 2.50 -36.10 -16.50
C MET G 1 3.78 -36.89 -16.30
N LYS G 2 4.37 -36.75 -15.11
CA LYS G 2 5.76 -37.11 -14.88
C LYS G 2 5.91 -37.63 -13.44
N THR G 3 5.99 -38.94 -13.29
CA THR G 3 6.20 -39.60 -12.01
C THR G 3 7.36 -40.58 -12.15
N PRO G 4 7.92 -41.06 -11.03
CA PRO G 4 8.95 -42.11 -11.14
C PRO G 4 8.46 -43.34 -11.87
N ILE G 5 7.19 -43.69 -11.70
CA ILE G 5 6.60 -44.78 -12.48
C ILE G 5 6.67 -44.47 -13.97
N THR G 6 6.26 -43.26 -14.35
CA THR G 6 6.28 -42.87 -15.76
C THR G 6 7.70 -42.78 -16.30
N GLU G 7 8.62 -42.23 -15.50
CA GLU G 7 10.04 -42.24 -15.87
C GLU G 7 10.51 -43.66 -16.18
N ALA G 8 10.24 -44.60 -15.27
CA ALA G 8 10.68 -45.98 -15.47
C ALA G 8 10.08 -46.57 -16.75
N ILE G 9 8.77 -46.41 -16.92
CA ILE G 9 8.10 -47.04 -18.06
C ILE G 9 8.57 -46.40 -19.37
N ALA G 10 8.77 -45.09 -19.39
CA ALA G 10 9.19 -44.41 -20.61
C ALA G 10 10.62 -44.77 -20.96
N ALA G 11 11.50 -44.87 -19.97
CA ALA G 11 12.88 -45.27 -20.25
C ALA G 11 12.95 -46.73 -20.66
N ALA G 12 12.01 -47.56 -20.21
CA ALA G 12 12.03 -48.96 -20.62
C ALA G 12 11.48 -49.14 -22.03
N ASP G 13 10.42 -48.40 -22.38
CA ASP G 13 9.83 -48.56 -23.70
C ASP G 13 10.69 -47.96 -24.80
N THR G 14 11.52 -46.98 -24.47
CA THR G 14 12.40 -46.39 -25.47
C THR G 14 13.48 -47.36 -25.92
N GLN G 15 13.82 -48.36 -25.11
CA GLN G 15 14.81 -49.36 -25.45
C GLN G 15 14.19 -50.72 -25.76
N GLY G 16 12.87 -50.80 -25.89
CA GLY G 16 12.21 -52.04 -26.23
C GLY G 16 12.48 -53.18 -25.26
N ARG G 17 12.83 -52.88 -24.02
CA ARG G 17 13.24 -53.87 -23.04
C ARG G 17 12.25 -53.87 -21.87
N PHE G 18 12.41 -54.86 -21.00
CA PHE G 18 11.60 -54.94 -19.79
C PHE G 18 12.08 -53.90 -18.77
N LEU G 19 11.69 -54.05 -17.51
CA LEU G 19 12.12 -53.12 -16.46
C LEU G 19 13.33 -53.69 -15.74
N SER G 20 14.40 -52.89 -15.68
CA SER G 20 15.60 -53.32 -14.99
C SER G 20 15.37 -53.41 -13.49
N ASN G 21 16.22 -54.19 -12.82
CA ASN G 21 16.08 -54.38 -11.38
C ASN G 21 16.25 -53.06 -10.62
N THR G 22 17.11 -52.17 -11.13
CA THR G 22 17.22 -50.85 -10.53
C THR G 22 15.92 -50.08 -10.64
N GLU G 23 15.27 -50.14 -11.81
CA GLU G 23 13.99 -49.47 -11.98
C GLU G 23 12.92 -50.06 -11.08
N LEU G 24 12.90 -51.39 -10.95
CA LEU G 24 11.92 -52.03 -10.07
C LEU G 24 12.17 -51.66 -8.61
N GLN G 25 13.43 -51.52 -8.22
CA GLN G 25 13.74 -51.11 -6.86
C GLN G 25 13.35 -49.65 -6.62
N ALA G 26 13.53 -48.79 -7.61
CA ALA G 26 13.07 -47.41 -7.49
C ALA G 26 11.54 -47.36 -7.33
N VAL G 27 10.83 -48.16 -8.12
CA VAL G 27 9.37 -48.22 -8.00
C VAL G 27 8.96 -48.70 -6.62
N ASN G 28 9.66 -49.73 -6.11
CA ASN G 28 9.35 -50.24 -4.78
C ASN G 28 9.64 -49.21 -3.70
N GLY G 29 10.69 -48.40 -3.88
CA GLY G 29 10.96 -47.35 -2.91
C GLY G 29 9.90 -46.27 -2.92
N ARG G 30 9.43 -45.90 -4.10
CA ARG G 30 8.29 -44.99 -4.19
C ARG G 30 7.09 -45.55 -3.45
N PHE G 31 6.80 -46.84 -3.66
CA PHE G 31 5.69 -47.47 -2.95
C PHE G 31 5.92 -47.49 -1.44
N GLU G 32 7.18 -47.62 -1.01
CA GLU G 32 7.47 -47.55 0.42
C GLU G 32 7.14 -46.17 0.98
N ARG G 33 7.46 -45.11 0.21
CA ARG G 33 7.19 -43.76 0.67
C ARG G 33 5.72 -43.36 0.53
N ALA G 34 4.94 -44.11 -0.25
CA ALA G 34 3.57 -43.71 -0.58
C ALA G 34 2.72 -43.46 0.65
N ALA G 35 2.89 -44.27 1.70
CA ALA G 35 2.01 -44.16 2.88
C ALA G 35 2.22 -42.83 3.60
N ALA G 36 3.47 -42.50 3.90
CA ALA G 36 3.75 -41.22 4.56
C ALA G 36 3.40 -40.05 3.65
N SER G 37 3.60 -40.22 2.33
CA SER G 37 3.22 -39.17 1.39
C SER G 37 1.71 -38.90 1.46
N MET G 38 0.91 -39.97 1.53
CA MET G 38 -0.54 -39.83 1.62
C MET G 38 -0.93 -39.11 2.90
N GLU G 39 -0.33 -39.50 4.03
CA GLU G 39 -0.66 -38.85 5.29
C GLU G 39 -0.32 -37.36 5.24
N ALA G 40 0.85 -37.01 4.69
CA ALA G 40 1.23 -35.62 4.59
C ALA G 40 0.29 -34.85 3.67
N ALA G 41 -0.09 -35.43 2.54
CA ALA G 41 -1.00 -34.76 1.62
C ALA G 41 -2.35 -34.50 2.27
N ARG G 42 -2.89 -35.50 2.97
CA ARG G 42 -4.15 -35.31 3.69
C ARG G 42 -4.02 -34.20 4.72
N ALA G 43 -2.93 -34.21 5.49
CA ALA G 43 -2.76 -33.20 6.53
C ALA G 43 -2.68 -31.80 5.94
N LEU G 44 -1.90 -31.62 4.87
CA LEU G 44 -1.79 -30.30 4.25
C LEU G 44 -3.09 -29.87 3.59
N THR G 45 -3.86 -30.82 3.07
CA THR G 45 -5.13 -30.47 2.43
C THR G 45 -6.18 -30.03 3.45
N ASN G 46 -6.35 -30.81 4.52
CA ASN G 46 -7.39 -30.49 5.49
C ASN G 46 -7.12 -29.17 6.20
N ASN G 47 -5.85 -28.81 6.40
CA ASN G 47 -5.49 -27.58 7.08
C ASN G 47 -5.01 -26.50 6.11
N ALA G 48 -5.57 -26.47 4.90
CA ALA G 48 -5.08 -25.54 3.89
C ALA G 48 -5.34 -24.10 4.29
N GLN G 49 -6.55 -23.80 4.77
CA GLN G 49 -6.90 -22.41 5.10
C GLN G 49 -5.95 -21.84 6.15
N GLN G 50 -5.75 -22.57 7.25
CA GLN G 50 -4.92 -22.09 8.34
C GLN G 50 -3.47 -21.91 7.89
N LEU G 51 -2.93 -22.91 7.20
CA LEU G 51 -1.55 -22.82 6.72
C LEU G 51 -1.38 -21.63 5.78
N ILE G 52 -2.31 -21.45 4.83
CA ILE G 52 -2.19 -20.38 3.85
C ILE G 52 -2.26 -19.02 4.53
N ASP G 53 -3.23 -18.84 5.43
CA ASP G 53 -3.38 -17.55 6.11
C ASP G 53 -2.19 -17.26 7.03
N GLY G 54 -1.71 -18.28 7.74
CA GLY G 54 -0.55 -18.06 8.60
C GLY G 54 0.70 -17.73 7.81
N ALA G 55 0.89 -18.38 6.66
CA ALA G 55 2.02 -18.05 5.81
C ALA G 55 1.90 -16.62 5.27
N ALA G 56 0.68 -16.22 4.88
CA ALA G 56 0.48 -14.85 4.41
C ALA G 56 0.84 -13.84 5.49
N ASN G 57 0.38 -14.08 6.72
CA ASN G 57 0.69 -13.16 7.81
C ASN G 57 2.19 -13.18 8.12
N ALA G 58 2.84 -14.35 8.04
CA ALA G 58 4.27 -14.41 8.29
C ALA G 58 5.05 -13.59 7.27
N VAL G 59 4.68 -13.70 5.98
CA VAL G 59 5.32 -12.87 4.97
C VAL G 59 5.05 -11.40 5.23
N TYR G 60 3.83 -11.05 5.63
CA TYR G 60 3.50 -9.66 5.89
C TYR G 60 4.35 -9.09 7.02
N GLN G 61 4.59 -9.88 8.06
CA GLN G 61 5.42 -9.41 9.16
C GLN G 61 6.90 -9.35 8.77
N LYS G 62 7.37 -10.32 7.98
CA LYS G 62 8.77 -10.31 7.55
C LYS G 62 9.05 -9.16 6.58
N PHE G 63 8.09 -8.81 5.73
CA PHE G 63 8.23 -7.72 4.77
C PHE G 63 7.05 -6.77 4.96
N PRO G 64 7.12 -5.88 5.95
CA PRO G 64 5.99 -4.96 6.17
C PRO G 64 5.76 -4.00 5.01
N TYR G 65 6.79 -3.71 4.23
CA TYR G 65 6.64 -2.79 3.10
C TYR G 65 5.61 -3.27 2.10
N THR G 66 5.34 -4.59 2.05
CA THR G 66 4.34 -5.11 1.12
C THR G 66 2.92 -4.69 1.50
N THR G 67 2.68 -4.32 2.76
CA THR G 67 1.33 -3.94 3.20
C THR G 67 1.15 -2.43 3.24
N GLN G 68 2.11 -1.67 2.77
CA GLN G 68 1.98 -0.22 2.77
C GLN G 68 2.27 0.41 1.42
N MET G 69 3.25 -0.10 0.68
CA MET G 69 3.59 0.49 -0.60
C MET G 69 2.47 0.31 -1.62
N GLN G 70 2.17 1.38 -2.35
CA GLN G 70 1.16 1.34 -3.39
C GLN G 70 1.70 0.61 -4.62
N GLY G 71 0.78 0.01 -5.37
CA GLY G 71 1.12 -0.71 -6.57
C GLY G 71 0.36 -2.02 -6.65
N ALA G 72 0.33 -2.59 -7.86
CA ALA G 72 -0.40 -3.83 -8.07
C ALA G 72 0.31 -5.01 -7.43
N ASN G 73 1.65 -5.04 -7.50
CA ASN G 73 2.41 -6.18 -7.02
C ASN G 73 2.45 -6.27 -5.49
N PHE G 74 1.93 -5.27 -4.78
CA PHE G 74 1.96 -5.25 -3.33
C PHE G 74 0.56 -5.46 -2.77
N ALA G 75 0.50 -5.99 -1.55
CA ALA G 75 -0.77 -6.31 -0.90
C ALA G 75 -1.19 -5.21 0.07
N SER G 76 -1.27 -3.97 -0.41
CA SER G 76 -1.76 -2.87 0.42
C SER G 76 -3.27 -2.89 0.59
N ASP G 77 -4.00 -3.49 -0.35
CA ASP G 77 -5.46 -3.52 -0.34
C ASP G 77 -5.95 -4.95 -0.20
N SER G 78 -7.26 -5.14 -0.32
CA SER G 78 -7.85 -6.46 -0.14
C SER G 78 -7.50 -7.39 -1.29
N ARG G 79 -7.51 -6.88 -2.52
CA ARG G 79 -7.25 -7.71 -3.68
C ARG G 79 -5.81 -8.20 -3.72
N GLY G 80 -4.86 -7.37 -3.28
CA GLY G 80 -3.48 -7.80 -3.22
C GLY G 80 -3.26 -8.91 -2.20
N LYS G 81 -3.87 -8.77 -1.02
CA LYS G 81 -3.78 -9.84 -0.02
C LYS G 81 -4.46 -11.12 -0.52
N SER G 82 -5.57 -10.97 -1.25
CA SER G 82 -6.23 -12.14 -1.82
C SER G 82 -5.32 -12.85 -2.81
N LYS G 83 -4.64 -12.08 -3.68
CA LYS G 83 -3.74 -12.68 -4.65
C LYS G 83 -2.55 -13.35 -3.95
N CYS G 84 -2.05 -12.74 -2.88
CA CYS G 84 -0.96 -13.35 -2.11
C CYS G 84 -1.38 -14.69 -1.52
N ALA G 85 -2.52 -14.70 -0.82
CA ALA G 85 -3.03 -15.96 -0.28
C ALA G 85 -3.25 -16.99 -1.37
N ARG G 86 -3.74 -16.56 -2.54
CA ARG G 86 -4.00 -17.49 -3.63
C ARG G 86 -2.71 -18.09 -4.17
N ASP G 87 -1.64 -17.29 -4.26
CA ASP G 87 -0.35 -17.82 -4.67
C ASP G 87 0.18 -18.84 -3.67
N ILE G 88 0.06 -18.53 -2.37
CA ILE G 88 0.47 -19.51 -1.36
C ILE G 88 -0.33 -20.80 -1.49
N GLY G 89 -1.62 -20.67 -1.78
CA GLY G 89 -2.43 -21.85 -2.01
C GLY G 89 -2.01 -22.63 -3.23
N TYR G 90 -1.59 -21.92 -4.28
CA TYR G 90 -0.99 -22.57 -5.44
C TYR G 90 0.18 -23.46 -5.01
N TYR G 91 1.11 -22.87 -4.26
CA TYR G 91 2.29 -23.63 -3.82
C TYR G 91 1.89 -24.86 -3.03
N LEU G 92 0.99 -24.68 -2.05
CA LEU G 92 0.56 -25.80 -1.21
C LEU G 92 -0.12 -26.89 -2.04
N ARG G 93 -0.99 -26.49 -2.97
CA ARG G 93 -1.70 -27.44 -3.81
C ARG G 93 -0.74 -28.27 -4.66
N ILE G 94 0.24 -27.60 -5.30
CA ILE G 94 1.18 -28.34 -6.14
C ILE G 94 2.07 -29.22 -5.27
N ILE G 95 2.36 -28.81 -4.04
CA ILE G 95 3.13 -29.66 -3.14
C ILE G 95 2.35 -30.94 -2.82
N THR G 96 1.04 -30.82 -2.58
CA THR G 96 0.23 -32.02 -2.36
C THR G 96 0.21 -32.90 -3.60
N TYR G 97 0.10 -32.28 -4.77
CA TYR G 97 0.20 -33.02 -6.03
C TYR G 97 1.48 -33.86 -6.07
N SER G 98 2.61 -33.22 -5.77
CA SER G 98 3.89 -33.91 -5.82
C SER G 98 3.97 -35.03 -4.78
N LEU G 99 3.42 -34.78 -3.59
CA LEU G 99 3.35 -35.82 -2.57
C LEU G 99 2.60 -37.04 -3.09
N VAL G 100 1.48 -36.81 -3.79
CA VAL G 100 0.73 -37.92 -4.34
C VAL G 100 1.49 -38.61 -5.48
N ALA G 101 2.26 -37.83 -6.24
CA ALA G 101 3.01 -38.40 -7.36
C ALA G 101 4.28 -39.13 -6.94
N GLY G 102 4.77 -38.88 -5.74
CA GLY G 102 6.02 -39.50 -5.31
C GLY G 102 7.27 -38.89 -5.91
N GLY G 103 7.14 -37.76 -6.61
CA GLY G 103 8.27 -37.09 -7.20
C GLY G 103 7.97 -35.61 -7.35
N THR G 104 8.94 -34.88 -7.91
CA THR G 104 8.80 -33.45 -8.09
C THR G 104 8.25 -33.07 -9.46
N GLY G 105 7.83 -34.05 -10.25
CA GLY G 105 7.26 -33.83 -11.56
C GLY G 105 6.18 -32.75 -11.59
N PRO G 106 5.17 -32.88 -10.73
CA PRO G 106 4.13 -31.82 -10.67
C PRO G 106 4.68 -30.45 -10.35
N LEU G 107 5.63 -30.34 -9.43
CA LEU G 107 6.20 -29.03 -9.12
C LEU G 107 6.93 -28.47 -10.35
N ASP G 108 7.67 -29.32 -11.06
CA ASP G 108 8.40 -28.86 -12.24
C ASP G 108 7.46 -28.41 -13.33
N GLU G 109 6.38 -29.16 -13.59
CA GLU G 109 5.53 -28.87 -14.73
C GLU G 109 4.54 -27.76 -14.44
N TYR G 110 3.95 -27.75 -13.24
CA TYR G 110 2.87 -26.84 -12.91
C TYR G 110 3.33 -25.54 -12.27
N LEU G 111 4.49 -25.56 -11.60
CA LEU G 111 4.92 -24.41 -10.82
C LEU G 111 6.25 -23.84 -11.29
N ILE G 112 7.31 -24.65 -11.37
CA ILE G 112 8.64 -24.10 -11.66
C ILE G 112 8.73 -23.61 -13.09
N ALA G 113 8.02 -24.24 -14.02
CA ALA G 113 8.06 -23.84 -15.43
C ALA G 113 7.44 -22.46 -15.59
N GLY G 114 8.27 -21.47 -15.91
CA GLY G 114 7.80 -20.11 -16.09
C GLY G 114 7.61 -19.32 -14.82
N LEU G 115 8.11 -19.80 -13.69
CA LEU G 115 7.91 -19.09 -12.42
C LEU G 115 8.73 -17.81 -12.36
N ASP G 116 9.99 -17.86 -12.80
CA ASP G 116 10.84 -16.67 -12.73
C ASP G 116 10.35 -15.58 -13.68
N GLU G 117 9.88 -15.97 -14.87
CA GLU G 117 9.29 -15.00 -15.78
C GLU G 117 8.05 -14.36 -15.16
N ILE G 118 7.25 -15.15 -14.46
CA ILE G 118 6.04 -14.62 -13.81
C ILE G 118 6.43 -13.62 -12.73
N ASN G 119 7.42 -13.97 -11.90
CA ASN G 119 7.80 -13.09 -10.80
C ASN G 119 8.43 -11.81 -11.31
N ARG G 120 9.20 -11.88 -12.40
CA ARG G 120 9.85 -10.68 -12.91
C ARG G 120 8.89 -9.80 -13.71
N THR G 121 7.89 -10.40 -14.38
CA THR G 121 6.95 -9.61 -15.16
C THR G 121 6.00 -8.82 -14.25
N PHE G 122 5.55 -9.44 -13.17
CA PHE G 122 4.62 -8.81 -12.23
C PHE G 122 5.31 -8.27 -10.98
N ASP G 123 6.64 -8.23 -10.96
CA ASP G 123 7.42 -7.62 -9.88
C ASP G 123 7.11 -8.27 -8.53
N LEU G 124 7.08 -9.60 -8.53
CA LEU G 124 6.90 -10.38 -7.30
C LEU G 124 8.24 -10.90 -6.83
N SER G 125 8.49 -10.75 -5.52
CA SER G 125 9.80 -11.15 -4.99
C SER G 125 9.76 -12.60 -4.52
N PRO G 126 10.74 -13.42 -4.92
CA PRO G 126 10.76 -14.82 -4.47
C PRO G 126 11.00 -14.97 -2.98
N SER G 127 11.61 -13.98 -2.31
CA SER G 127 11.85 -14.08 -0.88
C SER G 127 10.55 -14.16 -0.09
N TRP G 128 9.51 -13.48 -0.58
CA TRP G 128 8.19 -13.57 0.06
C TRP G 128 7.72 -15.03 0.11
N TYR G 129 7.74 -15.70 -1.03
CA TYR G 129 7.27 -17.08 -1.08
C TYR G 129 8.24 -18.01 -0.36
N VAL G 130 9.51 -17.65 -0.29
CA VAL G 130 10.45 -18.43 0.52
C VAL G 130 10.05 -18.39 1.99
N GLU G 131 9.74 -17.19 2.48
CA GLU G 131 9.29 -17.06 3.87
C GLU G 131 7.98 -17.82 4.10
N ALA G 132 7.06 -17.75 3.13
CA ALA G 132 5.80 -18.49 3.24
C ALA G 132 6.05 -19.99 3.33
N LEU G 133 6.93 -20.50 2.47
CA LEU G 133 7.27 -21.92 2.51
C LEU G 133 7.94 -22.30 3.82
N LYS G 134 8.78 -21.41 4.37
CA LYS G 134 9.37 -21.67 5.68
C LYS G 134 8.29 -21.81 6.75
N TYR G 135 7.31 -20.90 6.74
CA TYR G 135 6.20 -21.01 7.68
C TYR G 135 5.46 -22.34 7.51
N ILE G 136 5.20 -22.73 6.26
CA ILE G 136 4.47 -23.98 6.03
C ILE G 136 5.26 -25.17 6.54
N LYS G 137 6.58 -25.17 6.28
CA LYS G 137 7.42 -26.26 6.77
C LYS G 137 7.46 -26.31 8.29
N ALA G 138 7.41 -25.15 8.94
CA ALA G 138 7.49 -25.10 10.40
C ALA G 138 6.15 -25.27 11.09
N ASN G 139 5.03 -25.24 10.38
CA ASN G 139 3.72 -25.26 11.04
C ASN G 139 2.76 -26.28 10.44
N HIS G 140 3.27 -27.34 9.82
CA HIS G 140 2.38 -28.35 9.26
C HIS G 140 2.01 -29.45 10.26
N GLY G 141 2.62 -29.44 11.44
CA GLY G 141 2.28 -30.38 12.49
C GLY G 141 2.70 -31.82 12.25
N LEU G 142 3.33 -32.13 11.12
CA LEU G 142 3.69 -33.50 10.82
C LEU G 142 4.95 -33.91 11.58
N SER G 143 5.18 -35.23 11.61
CA SER G 143 6.36 -35.79 12.25
C SER G 143 6.67 -37.13 11.60
N GLY G 144 7.88 -37.62 11.81
CA GLY G 144 8.24 -38.92 11.27
C GLY G 144 8.49 -38.87 9.78
N GLN G 145 8.11 -39.94 9.08
CA GLN G 145 8.37 -40.02 7.65
C GLN G 145 7.48 -39.07 6.85
N ALA G 146 6.29 -38.76 7.36
CA ALA G 146 5.40 -37.83 6.67
C ALA G 146 5.99 -36.43 6.63
N ALA G 147 6.49 -35.96 7.78
CA ALA G 147 7.19 -34.69 7.80
C ALA G 147 8.41 -34.73 6.88
N ASN G 148 9.06 -35.88 6.79
CA ASN G 148 10.21 -36.02 5.90
C ASN G 148 9.82 -35.76 4.45
N GLU G 149 8.78 -36.45 3.97
CA GLU G 149 8.34 -36.27 2.59
C GLU G 149 7.89 -34.84 2.32
N ALA G 150 7.00 -34.33 3.16
CA ALA G 150 6.53 -32.96 3.01
C ALA G 150 7.71 -31.98 2.97
N ASN G 151 8.72 -32.23 3.80
CA ASN G 151 9.86 -31.33 3.86
C ASN G 151 10.74 -31.43 2.62
N THR G 152 10.89 -32.64 2.06
CA THR G 152 11.62 -32.74 0.80
C THR G 152 10.97 -31.86 -0.26
N TYR G 153 9.65 -31.92 -0.37
CA TYR G 153 9.00 -31.17 -1.43
C TYR G 153 9.01 -29.66 -1.15
N ILE G 154 8.85 -29.28 0.12
CA ILE G 154 8.91 -27.86 0.48
C ILE G 154 10.30 -27.31 0.24
N ASP G 155 11.35 -28.08 0.58
CA ASP G 155 12.72 -27.63 0.36
C ASP G 155 13.06 -27.57 -1.12
N TYR G 156 12.50 -28.49 -1.92
CA TYR G 156 12.66 -28.40 -3.38
C TYR G 156 12.10 -27.09 -3.90
N ALA G 157 10.90 -26.72 -3.42
CA ALA G 157 10.31 -25.44 -3.82
C ALA G 157 11.19 -24.27 -3.37
N ILE G 158 11.70 -24.33 -2.14
CA ILE G 158 12.53 -23.24 -1.62
C ILE G 158 13.79 -23.08 -2.45
N ASN G 159 14.43 -24.20 -2.82
CA ASN G 159 15.65 -24.12 -3.61
C ASN G 159 15.36 -23.61 -5.02
N ALA G 160 14.25 -24.05 -5.61
CA ALA G 160 13.86 -23.52 -6.92
C ALA G 160 13.56 -22.04 -6.85
N LEU G 161 13.19 -21.52 -5.69
CA LEU G 161 12.96 -20.09 -5.53
C LEU G 161 14.22 -19.29 -5.23
N SER G 162 15.33 -19.96 -4.90
CA SER G 162 16.57 -19.27 -4.58
C SER G 162 17.59 -19.43 -5.70
N MET H 1 -25.41 22.22 24.98
CA MET H 1 -26.06 22.69 26.20
C MET H 1 -25.61 24.10 26.55
N LYS H 2 -24.29 24.31 26.58
CA LYS H 2 -23.72 25.62 26.85
C LYS H 2 -23.49 26.34 25.52
N THR H 3 -24.32 27.33 25.24
CA THR H 3 -24.20 28.20 24.08
C THR H 3 -24.12 29.65 24.55
N PRO H 4 -23.64 30.56 23.70
CA PRO H 4 -23.65 31.98 24.10
C PRO H 4 -25.02 32.47 24.54
N ILE H 5 -26.07 32.03 23.84
CA ILE H 5 -27.43 32.44 24.15
C ILE H 5 -27.84 31.93 25.53
N THR H 6 -27.73 30.61 25.74
CA THR H 6 -28.09 30.04 27.03
C THR H 6 -27.23 30.61 28.15
N GLU H 7 -25.96 30.89 27.85
CA GLU H 7 -25.08 31.48 28.87
C GLU H 7 -25.57 32.86 29.29
N ALA H 8 -25.92 33.70 28.30
CA ALA H 8 -26.46 35.03 28.63
C ALA H 8 -27.74 34.91 29.45
N ILE H 9 -28.66 34.04 29.02
CA ILE H 9 -29.94 33.94 29.72
C ILE H 9 -29.74 33.42 31.14
N ALA H 10 -28.85 32.44 31.31
CA ALA H 10 -28.62 31.87 32.63
C ALA H 10 -27.93 32.86 33.55
N ALA H 11 -27.03 33.68 33.00
CA ALA H 11 -26.40 34.72 33.81
C ALA H 11 -27.42 35.75 34.26
N ALA H 12 -28.37 36.09 33.38
CA ALA H 12 -29.38 37.07 33.76
C ALA H 12 -30.35 36.50 34.80
N ASP H 13 -30.77 35.25 34.63
CA ASP H 13 -31.81 34.70 35.50
C ASP H 13 -31.29 34.48 36.92
N THR H 14 -30.02 34.07 37.07
CA THR H 14 -29.47 33.80 38.40
C THR H 14 -29.44 35.05 39.26
N GLN H 15 -29.42 36.24 38.67
CA GLN H 15 -29.42 37.49 39.42
C GLN H 15 -30.77 38.19 39.42
N GLY H 16 -31.71 37.75 38.57
CA GLY H 16 -33.01 38.39 38.50
C GLY H 16 -33.02 39.71 37.75
N ARG H 17 -32.18 39.85 36.73
CA ARG H 17 -32.06 41.07 35.96
C ARG H 17 -32.42 40.81 34.50
N PHE H 18 -32.80 41.89 33.81
CA PHE H 18 -32.97 41.82 32.37
C PHE H 18 -31.62 41.66 31.68
N LEU H 19 -31.66 41.29 30.41
CA LEU H 19 -30.42 41.14 29.65
C LEU H 19 -29.72 42.48 29.49
N SER H 20 -28.46 42.54 29.91
CA SER H 20 -27.67 43.75 29.74
C SER H 20 -27.42 44.01 28.25
N ASN H 21 -27.11 45.26 27.92
CA ASN H 21 -26.89 45.64 26.53
C ASN H 21 -25.70 44.91 25.95
N THR H 22 -24.65 44.71 26.75
CA THR H 22 -23.49 43.96 26.29
C THR H 22 -23.87 42.53 25.94
N GLU H 23 -24.73 41.91 26.75
CA GLU H 23 -25.20 40.56 26.44
C GLU H 23 -25.98 40.53 25.13
N LEU H 24 -26.83 41.53 24.91
CA LEU H 24 -27.58 41.60 23.66
C LEU H 24 -26.63 41.74 22.47
N GLN H 25 -25.57 42.53 22.62
CA GLN H 25 -24.63 42.72 21.52
C GLN H 25 -23.83 41.44 21.27
N ALA H 26 -23.47 40.71 22.33
CA ALA H 26 -22.77 39.45 22.14
C ALA H 26 -23.65 38.42 21.43
N VAL H 27 -24.94 38.40 21.77
CA VAL H 27 -25.86 37.48 21.11
C VAL H 27 -26.05 37.87 19.64
N ASN H 28 -26.12 39.19 19.38
CA ASN H 28 -26.16 39.64 17.98
C ASN H 28 -24.91 39.25 17.24
N GLY H 29 -23.76 39.26 17.93
CA GLY H 29 -22.53 38.80 17.31
C GLY H 29 -22.57 37.33 16.97
N ARG H 30 -23.16 36.52 17.85
CA ARG H 30 -23.41 35.12 17.49
C ARG H 30 -24.28 35.02 16.25
N PHE H 31 -25.35 35.82 16.20
CA PHE H 31 -26.26 35.75 15.05
C PHE H 31 -25.59 36.21 13.76
N GLU H 32 -24.57 37.07 13.87
CA GLU H 32 -23.88 37.54 12.67
C GLU H 32 -23.12 36.42 11.97
N ARG H 33 -22.61 35.45 12.72
CA ARG H 33 -21.86 34.33 12.15
C ARG H 33 -22.71 33.08 11.96
N ALA H 34 -24.04 33.20 12.05
CA ALA H 34 -24.88 32.02 12.04
C ALA H 34 -24.95 31.38 10.65
N ALA H 35 -25.02 32.19 9.59
CA ALA H 35 -25.22 31.65 8.26
C ALA H 35 -24.01 30.84 7.79
N ALA H 36 -22.81 31.37 8.02
CA ALA H 36 -21.60 30.65 7.60
C ALA H 36 -21.43 29.36 8.41
N SER H 37 -21.71 29.42 9.71
CA SER H 37 -21.67 28.20 10.52
C SER H 37 -22.67 27.18 10.03
N MET H 38 -23.85 27.62 9.63
CA MET H 38 -24.86 26.71 9.08
C MET H 38 -24.36 26.05 7.80
N GLU H 39 -23.79 26.84 6.90
CA GLU H 39 -23.27 26.29 5.65
C GLU H 39 -22.18 25.26 5.92
N ALA H 40 -21.24 25.60 6.81
CA ALA H 40 -20.19 24.67 7.18
C ALA H 40 -20.78 23.39 7.78
N ALA H 41 -21.81 23.53 8.61
CA ALA H 41 -22.42 22.37 9.23
C ALA H 41 -23.01 21.43 8.20
N ARG H 42 -23.81 21.96 7.27
CA ARG H 42 -24.43 21.08 6.28
C ARG H 42 -23.38 20.47 5.35
N ALA H 43 -22.34 21.24 5.02
CA ALA H 43 -21.27 20.71 4.17
C ALA H 43 -20.57 19.54 4.85
N LEU H 44 -20.16 19.72 6.11
CA LEU H 44 -19.48 18.64 6.81
C LEU H 44 -20.40 17.45 7.06
N THR H 45 -21.70 17.69 7.23
CA THR H 45 -22.62 16.59 7.50
C THR H 45 -22.87 15.75 6.25
N ASN H 46 -23.04 16.40 5.10
CA ASN H 46 -23.32 15.65 3.88
C ASN H 46 -22.09 14.87 3.41
N ASN H 47 -20.91 15.49 3.46
CA ASN H 47 -19.67 14.83 3.09
C ASN H 47 -19.02 14.12 4.26
N ALA H 48 -19.82 13.60 5.19
CA ALA H 48 -19.28 13.05 6.44
C ALA H 48 -18.44 11.80 6.18
N GLN H 49 -19.09 10.73 5.68
CA GLN H 49 -18.43 9.44 5.54
C GLN H 49 -17.14 9.53 4.74
N GLN H 50 -17.13 10.37 3.69
CA GLN H 50 -15.94 10.54 2.87
C GLN H 50 -14.81 11.14 3.71
N LEU H 51 -15.10 12.20 4.45
CA LEU H 51 -14.10 12.82 5.31
C LEU H 51 -13.59 11.83 6.36
N ILE H 52 -14.50 11.04 6.95
CA ILE H 52 -14.12 10.09 7.99
C ILE H 52 -13.16 9.04 7.45
N ASP H 53 -13.52 8.43 6.32
CA ASP H 53 -12.67 7.39 5.76
C ASP H 53 -11.35 7.94 5.23
N GLY H 54 -11.38 9.15 4.66
CA GLY H 54 -10.14 9.78 4.22
C GLY H 54 -9.22 10.12 5.38
N ALA H 55 -9.79 10.54 6.51
CA ALA H 55 -8.98 10.82 7.68
C ALA H 55 -8.38 9.55 8.26
N ALA H 56 -9.16 8.46 8.28
CA ALA H 56 -8.63 7.18 8.70
C ALA H 56 -7.48 6.74 7.80
N ASN H 57 -7.64 6.91 6.48
CA ASN H 57 -6.59 6.53 5.55
C ASN H 57 -5.35 7.41 5.72
N ALA H 58 -5.54 8.70 6.03
CA ALA H 58 -4.40 9.58 6.25
C ALA H 58 -3.64 9.18 7.51
N VAL H 59 -4.36 8.81 8.57
CA VAL H 59 -3.70 8.32 9.78
C VAL H 59 -2.93 7.05 9.49
N TYR H 60 -3.51 6.15 8.69
CA TYR H 60 -2.80 4.91 8.35
C TYR H 60 -1.58 5.20 7.47
N GLN H 61 -1.66 6.21 6.61
CA GLN H 61 -0.53 6.55 5.74
C GLN H 61 0.61 7.14 6.54
N LYS H 62 0.32 8.12 7.39
CA LYS H 62 1.36 8.80 8.16
C LYS H 62 1.73 8.07 9.44
N PHE H 63 0.95 7.07 9.85
CA PHE H 63 1.31 6.18 10.95
C PHE H 63 1.15 4.74 10.46
N PRO H 64 2.06 4.26 9.61
CA PRO H 64 1.88 2.93 9.00
C PRO H 64 2.02 1.78 9.99
N TYR H 65 2.41 2.05 11.24
CA TYR H 65 2.47 0.98 12.22
C TYR H 65 1.11 0.64 12.80
N THR H 66 0.15 1.56 12.73
CA THR H 66 -1.19 1.28 13.26
C THR H 66 -1.84 0.11 12.53
N THR H 67 -1.62 0.00 11.23
CA THR H 67 -2.21 -1.07 10.43
C THR H 67 -1.40 -2.36 10.47
N GLN H 68 -0.30 -2.41 11.20
CA GLN H 68 0.56 -3.60 11.23
C GLN H 68 0.68 -4.24 12.60
N MET H 69 0.87 -3.45 13.66
CA MET H 69 1.05 -4.05 14.99
C MET H 69 -0.26 -4.63 15.50
N GLN H 70 -0.17 -5.80 16.12
CA GLN H 70 -1.34 -6.48 16.65
C GLN H 70 -1.68 -5.99 18.04
N GLY H 71 -2.97 -5.96 18.33
CA GLY H 71 -3.48 -5.48 19.61
C GLY H 71 -4.74 -4.66 19.40
N ALA H 72 -5.54 -4.58 20.45
CA ALA H 72 -6.79 -3.80 20.37
C ALA H 72 -6.49 -2.34 20.09
N ASN H 73 -5.42 -1.81 20.66
CA ASN H 73 -5.04 -0.41 20.47
C ASN H 73 -4.97 -0.04 18.99
N PHE H 74 -4.41 -0.92 18.16
CA PHE H 74 -4.10 -0.60 16.78
C PHE H 74 -5.22 -1.08 15.85
N ALA H 75 -5.07 -0.77 14.56
CA ALA H 75 -6.09 -1.10 13.58
C ALA H 75 -5.57 -2.09 12.54
N SER H 76 -4.91 -3.16 13.00
CA SER H 76 -4.46 -4.19 12.07
C SER H 76 -5.63 -4.93 11.45
N ASP H 77 -6.64 -5.26 12.25
CA ASP H 77 -7.83 -5.94 11.78
C ASP H 77 -8.84 -4.92 11.25
N SER H 78 -10.02 -5.41 10.86
CA SER H 78 -11.10 -4.52 10.43
C SER H 78 -11.89 -3.97 11.61
N ARG H 79 -11.88 -4.66 12.75
CA ARG H 79 -12.54 -4.14 13.94
C ARG H 79 -11.87 -2.87 14.46
N GLY H 80 -10.54 -2.87 14.52
CA GLY H 80 -9.83 -1.67 14.92
C GLY H 80 -10.02 -0.53 13.93
N LYS H 81 -10.05 -0.85 12.64
CA LYS H 81 -10.31 0.19 11.63
C LYS H 81 -11.70 0.78 11.80
N SER H 82 -12.68 -0.07 12.13
CA SER H 82 -14.03 0.43 12.38
C SER H 82 -14.06 1.32 13.62
N LYS H 83 -13.36 0.94 14.68
CA LYS H 83 -13.30 1.77 15.88
C LYS H 83 -12.64 3.11 15.59
N CYS H 84 -11.61 3.11 14.75
CA CYS H 84 -10.93 4.36 14.40
C CYS H 84 -11.85 5.27 13.58
N ALA H 85 -12.51 4.72 12.56
CA ALA H 85 -13.44 5.53 11.78
C ALA H 85 -14.58 6.03 12.65
N ARG H 86 -15.01 5.23 13.63
CA ARG H 86 -16.04 5.65 14.56
C ARG H 86 -15.58 6.84 15.40
N ASP H 87 -14.34 6.80 15.87
CA ASP H 87 -13.84 7.93 16.66
C ASP H 87 -13.71 9.20 15.81
N ILE H 88 -13.23 9.06 14.58
CA ILE H 88 -13.16 10.22 13.69
C ILE H 88 -14.56 10.79 13.44
N GLY H 89 -15.55 9.90 13.30
CA GLY H 89 -16.92 10.35 13.17
C GLY H 89 -17.42 11.07 14.42
N TYR H 90 -17.06 10.56 15.60
CA TYR H 90 -17.31 11.28 16.83
C TYR H 90 -16.85 12.72 16.72
N TYR H 91 -15.57 12.89 16.37
CA TYR H 91 -14.99 14.23 16.29
C TYR H 91 -15.79 15.11 15.32
N LEU H 92 -16.00 14.62 14.09
CA LEU H 92 -16.71 15.41 13.09
C LEU H 92 -18.13 15.77 13.56
N ARG H 93 -18.79 14.83 14.23
CA ARG H 93 -20.14 15.06 14.75
C ARG H 93 -20.15 16.20 15.75
N ILE H 94 -19.22 16.17 16.72
CA ILE H 94 -19.21 17.25 17.71
C ILE H 94 -18.82 18.58 17.06
N ILE H 95 -18.01 18.55 16.00
CA ILE H 95 -17.69 19.79 15.29
C ILE H 95 -18.95 20.39 14.68
N THR H 96 -19.77 19.56 14.03
CA THR H 96 -21.03 20.06 13.48
C THR H 96 -21.96 20.57 14.59
N TYR H 97 -21.98 19.87 15.73
CA TYR H 97 -22.74 20.34 16.89
C TYR H 97 -22.33 21.75 17.29
N SER H 98 -21.02 21.96 17.44
CA SER H 98 -20.52 23.27 17.87
C SER H 98 -20.79 24.33 16.81
N LEU H 99 -20.68 23.98 15.53
CA LEU H 99 -21.01 24.92 14.47
C LEU H 99 -22.46 25.36 14.56
N VAL H 100 -23.38 24.41 14.76
CA VAL H 100 -24.79 24.76 14.91
C VAL H 100 -24.99 25.62 16.15
N ALA H 101 -24.31 25.29 17.24
CA ALA H 101 -24.48 26.01 18.50
C ALA H 101 -23.84 27.38 18.50
N GLY H 102 -22.82 27.61 17.67
CA GLY H 102 -22.12 28.88 17.68
C GLY H 102 -21.18 29.07 18.84
N GLY H 103 -20.71 27.98 19.45
CA GLY H 103 -19.81 28.04 20.58
C GLY H 103 -19.13 26.70 20.78
N THR H 104 -18.10 26.70 21.62
CA THR H 104 -17.34 25.50 21.90
C THR H 104 -17.95 24.65 23.02
N GLY H 105 -19.15 25.00 23.47
CA GLY H 105 -19.84 24.25 24.51
C GLY H 105 -20.02 22.78 24.17
N PRO H 106 -20.62 22.49 23.02
CA PRO H 106 -20.76 21.07 22.63
C PRO H 106 -19.45 20.31 22.63
N LEU H 107 -18.38 20.90 22.08
CA LEU H 107 -17.09 20.22 22.08
C LEU H 107 -16.56 20.05 23.49
N ASP H 108 -16.77 21.05 24.35
CA ASP H 108 -16.29 20.96 25.73
C ASP H 108 -16.99 19.84 26.49
N GLU H 109 -18.30 19.68 26.28
CA GLU H 109 -19.09 18.73 27.06
C GLU H 109 -19.07 17.32 26.48
N TYR H 110 -19.03 17.18 25.15
CA TYR H 110 -19.19 15.88 24.51
C TYR H 110 -17.89 15.20 24.14
N LEU H 111 -16.78 15.94 24.04
CA LEU H 111 -15.54 15.35 23.56
C LEU H 111 -14.36 15.57 24.51
N ILE H 112 -14.12 16.82 24.89
CA ILE H 112 -12.88 17.15 25.61
C ILE H 112 -12.94 16.62 27.05
N ALA H 113 -14.08 16.78 27.71
CA ALA H 113 -14.23 16.31 29.08
C ALA H 113 -14.05 14.80 29.15
N GLY H 114 -12.88 14.35 29.62
CA GLY H 114 -12.55 12.94 29.68
C GLY H 114 -11.78 12.42 28.49
N LEU H 115 -11.37 13.29 27.57
CA LEU H 115 -10.64 12.83 26.39
C LEU H 115 -9.25 12.32 26.75
N ASP H 116 -8.56 13.02 27.65
CA ASP H 116 -7.22 12.58 28.05
C ASP H 116 -7.27 11.23 28.74
N GLU H 117 -8.24 11.04 29.64
CA GLU H 117 -8.39 9.75 30.31
C GLU H 117 -8.71 8.65 29.32
N ILE H 118 -9.55 8.95 28.32
CA ILE H 118 -9.91 7.95 27.33
C ILE H 118 -8.69 7.55 26.49
N ASN H 119 -7.94 8.54 26.01
CA ASN H 119 -6.76 8.25 25.21
C ASN H 119 -5.65 7.59 26.02
N ARG H 120 -5.63 7.79 27.34
CA ARG H 120 -4.59 7.20 28.18
C ARG H 120 -4.93 5.77 28.60
N THR H 121 -6.14 5.56 29.11
CA THR H 121 -6.54 4.24 29.60
C THR H 121 -6.53 3.22 28.46
N PHE H 122 -7.10 3.57 27.32
CA PHE H 122 -7.13 2.69 26.16
C PHE H 122 -5.93 2.89 25.23
N ASP H 123 -4.97 3.75 25.63
CA ASP H 123 -3.67 3.87 24.97
C ASP H 123 -3.80 4.35 23.52
N LEU H 124 -4.70 5.30 23.30
CA LEU H 124 -4.87 5.89 21.96
C LEU H 124 -3.96 7.10 21.82
N SER H 125 -3.28 7.19 20.69
CA SER H 125 -2.35 8.29 20.47
C SER H 125 -3.10 9.53 20.00
N PRO H 126 -2.98 10.66 20.70
CA PRO H 126 -3.63 11.88 20.22
C PRO H 126 -3.11 12.36 18.87
N SER H 127 -1.90 11.96 18.48
CA SER H 127 -1.34 12.38 17.19
C SER H 127 -2.20 11.86 16.04
N TRP H 128 -2.76 10.65 16.19
CA TRP H 128 -3.68 10.12 15.18
C TRP H 128 -4.82 11.07 14.93
N TYR H 129 -5.49 11.51 16.00
CA TYR H 129 -6.65 12.38 15.84
C TYR H 129 -6.25 13.78 15.42
N VAL H 130 -5.08 14.25 15.83
CA VAL H 130 -4.58 15.54 15.34
C VAL H 130 -4.41 15.49 13.82
N GLU H 131 -3.82 14.40 13.32
CA GLU H 131 -3.63 14.27 11.88
C GLU H 131 -4.97 14.12 11.16
N ALA H 132 -5.92 13.41 11.77
CA ALA H 132 -7.25 13.31 11.17
C ALA H 132 -7.92 14.68 11.09
N LEU H 133 -7.78 15.49 12.14
CA LEU H 133 -8.36 16.83 12.13
C LEU H 133 -7.68 17.71 11.08
N LYS H 134 -6.37 17.56 10.90
CA LYS H 134 -5.69 18.31 9.84
C LYS H 134 -6.19 17.89 8.47
N TYR H 135 -6.38 16.59 8.25
CA TYR H 135 -6.96 16.12 7.00
C TYR H 135 -8.32 16.74 6.75
N ILE H 136 -9.18 16.73 7.78
CA ILE H 136 -10.51 17.31 7.65
C ILE H 136 -10.43 18.80 7.36
N LYS H 137 -9.44 19.48 7.97
CA LYS H 137 -9.22 20.88 7.66
C LYS H 137 -8.78 21.08 6.22
N ALA H 138 -8.14 20.08 5.63
CA ALA H 138 -7.63 20.21 4.27
C ALA H 138 -8.64 19.84 3.19
N ASN H 139 -9.62 18.99 3.49
CA ASN H 139 -10.50 18.43 2.48
C ASN H 139 -11.97 18.69 2.77
N HIS H 140 -12.30 19.79 3.46
CA HIS H 140 -13.70 20.11 3.69
C HIS H 140 -14.30 20.97 2.59
N GLY H 141 -13.49 21.44 1.64
CA GLY H 141 -14.00 22.17 0.48
C GLY H 141 -14.64 23.49 0.77
N LEU H 142 -14.49 24.04 1.97
CA LEU H 142 -15.13 25.31 2.31
C LEU H 142 -14.25 26.48 1.91
N SER H 143 -14.86 27.67 1.90
CA SER H 143 -14.15 28.90 1.61
C SER H 143 -14.93 30.08 2.19
N GLY H 144 -14.22 31.18 2.41
CA GLY H 144 -14.86 32.37 2.95
C GLY H 144 -15.14 32.27 4.43
N GLN H 145 -16.26 32.84 4.88
CA GLN H 145 -16.58 32.83 6.30
C GLN H 145 -16.88 31.42 6.80
N ALA H 146 -17.38 30.53 5.93
CA ALA H 146 -17.71 29.17 6.34
C ALA H 146 -16.46 28.39 6.71
N ALA H 147 -15.42 28.48 5.87
CA ALA H 147 -14.17 27.81 6.17
C ALA H 147 -13.56 28.34 7.46
N ASN H 148 -13.60 29.65 7.66
CA ASN H 148 -13.08 30.24 8.89
C ASN H 148 -13.83 29.71 10.11
N GLU H 149 -15.17 29.68 10.03
CA GLU H 149 -15.96 29.23 11.17
C GLU H 149 -15.68 27.76 11.48
N ALA H 150 -15.55 26.92 10.46
CA ALA H 150 -15.24 25.51 10.71
C ALA H 150 -13.83 25.35 11.28
N ASN H 151 -12.88 26.15 10.77
CA ASN H 151 -11.51 26.06 11.24
C ASN H 151 -11.38 26.48 12.68
N THR H 152 -12.22 27.42 13.15
CA THR H 152 -12.20 27.77 14.58
C THR H 152 -12.33 26.52 15.43
N TYR H 153 -13.37 25.73 15.21
CA TYR H 153 -13.64 24.58 16.06
C TYR H 153 -12.67 23.42 15.78
N ILE H 154 -12.23 23.26 14.54
CA ILE H 154 -11.22 22.23 14.27
C ILE H 154 -9.93 22.55 15.00
N ASP H 155 -9.50 23.82 14.98
CA ASP H 155 -8.31 24.24 15.70
C ASP H 155 -8.50 24.11 17.20
N TYR H 156 -9.71 24.40 17.69
CA TYR H 156 -10.01 24.21 19.11
C TYR H 156 -9.78 22.76 19.51
N ALA H 157 -10.31 21.82 18.72
CA ALA H 157 -10.12 20.40 19.02
C ALA H 157 -8.64 20.01 18.93
N ILE H 158 -7.92 20.54 17.94
CA ILE H 158 -6.50 20.22 17.79
C ILE H 158 -5.72 20.71 19.02
N ASN H 159 -6.04 21.91 19.51
CA ASN H 159 -5.40 22.41 20.72
C ASN H 159 -5.74 21.54 21.91
N ALA H 160 -7.00 21.08 21.99
CA ALA H 160 -7.39 20.19 23.07
C ALA H 160 -6.59 18.89 23.05
N LEU H 161 -6.21 18.42 21.86
CA LEU H 161 -5.39 17.22 21.75
C LEU H 161 -3.89 17.48 21.85
N SER H 162 -3.46 18.72 21.72
CA SER H 162 -2.04 19.04 21.73
C SER H 162 -1.54 19.29 23.16
N MET I 1 -45.53 -25.02 -24.90
CA MET I 1 -45.19 -26.44 -24.85
C MET I 1 -44.23 -26.73 -23.70
N LYS I 2 -43.22 -25.87 -23.55
CA LYS I 2 -42.19 -26.05 -22.53
C LYS I 2 -42.61 -25.33 -21.25
N THR I 3 -42.96 -26.10 -20.23
CA THR I 3 -43.24 -25.62 -18.89
C THR I 3 -42.44 -26.46 -17.90
N PRO I 4 -42.29 -25.99 -16.65
CA PRO I 4 -41.60 -26.83 -15.65
C PRO I 4 -42.24 -28.19 -15.46
N ILE I 5 -43.58 -28.25 -15.47
CA ILE I 5 -44.27 -29.52 -15.30
C ILE I 5 -44.01 -30.44 -16.48
N THR I 6 -44.13 -29.91 -17.70
CA THR I 6 -43.87 -30.71 -18.89
C THR I 6 -42.42 -31.15 -18.93
N GLU I 7 -41.49 -30.27 -18.56
CA GLU I 7 -40.08 -30.65 -18.54
C GLU I 7 -39.82 -31.77 -17.54
N ALA I 8 -40.39 -31.67 -16.35
CA ALA I 8 -40.20 -32.72 -15.35
C ALA I 8 -40.75 -34.05 -15.84
N ILE I 9 -41.98 -34.04 -16.36
CA ILE I 9 -42.59 -35.28 -16.83
C ILE I 9 -41.81 -35.85 -18.01
N ALA I 10 -41.30 -34.99 -18.89
CA ALA I 10 -40.58 -35.48 -20.05
C ALA I 10 -39.22 -36.07 -19.67
N ALA I 11 -38.53 -35.43 -18.72
CA ALA I 11 -37.28 -36.00 -18.24
C ALA I 11 -37.52 -37.34 -17.55
N ALA I 12 -38.63 -37.46 -16.83
CA ALA I 12 -38.95 -38.74 -16.21
C ALA I 12 -39.25 -39.82 -17.25
N ASP I 13 -40.03 -39.48 -18.28
CA ASP I 13 -40.43 -40.47 -19.27
C ASP I 13 -39.30 -40.85 -20.20
N THR I 14 -38.36 -39.93 -20.49
CA THR I 14 -37.23 -40.27 -21.35
C THR I 14 -36.31 -41.29 -20.69
N GLN I 15 -36.27 -41.33 -19.36
CA GLN I 15 -35.53 -42.32 -18.62
C GLN I 15 -36.42 -43.46 -18.11
N GLY I 16 -37.71 -43.43 -18.43
CA GLY I 16 -38.62 -44.49 -18.03
C GLY I 16 -38.74 -44.68 -16.54
N ARG I 17 -38.56 -43.63 -15.76
CA ARG I 17 -38.49 -43.71 -14.31
C ARG I 17 -39.60 -42.90 -13.67
N PHE I 18 -39.82 -43.16 -12.38
CA PHE I 18 -40.70 -42.30 -11.60
C PHE I 18 -40.03 -40.95 -11.38
N LEU I 19 -40.85 -39.96 -11.05
CA LEU I 19 -40.33 -38.61 -10.83
C LEU I 19 -39.40 -38.61 -9.62
N SER I 20 -38.25 -37.97 -9.78
CA SER I 20 -37.29 -37.85 -8.69
C SER I 20 -37.80 -36.86 -7.65
N ASN I 21 -37.23 -36.96 -6.44
CA ASN I 21 -37.60 -36.04 -5.37
C ASN I 21 -37.26 -34.60 -5.75
N THR I 22 -36.15 -34.40 -6.47
CA THR I 22 -35.79 -33.06 -6.91
C THR I 22 -36.82 -32.51 -7.89
N GLU I 23 -37.27 -33.35 -8.82
CA GLU I 23 -38.29 -32.93 -9.78
C GLU I 23 -39.60 -32.61 -9.07
N LEU I 24 -39.96 -33.40 -8.06
CA LEU I 24 -41.17 -33.13 -7.31
C LEU I 24 -41.07 -31.85 -6.50
N GLN I 25 -39.87 -31.56 -5.96
CA GLN I 25 -39.67 -30.28 -5.28
C GLN I 25 -39.77 -29.12 -6.25
N ALA I 26 -39.27 -29.29 -7.47
CA ALA I 26 -39.41 -28.24 -8.47
C ALA I 26 -40.86 -28.02 -8.85
N VAL I 27 -41.63 -29.09 -8.96
CA VAL I 27 -43.06 -28.97 -9.25
C VAL I 27 -43.77 -28.26 -8.10
N ASN I 28 -43.44 -28.62 -6.86
CA ASN I 28 -44.02 -27.94 -5.70
C ASN I 28 -43.65 -26.46 -5.69
N GLY I 29 -42.42 -26.13 -6.07
CA GLY I 29 -42.02 -24.74 -6.17
C GLY I 29 -42.82 -24.00 -7.22
N ARG I 30 -43.06 -24.63 -8.37
CA ARG I 30 -43.91 -24.02 -9.39
C ARG I 30 -45.31 -23.75 -8.82
N PHE I 31 -45.88 -24.74 -8.14
CA PHE I 31 -47.24 -24.59 -7.62
C PHE I 31 -47.32 -23.57 -6.49
N GLU I 32 -46.23 -23.34 -5.76
CA GLU I 32 -46.25 -22.39 -4.65
C GLU I 32 -46.09 -20.94 -5.11
N ARG I 33 -45.78 -20.70 -6.38
CA ARG I 33 -45.84 -19.36 -6.96
C ARG I 33 -46.98 -19.22 -7.95
N ALA I 34 -47.86 -20.23 -8.05
CA ALA I 34 -48.89 -20.22 -9.08
C ALA I 34 -49.93 -19.14 -8.82
N ALA I 35 -50.30 -18.93 -7.56
CA ALA I 35 -51.33 -17.94 -7.23
C ALA I 35 -50.85 -16.54 -7.55
N ALA I 36 -49.64 -16.19 -7.12
CA ALA I 36 -49.10 -14.87 -7.42
C ALA I 36 -48.89 -14.69 -8.92
N SER I 37 -48.45 -15.75 -9.60
CA SER I 37 -48.25 -15.65 -11.04
C SER I 37 -49.56 -15.41 -11.77
N MET I 38 -50.64 -16.06 -11.33
CA MET I 38 -51.94 -15.86 -11.97
C MET I 38 -52.49 -14.48 -11.64
N GLU I 39 -52.31 -13.99 -10.41
CA GLU I 39 -52.72 -12.63 -10.08
C GLU I 39 -52.01 -11.62 -10.97
N ALA I 40 -50.69 -11.77 -11.12
CA ALA I 40 -49.93 -10.94 -12.05
C ALA I 40 -50.53 -11.01 -13.45
N ALA I 41 -50.53 -12.21 -14.04
CA ALA I 41 -51.00 -12.38 -15.41
C ALA I 41 -52.38 -11.76 -15.62
N ARG I 42 -53.28 -11.87 -14.64
CA ARG I 42 -54.59 -11.29 -14.79
C ARG I 42 -54.54 -9.76 -14.74
N ALA I 43 -53.66 -9.20 -13.89
CA ALA I 43 -53.49 -7.76 -13.88
C ALA I 43 -52.94 -7.25 -15.21
N LEU I 44 -51.96 -7.95 -15.77
CA LEU I 44 -51.38 -7.51 -17.03
C LEU I 44 -52.36 -7.68 -18.18
N THR I 45 -53.17 -8.74 -18.15
CA THR I 45 -54.12 -8.98 -19.24
C THR I 45 -55.27 -7.99 -19.19
N ASN I 46 -55.77 -7.69 -17.98
CA ASN I 46 -56.90 -6.78 -17.86
C ASN I 46 -56.49 -5.34 -18.17
N ASN I 47 -55.31 -4.93 -17.71
CA ASN I 47 -54.78 -3.60 -18.00
C ASN I 47 -53.91 -3.60 -19.24
N ALA I 48 -54.28 -4.37 -20.25
CA ALA I 48 -53.45 -4.55 -21.45
C ALA I 48 -53.29 -3.26 -22.23
N GLN I 49 -54.34 -2.82 -22.91
CA GLN I 49 -54.23 -1.71 -23.86
C GLN I 49 -53.69 -0.44 -23.19
N GLN I 50 -54.08 -0.20 -21.94
CA GLN I 50 -53.59 0.97 -21.22
C GLN I 50 -52.07 0.90 -21.07
N LEU I 51 -51.55 -0.25 -20.65
CA LEU I 51 -50.10 -0.40 -20.50
C LEU I 51 -49.39 -0.36 -21.84
N ILE I 52 -50.01 -0.91 -22.88
CA ILE I 52 -49.43 -0.85 -24.23
C ILE I 52 -49.25 0.59 -24.65
N ASP I 53 -50.30 1.40 -24.51
CA ASP I 53 -50.22 2.81 -24.92
C ASP I 53 -49.24 3.58 -24.05
N GLY I 54 -49.20 3.30 -22.75
CA GLY I 54 -48.27 3.98 -21.87
C GLY I 54 -46.81 3.68 -22.21
N ALA I 55 -46.51 2.41 -22.48
CA ALA I 55 -45.15 2.04 -22.87
C ALA I 55 -44.78 2.60 -24.24
N ALA I 56 -45.76 2.64 -25.16
CA ALA I 56 -45.52 3.29 -26.44
C ALA I 56 -45.14 4.75 -26.25
N ASN I 57 -45.89 5.47 -25.41
CA ASN I 57 -45.59 6.87 -25.15
C ASN I 57 -44.23 7.03 -24.48
N ALA I 58 -43.88 6.12 -23.56
CA ALA I 58 -42.58 6.18 -22.90
C ALA I 58 -41.45 6.02 -23.91
N VAL I 59 -41.59 5.05 -24.82
CA VAL I 59 -40.61 4.88 -25.89
C VAL I 59 -40.57 6.12 -26.78
N TYR I 60 -41.72 6.76 -27.00
CA TYR I 60 -41.77 7.92 -27.89
C TYR I 60 -41.02 9.11 -27.31
N GLN I 61 -41.12 9.34 -25.99
CA GLN I 61 -40.40 10.47 -25.42
C GLN I 61 -38.96 10.14 -25.04
N LYS I 62 -38.63 8.87 -24.78
CA LYS I 62 -37.24 8.53 -24.54
C LYS I 62 -36.42 8.57 -25.83
N PHE I 63 -37.06 8.31 -26.97
CA PHE I 63 -36.43 8.37 -28.29
C PHE I 63 -37.29 9.24 -29.18
N PRO I 64 -37.14 10.56 -29.10
CA PRO I 64 -38.06 11.46 -29.83
C PRO I 64 -38.08 11.28 -31.33
N TYR I 65 -36.94 10.99 -31.95
CA TYR I 65 -36.90 10.83 -33.40
C TYR I 65 -37.90 9.78 -33.90
N THR I 66 -38.25 8.82 -33.05
CA THR I 66 -39.20 7.79 -33.45
C THR I 66 -40.55 8.37 -33.85
N THR I 67 -40.86 9.58 -33.38
CA THR I 67 -42.09 10.26 -33.74
C THR I 67 -41.88 11.38 -34.75
N GLN I 68 -40.64 11.58 -35.21
CA GLN I 68 -40.31 12.69 -36.09
C GLN I 68 -39.58 12.29 -37.37
N MET I 69 -39.15 11.06 -37.52
CA MET I 69 -38.42 10.62 -38.70
C MET I 69 -39.34 9.85 -39.62
N GLN I 70 -39.33 10.19 -40.90
CA GLN I 70 -40.12 9.48 -41.89
C GLN I 70 -39.45 8.17 -42.26
N GLY I 71 -40.26 7.19 -42.60
CA GLY I 71 -39.80 5.85 -42.90
C GLY I 71 -40.79 4.82 -42.37
N ALA I 72 -40.69 3.60 -42.91
CA ALA I 72 -41.61 2.55 -42.51
C ALA I 72 -41.38 2.11 -41.07
N ASN I 73 -40.12 1.92 -40.68
CA ASN I 73 -39.79 1.33 -39.39
C ASN I 73 -40.11 2.23 -38.20
N PHE I 74 -40.41 3.49 -38.42
CA PHE I 74 -40.61 4.43 -37.32
C PHE I 74 -42.09 4.68 -37.07
N ALA I 75 -42.38 5.41 -35.99
CA ALA I 75 -43.74 5.68 -35.56
C ALA I 75 -44.10 7.16 -35.71
N SER I 76 -43.84 7.72 -36.88
CA SER I 76 -44.24 9.10 -37.17
C SER I 76 -45.64 9.17 -37.78
N ASP I 77 -45.99 8.19 -38.61
CA ASP I 77 -47.31 8.10 -39.21
C ASP I 77 -48.26 7.35 -38.28
N SER I 78 -49.53 7.25 -38.69
CA SER I 78 -50.53 6.55 -37.89
C SER I 78 -50.36 5.03 -37.97
N ARG I 79 -49.77 4.54 -39.06
CA ARG I 79 -49.49 3.10 -39.17
C ARG I 79 -48.43 2.68 -38.16
N GLY I 80 -47.38 3.48 -38.00
CA GLY I 80 -46.26 3.07 -37.17
C GLY I 80 -46.62 2.96 -35.70
N LYS I 81 -47.48 3.88 -35.21
CA LYS I 81 -47.87 3.81 -33.81
C LYS I 81 -48.69 2.56 -33.52
N SER I 82 -49.60 2.20 -34.42
CA SER I 82 -50.37 0.98 -34.24
C SER I 82 -49.48 -0.26 -34.33
N LYS I 83 -48.47 -0.21 -35.21
CA LYS I 83 -47.53 -1.33 -35.31
C LYS I 83 -46.72 -1.48 -34.03
N CYS I 84 -46.28 -0.36 -33.45
CA CYS I 84 -45.57 -0.39 -32.18
C CYS I 84 -46.46 -0.96 -31.07
N ALA I 85 -47.73 -0.54 -31.05
CA ALA I 85 -48.67 -1.08 -30.08
C ALA I 85 -48.85 -2.59 -30.26
N ARG I 86 -48.88 -3.05 -31.51
CA ARG I 86 -49.01 -4.48 -31.77
C ARG I 86 -47.78 -5.25 -31.29
N ASP I 87 -46.59 -4.69 -31.47
CA ASP I 87 -45.38 -5.34 -30.98
C ASP I 87 -45.39 -5.43 -29.46
N ILE I 88 -45.73 -4.32 -28.80
CA ILE I 88 -45.80 -4.31 -27.34
C ILE I 88 -46.84 -5.31 -26.86
N GLY I 89 -47.94 -5.46 -27.61
CA GLY I 89 -48.93 -6.46 -27.27
C GLY I 89 -48.40 -7.88 -27.42
N TYR I 90 -47.62 -8.13 -28.47
CA TYR I 90 -46.91 -9.40 -28.59
C TYR I 90 -46.13 -9.70 -27.31
N TYR I 91 -45.31 -8.72 -26.89
CA TYR I 91 -44.45 -8.93 -25.73
C TYR I 91 -45.27 -9.22 -24.47
N LEU I 92 -46.28 -8.38 -24.20
CA LEU I 92 -47.07 -8.55 -22.98
C LEU I 92 -47.88 -9.84 -23.01
N ARG I 93 -48.40 -10.20 -24.18
CA ARG I 93 -49.14 -11.44 -24.33
C ARG I 93 -48.27 -12.65 -24.00
N ILE I 94 -47.06 -12.69 -24.55
CA ILE I 94 -46.20 -13.84 -24.28
C ILE I 94 -45.70 -13.82 -22.84
N ILE I 95 -45.57 -12.63 -22.24
CA ILE I 95 -45.22 -12.55 -20.83
C ILE I 95 -46.32 -13.16 -19.97
N THR I 96 -47.58 -12.86 -20.29
CA THR I 96 -48.69 -13.49 -19.58
C THR I 96 -48.71 -15.00 -19.82
N TYR I 97 -48.39 -15.43 -21.04
CA TYR I 97 -48.23 -16.86 -21.31
C TYR I 97 -47.24 -17.49 -20.34
N SER I 98 -46.08 -16.85 -20.18
CA SER I 98 -45.05 -17.37 -19.27
C SER I 98 -45.53 -17.37 -17.83
N LEU I 99 -46.22 -16.30 -17.42
CA LEU I 99 -46.74 -16.23 -16.07
C LEU I 99 -47.71 -17.37 -15.79
N VAL I 100 -48.57 -17.69 -16.76
CA VAL I 100 -49.52 -18.78 -16.57
C VAL I 100 -48.80 -20.12 -16.55
N ALA I 101 -47.82 -20.31 -17.46
CA ALA I 101 -47.08 -21.56 -17.50
C ALA I 101 -46.17 -21.74 -16.29
N GLY I 102 -45.83 -20.65 -15.60
CA GLY I 102 -44.93 -20.72 -14.46
C GLY I 102 -43.47 -20.77 -14.82
N GLY I 103 -43.12 -20.60 -16.09
CA GLY I 103 -41.73 -20.64 -16.51
C GLY I 103 -41.51 -19.75 -17.72
N THR I 104 -40.26 -19.68 -18.16
CA THR I 104 -39.84 -18.86 -19.28
C THR I 104 -39.96 -19.57 -20.62
N GLY I 105 -40.54 -20.77 -20.64
CA GLY I 105 -40.67 -21.54 -21.85
C GLY I 105 -41.41 -20.83 -22.97
N PRO I 106 -42.62 -20.33 -22.69
CA PRO I 106 -43.35 -19.57 -23.71
C PRO I 106 -42.56 -18.39 -24.26
N LEU I 107 -41.82 -17.68 -23.40
CA LEU I 107 -41.02 -16.56 -23.90
C LEU I 107 -39.97 -17.03 -24.88
N ASP I 108 -39.31 -18.15 -24.59
CA ASP I 108 -38.32 -18.69 -25.50
C ASP I 108 -38.95 -19.11 -26.82
N GLU I 109 -40.09 -19.80 -26.75
CA GLU I 109 -40.65 -20.43 -27.94
C GLU I 109 -41.36 -19.43 -28.85
N TYR I 110 -42.18 -18.54 -28.28
CA TYR I 110 -43.02 -17.66 -29.07
C TYR I 110 -42.39 -16.29 -29.36
N LEU I 111 -41.41 -15.87 -28.58
CA LEU I 111 -40.88 -14.51 -28.69
C LEU I 111 -39.42 -14.48 -29.10
N ILE I 112 -38.52 -15.08 -28.32
CA ILE I 112 -37.08 -14.87 -28.55
C ILE I 112 -36.61 -15.63 -29.78
N ALA I 113 -37.24 -16.75 -30.11
CA ALA I 113 -36.85 -17.54 -31.26
C ALA I 113 -36.92 -16.72 -32.56
N GLY I 114 -35.78 -16.40 -33.13
CA GLY I 114 -35.72 -15.58 -34.32
C GLY I 114 -35.93 -14.10 -34.09
N LEU I 115 -36.07 -13.67 -32.84
CA LEU I 115 -36.33 -12.26 -32.55
C LEU I 115 -35.19 -11.37 -33.00
N ASP I 116 -33.94 -11.86 -32.85
CA ASP I 116 -32.79 -11.08 -33.28
C ASP I 116 -32.88 -10.76 -34.78
N GLU I 117 -33.15 -11.77 -35.60
CA GLU I 117 -33.26 -11.53 -37.04
C GLU I 117 -34.47 -10.69 -37.39
N ILE I 118 -35.57 -10.83 -36.63
CA ILE I 118 -36.76 -10.00 -36.85
C ILE I 118 -36.42 -8.53 -36.64
N ASN I 119 -35.62 -8.23 -35.62
CA ASN I 119 -35.23 -6.85 -35.38
C ASN I 119 -34.13 -6.37 -36.33
N ARG I 120 -33.29 -7.29 -36.80
CA ARG I 120 -32.21 -6.91 -37.70
C ARG I 120 -32.75 -6.55 -39.09
N THR I 121 -33.56 -7.44 -39.67
CA THR I 121 -33.99 -7.25 -41.05
C THR I 121 -34.89 -6.02 -41.20
N PHE I 122 -35.78 -5.81 -40.24
CA PHE I 122 -36.76 -4.74 -40.28
C PHE I 122 -36.26 -3.46 -39.61
N ASP I 123 -34.99 -3.44 -39.19
CA ASP I 123 -34.35 -2.25 -38.64
C ASP I 123 -35.10 -1.70 -37.43
N LEU I 124 -35.45 -2.61 -36.50
CA LEU I 124 -36.11 -2.24 -35.27
C LEU I 124 -35.11 -2.29 -34.13
N SER I 125 -34.91 -1.16 -33.45
CA SER I 125 -33.92 -1.09 -32.38
C SER I 125 -34.45 -1.76 -31.12
N PRO I 126 -33.72 -2.72 -30.55
CA PRO I 126 -34.20 -3.36 -29.31
C PRO I 126 -34.29 -2.42 -28.12
N SER I 127 -33.59 -1.29 -28.14
CA SER I 127 -33.66 -0.35 -27.02
C SER I 127 -35.08 0.18 -26.84
N TRP I 128 -35.83 0.32 -27.93
CA TRP I 128 -37.24 0.71 -27.83
C TRP I 128 -38.00 -0.26 -26.94
N TYR I 129 -37.92 -1.54 -27.26
CA TYR I 129 -38.66 -2.54 -26.50
C TYR I 129 -38.12 -2.67 -25.08
N VAL I 130 -36.82 -2.42 -24.87
CA VAL I 130 -36.28 -2.42 -23.52
C VAL I 130 -36.93 -1.31 -22.69
N GLU I 131 -37.04 -0.11 -23.27
CA GLU I 131 -37.68 0.99 -22.55
C GLU I 131 -39.16 0.71 -22.30
N ALA I 132 -39.84 0.11 -23.28
CA ALA I 132 -41.24 -0.26 -23.09
C ALA I 132 -41.39 -1.25 -21.94
N LEU I 133 -40.52 -2.26 -21.88
CA LEU I 133 -40.59 -3.23 -20.81
C LEU I 133 -40.27 -2.60 -19.45
N LYS I 134 -39.36 -1.63 -19.43
CA LYS I 134 -39.08 -0.93 -18.17
C LYS I 134 -40.31 -0.14 -17.71
N TYR I 135 -41.01 0.50 -18.64
CA TYR I 135 -42.25 1.17 -18.27
C TYR I 135 -43.27 0.19 -17.73
N ILE I 136 -43.43 -0.96 -18.40
CA ILE I 136 -44.40 -1.95 -17.94
C ILE I 136 -44.02 -2.46 -16.55
N LYS I 137 -42.73 -2.64 -16.30
CA LYS I 137 -42.27 -3.08 -14.99
C LYS I 137 -42.58 -2.04 -13.92
N ALA I 138 -42.40 -0.76 -14.24
CA ALA I 138 -42.61 0.29 -13.24
C ALA I 138 -44.07 0.67 -13.06
N ASN I 139 -44.95 0.32 -14.01
CA ASN I 139 -46.33 0.81 -13.99
C ASN I 139 -47.37 -0.30 -14.00
N HIS I 140 -47.01 -1.52 -13.61
CA HIS I 140 -48.02 -2.56 -13.52
C HIS I 140 -48.82 -2.49 -12.22
N GLY I 141 -48.38 -1.67 -11.27
CA GLY I 141 -49.11 -1.48 -10.03
C GLY I 141 -49.22 -2.69 -9.14
N LEU I 142 -48.39 -3.71 -9.36
CA LEU I 142 -48.42 -4.91 -8.54
C LEU I 142 -47.49 -4.74 -7.35
N SER I 143 -47.81 -5.47 -6.27
CA SER I 143 -47.01 -5.46 -5.06
C SER I 143 -46.81 -6.88 -4.56
N GLY I 144 -45.68 -7.11 -3.92
CA GLY I 144 -45.44 -8.43 -3.34
C GLY I 144 -45.06 -9.45 -4.39
N GLN I 145 -45.59 -10.66 -4.22
CA GLN I 145 -45.12 -11.78 -5.02
C GLN I 145 -45.65 -11.73 -6.45
N ALA I 146 -46.83 -11.14 -6.67
CA ALA I 146 -47.29 -10.93 -8.05
C ALA I 146 -46.33 -10.01 -8.79
N ALA I 147 -45.92 -8.91 -8.15
CA ALA I 147 -44.94 -8.02 -8.74
C ALA I 147 -43.62 -8.73 -9.00
N ASN I 148 -43.17 -9.54 -8.03
CA ASN I 148 -41.92 -10.27 -8.22
C ASN I 148 -41.99 -11.20 -9.43
N GLU I 149 -43.05 -12.01 -9.51
CA GLU I 149 -43.16 -12.97 -10.61
C GLU I 149 -43.29 -12.27 -11.94
N ALA I 150 -44.01 -11.15 -12.00
CA ALA I 150 -44.08 -10.40 -13.27
C ALA I 150 -42.72 -9.84 -13.64
N ASN I 151 -41.97 -9.36 -12.63
CA ASN I 151 -40.65 -8.78 -12.90
C ASN I 151 -39.67 -9.83 -13.42
N THR I 152 -39.79 -11.08 -12.97
CA THR I 152 -38.91 -12.11 -13.50
C THR I 152 -38.97 -12.18 -15.02
N TYR I 153 -40.17 -12.33 -15.58
CA TYR I 153 -40.31 -12.48 -17.01
C TYR I 153 -40.10 -11.17 -17.75
N ILE I 154 -40.44 -10.03 -17.14
CA ILE I 154 -40.10 -8.75 -17.76
C ILE I 154 -38.59 -8.64 -17.94
N ASP I 155 -37.83 -8.98 -16.90
CA ASP I 155 -36.38 -8.91 -16.97
C ASP I 155 -35.81 -9.96 -17.91
N TYR I 156 -36.44 -11.13 -17.98
CA TYR I 156 -36.02 -12.16 -18.94
C TYR I 156 -36.12 -11.63 -20.37
N ALA I 157 -37.24 -10.97 -20.69
CA ALA I 157 -37.38 -10.38 -22.02
C ALA I 157 -36.38 -9.26 -22.24
N ILE I 158 -36.16 -8.42 -21.22
CA ILE I 158 -35.20 -7.33 -21.35
C ILE I 158 -33.81 -7.87 -21.67
N ASN I 159 -33.39 -8.92 -20.95
CA ASN I 159 -32.08 -9.50 -21.17
C ASN I 159 -31.99 -10.17 -22.54
N ALA I 160 -33.06 -10.83 -22.97
CA ALA I 160 -33.08 -11.41 -24.31
C ALA I 160 -32.95 -10.34 -25.37
N LEU I 161 -33.43 -9.13 -25.10
CA LEU I 161 -33.27 -8.03 -26.04
C LEU I 161 -31.83 -7.58 -26.16
N SER I 162 -30.98 -7.89 -25.18
CA SER I 162 -29.57 -7.54 -25.24
C SER I 162 -28.75 -8.70 -25.79
N MET J 1 17.98 1.15 54.51
CA MET J 1 17.58 0.33 53.38
C MET J 1 16.98 -0.99 53.86
N LYS J 2 16.06 -1.54 53.08
CA LYS J 2 15.24 -2.67 53.52
C LYS J 2 15.89 -3.98 53.12
N THR J 3 16.30 -4.77 54.11
CA THR J 3 16.70 -6.16 53.97
C THR J 3 16.04 -6.95 55.11
N PRO J 4 15.92 -8.26 54.94
CA PRO J 4 15.34 -9.07 56.05
C PRO J 4 16.06 -8.88 57.37
N ILE J 5 17.39 -8.78 57.35
CA ILE J 5 18.15 -8.57 58.58
C ILE J 5 17.81 -7.23 59.20
N THR J 6 17.88 -6.16 58.39
CA THR J 6 17.53 -4.84 58.87
C THR J 6 16.07 -4.78 59.29
N GLU J 7 15.20 -5.51 58.59
CA GLU J 7 13.79 -5.54 58.98
C GLU J 7 13.63 -6.11 60.39
N ALA J 8 14.24 -7.27 60.65
CA ALA J 8 14.14 -7.87 61.98
C ALA J 8 14.74 -6.95 63.04
N ILE J 9 15.91 -6.37 62.76
CA ILE J 9 16.56 -5.53 63.77
C ILE J 9 15.74 -4.28 64.05
N ALA J 10 15.14 -3.68 63.01
CA ALA J 10 14.34 -2.48 63.21
C ALA J 10 13.05 -2.79 63.96
N ALA J 11 12.40 -3.91 63.61
CA ALA J 11 11.20 -4.30 64.35
C ALA J 11 11.51 -4.57 65.82
N ALA J 12 12.69 -5.14 66.11
CA ALA J 12 13.04 -5.39 67.50
C ALA J 12 13.39 -4.09 68.23
N ASP J 13 14.14 -3.20 67.57
CA ASP J 13 14.58 -1.98 68.25
C ASP J 13 13.44 -1.00 68.45
N THR J 14 12.43 -1.01 67.56
CA THR J 14 11.29 -0.12 67.74
C THR J 14 10.50 -0.50 68.99
N GLN J 15 10.47 -1.78 69.34
CA GLN J 15 9.76 -2.25 70.52
C GLN J 15 10.69 -2.52 71.70
N GLY J 16 11.97 -2.17 71.58
CA GLY J 16 12.92 -2.33 72.67
C GLY J 16 13.12 -3.75 73.13
N ARG J 17 12.73 -4.73 72.34
CA ARG J 17 12.82 -6.13 72.72
C ARG J 17 14.00 -6.80 72.03
N PHE J 18 14.33 -7.99 72.51
CA PHE J 18 15.29 -8.84 71.81
C PHE J 18 14.63 -9.43 70.57
N LEU J 19 15.45 -10.03 69.71
CA LEU J 19 14.93 -10.63 68.49
C LEU J 19 14.07 -11.85 68.84
N SER J 20 12.83 -11.86 68.35
CA SER J 20 11.93 -12.97 68.60
C SER J 20 12.42 -14.23 67.90
N ASN J 21 11.83 -15.37 68.30
CA ASN J 21 12.19 -16.65 67.68
C ASN J 21 11.82 -16.67 66.21
N THR J 22 10.65 -16.13 65.85
CA THR J 22 10.23 -16.09 64.46
C THR J 22 11.22 -15.29 63.62
N GLU J 23 11.65 -14.13 64.13
CA GLU J 23 12.67 -13.35 63.42
C GLU J 23 13.97 -14.11 63.32
N LEU J 24 14.32 -14.91 64.33
CA LEU J 24 15.52 -15.73 64.25
C LEU J 24 15.42 -16.76 63.13
N GLN J 25 14.27 -17.43 63.03
CA GLN J 25 14.09 -18.41 61.95
C GLN J 25 14.09 -17.73 60.58
N ALA J 26 13.55 -16.52 60.49
CA ALA J 26 13.59 -15.79 59.22
C ALA J 26 15.02 -15.42 58.83
N VAL J 27 15.82 -14.96 59.80
CA VAL J 27 17.22 -14.69 59.56
C VAL J 27 17.95 -15.95 59.09
N ASN J 28 17.67 -17.08 59.75
CA ASN J 28 18.28 -18.34 59.34
C ASN J 28 17.91 -18.69 57.91
N GLY J 29 16.63 -18.53 57.56
CA GLY J 29 16.20 -18.83 56.20
C GLY J 29 16.89 -17.95 55.17
N ARG J 30 17.08 -16.67 55.51
CA ARG J 30 17.84 -15.79 54.61
C ARG J 30 19.27 -16.30 54.45
N PHE J 31 19.90 -16.73 55.55
CA PHE J 31 21.30 -17.13 55.47
C PHE J 31 21.47 -18.46 54.73
N GLU J 32 20.49 -19.35 54.78
CA GLU J 32 20.60 -20.60 54.05
C GLU J 32 20.57 -20.37 52.54
N ARG J 33 19.91 -19.32 52.08
CA ARG J 33 19.79 -19.02 50.67
C ARG J 33 20.87 -18.06 50.18
N ALA J 34 21.82 -17.68 51.03
CA ALA J 34 22.77 -16.62 50.67
C ALA J 34 23.74 -17.10 49.59
N ALA J 35 24.20 -18.35 49.67
CA ALA J 35 25.21 -18.83 48.75
C ALA J 35 24.69 -18.88 47.31
N ALA J 36 23.53 -19.51 47.11
CA ALA J 36 22.94 -19.58 45.78
C ALA J 36 22.62 -18.18 45.25
N SER J 37 22.12 -17.30 46.13
CA SER J 37 21.82 -15.94 45.72
C SER J 37 23.07 -15.23 45.22
N MET J 38 24.19 -15.35 45.95
CA MET J 38 25.41 -14.69 45.52
C MET J 38 25.99 -15.31 44.25
N GLU J 39 25.85 -16.63 44.08
CA GLU J 39 26.27 -17.25 42.83
C GLU J 39 25.50 -16.66 41.65
N ALA J 40 24.18 -16.61 41.76
CA ALA J 40 23.36 -16.02 40.70
C ALA J 40 23.71 -14.54 40.50
N ALA J 41 24.02 -13.84 41.59
CA ALA J 41 24.32 -12.41 41.49
C ALA J 41 25.62 -12.18 40.72
N ARG J 42 26.66 -12.96 41.03
CA ARG J 42 27.91 -12.85 40.28
C ARG J 42 27.70 -13.25 38.82
N ALA J 43 26.87 -14.27 38.58
CA ALA J 43 26.58 -14.66 37.20
C ALA J 43 25.98 -13.50 36.42
N LEU J 44 24.92 -12.88 36.95
CA LEU J 44 24.28 -11.78 36.24
C LEU J 44 25.18 -10.56 36.15
N THR J 45 25.99 -10.32 37.18
CA THR J 45 26.89 -9.16 37.15
C THR J 45 27.95 -9.31 36.07
N ASN J 46 28.51 -10.52 35.95
CA ASN J 46 29.61 -10.72 35.01
C ASN J 46 29.11 -10.81 33.56
N ASN J 47 27.95 -11.42 33.33
CA ASN J 47 27.42 -11.54 31.99
C ASN J 47 26.65 -10.31 31.55
N ALA J 48 26.65 -9.26 32.37
CA ALA J 48 25.84 -8.06 32.24
C ALA J 48 25.53 -7.64 30.81
N GLN J 49 26.56 -7.13 30.12
CA GLN J 49 26.35 -6.54 28.79
C GLN J 49 25.75 -7.54 27.80
N GLN J 50 26.13 -8.81 27.92
CA GLN J 50 25.52 -9.86 27.09
C GLN J 50 24.00 -9.82 27.21
N LEU J 51 23.49 -9.89 28.44
CA LEU J 51 22.04 -9.94 28.61
C LEU J 51 21.39 -8.59 28.29
N ILE J 52 22.09 -7.47 28.55
CA ILE J 52 21.52 -6.17 28.21
C ILE J 52 21.26 -6.09 26.70
N ASP J 53 22.28 -6.39 25.90
CA ASP J 53 22.12 -6.29 24.46
C ASP J 53 21.14 -7.33 23.93
N GLY J 54 21.19 -8.55 24.47
CA GLY J 54 20.25 -9.58 24.03
C GLY J 54 18.80 -9.23 24.34
N ALA J 55 18.57 -8.63 25.51
CA ALA J 55 17.20 -8.23 25.87
C ALA J 55 16.73 -7.07 25.00
N ALA J 56 17.62 -6.12 24.71
CA ALA J 56 17.26 -5.06 23.77
C ALA J 56 16.85 -5.63 22.41
N ASN J 57 17.60 -6.64 21.93
CA ASN J 57 17.27 -7.27 20.67
C ASN J 57 15.93 -8.02 20.74
N ALA J 58 15.70 -8.74 21.83
CA ALA J 58 14.44 -9.48 21.98
C ALA J 58 13.25 -8.52 22.01
N VAL J 59 13.41 -7.38 22.68
CA VAL J 59 12.35 -6.37 22.69
C VAL J 59 12.15 -5.79 21.30
N TYR J 60 13.24 -5.55 20.57
CA TYR J 60 13.13 -5.05 19.21
C TYR J 60 12.50 -6.07 18.26
N GLN J 61 12.55 -7.35 18.62
CA GLN J 61 11.91 -8.38 17.81
C GLN J 61 10.45 -8.60 18.17
N LYS J 62 10.06 -8.49 19.44
CA LYS J 62 8.64 -8.59 19.76
C LYS J 62 7.90 -7.27 19.48
N PHE J 63 8.54 -6.13 19.77
CA PHE J 63 8.00 -4.81 19.45
C PHE J 63 8.88 -4.19 18.37
N PRO J 64 8.71 -4.58 17.11
CA PRO J 64 9.64 -4.07 16.07
C PRO J 64 9.53 -2.58 15.83
N TYR J 65 8.31 -2.05 15.73
CA TYR J 65 8.11 -0.64 15.42
C TYR J 65 8.73 0.30 16.45
N THR J 66 9.14 -0.20 17.62
CA THR J 66 9.80 0.65 18.59
C THR J 66 11.17 1.11 18.11
N THR J 67 11.77 0.40 17.14
CA THR J 67 13.02 0.83 16.53
C THR J 67 12.79 1.35 15.12
N GLN J 68 11.55 1.71 14.79
CA GLN J 68 11.18 2.21 13.47
C GLN J 68 10.53 3.58 13.52
N MET J 69 9.52 3.75 14.36
CA MET J 69 8.75 4.98 14.38
C MET J 69 9.55 6.12 14.99
N GLN J 70 9.44 7.30 14.38
CA GLN J 70 9.99 8.50 15.00
C GLN J 70 9.18 8.85 16.24
N GLY J 71 9.88 9.19 17.32
CA GLY J 71 9.19 9.48 18.56
C GLY J 71 10.08 9.96 19.68
N ALA J 72 9.54 10.80 20.56
CA ALA J 72 10.31 11.27 21.70
C ALA J 72 10.69 10.14 22.63
N ASN J 73 9.89 9.07 22.66
CA ASN J 73 10.08 7.96 23.59
C ASN J 73 10.31 6.64 22.87
N PHE J 74 10.90 6.67 21.68
CA PHE J 74 11.14 5.48 20.90
C PHE J 74 12.64 5.29 20.65
N ALA J 75 13.00 4.07 20.27
CA ALA J 75 14.36 3.72 19.92
C ALA J 75 14.68 4.01 18.46
N SER J 76 14.18 5.13 17.94
CA SER J 76 14.43 5.50 16.55
C SER J 76 15.90 5.85 16.33
N ASP J 77 16.34 6.94 16.94
CA ASP J 77 17.73 7.37 16.83
C ASP J 77 18.61 6.56 17.79
N SER J 78 19.91 6.89 17.81
CA SER J 78 20.82 6.22 18.72
C SER J 78 20.51 6.55 20.18
N ARG J 79 19.97 7.74 20.43
CA ARG J 79 19.61 8.13 21.79
C ARG J 79 18.57 7.18 22.37
N GLY J 80 17.58 6.78 21.56
CA GLY J 80 16.56 5.87 22.05
C GLY J 80 17.11 4.50 22.41
N LYS J 81 17.98 3.96 21.56
CA LYS J 81 18.59 2.67 21.86
C LYS J 81 19.48 2.76 23.11
N SER J 82 20.20 3.87 23.27
CA SER J 82 21.01 4.07 24.45
C SER J 82 20.14 4.09 25.71
N LYS J 83 19.03 4.83 25.66
CA LYS J 83 18.12 4.89 26.80
C LYS J 83 17.53 3.52 27.11
N CYS J 84 17.20 2.74 26.07
CA CYS J 84 16.63 1.42 26.29
C CYS J 84 17.64 0.48 26.95
N ALA J 85 18.87 0.45 26.44
CA ALA J 85 19.91 -0.36 27.05
C ALA J 85 20.16 0.07 28.49
N ARG J 86 20.11 1.38 28.75
CA ARG J 86 20.27 1.87 30.12
C ARG J 86 19.13 1.41 31.01
N ASP J 87 17.91 1.34 30.46
CA ASP J 87 16.77 0.84 31.25
C ASP J 87 16.95 -0.62 31.60
N ILE J 88 17.35 -1.45 30.63
CA ILE J 88 17.56 -2.86 30.90
C ILE J 88 18.68 -3.04 31.93
N GLY J 89 19.74 -2.22 31.81
CA GLY J 89 20.79 -2.24 32.81
C GLY J 89 20.30 -1.89 34.19
N TYR J 90 19.47 -0.85 34.30
CA TYR J 90 18.75 -0.54 35.54
C TYR J 90 18.14 -1.80 36.13
N TYR J 91 17.26 -2.43 35.35
CA TYR J 91 16.51 -3.58 35.87
C TYR J 91 17.45 -4.67 36.38
N LEU J 92 18.42 -5.08 35.55
CA LEU J 92 19.28 -6.18 35.95
C LEU J 92 20.14 -5.79 37.17
N ARG J 93 20.62 -4.56 37.20
CA ARG J 93 21.43 -4.10 38.33
C ARG J 93 20.66 -4.18 39.63
N ILE J 94 19.43 -3.69 39.65
CA ILE J 94 18.67 -3.77 40.90
C ILE J 94 18.29 -5.22 41.21
N ILE J 95 18.17 -6.08 40.18
CA ILE J 95 17.94 -7.49 40.47
C ILE J 95 19.13 -8.10 41.20
N THR J 96 20.35 -7.77 40.77
CA THR J 96 21.53 -8.22 41.50
C THR J 96 21.55 -7.64 42.92
N TYR J 97 21.16 -6.37 43.07
CA TYR J 97 21.05 -5.79 44.41
C TYR J 97 20.16 -6.65 45.31
N SER J 98 18.97 -6.99 44.82
CA SER J 98 18.05 -7.80 45.61
C SER J 98 18.62 -9.18 45.89
N LEU J 99 19.29 -9.79 44.91
CA LEU J 99 19.93 -11.08 45.12
C LEU J 99 20.93 -11.00 46.27
N VAL J 100 21.72 -9.94 46.31
CA VAL J 100 22.72 -9.81 47.36
C VAL J 100 22.05 -9.56 48.72
N ALA J 101 21.03 -8.71 48.75
CA ALA J 101 20.36 -8.39 50.01
C ALA J 101 19.55 -9.55 50.56
N GLY J 102 19.18 -10.52 49.70
CA GLY J 102 18.35 -11.63 50.14
C GLY J 102 16.87 -11.33 50.22
N GLY J 103 16.42 -10.19 49.70
CA GLY J 103 15.02 -9.83 49.73
C GLY J 103 14.68 -8.90 48.58
N THR J 104 13.39 -8.58 48.47
CA THR J 104 12.90 -7.75 47.39
C THR J 104 12.94 -6.26 47.71
N GLY J 105 13.54 -5.88 48.84
CA GLY J 105 13.65 -4.50 49.24
C GLY J 105 14.29 -3.59 48.21
N PRO J 106 15.49 -3.94 47.75
CA PRO J 106 16.14 -3.13 46.70
C PRO J 106 15.24 -2.93 45.49
N LEU J 107 14.55 -3.97 45.05
CA LEU J 107 13.65 -3.82 43.91
C LEU J 107 12.57 -2.79 44.19
N ASP J 108 11.97 -2.84 45.38
CA ASP J 108 10.91 -1.89 45.72
C ASP J 108 11.44 -0.47 45.79
N GLU J 109 12.63 -0.28 46.36
CA GLU J 109 13.11 1.07 46.62
C GLU J 109 13.72 1.71 45.38
N TYR J 110 14.60 1.00 44.69
CA TYR J 110 15.36 1.58 43.58
C TYR J 110 14.62 1.57 42.25
N LEU J 111 13.82 0.54 41.99
CA LEU J 111 13.16 0.36 40.70
C LEU J 111 11.66 0.55 40.74
N ILE J 112 10.99 0.00 41.76
CA ILE J 112 9.54 -0.08 41.74
C ILE J 112 8.91 1.28 42.08
N ALA J 113 9.46 1.97 43.08
CA ALA J 113 8.88 3.22 43.53
C ALA J 113 8.88 4.26 42.41
N GLY J 114 7.70 4.74 42.05
CA GLY J 114 7.55 5.72 41.00
C GLY J 114 7.63 5.17 39.60
N LEU J 115 7.70 3.85 39.43
CA LEU J 115 7.84 3.27 38.10
C LEU J 115 6.62 3.54 37.23
N ASP J 116 5.42 3.48 37.82
CA ASP J 116 4.20 3.70 37.04
C ASP J 116 4.17 5.11 36.45
N GLU J 117 4.44 6.12 37.28
CA GLU J 117 4.47 7.48 36.75
C GLU J 117 5.67 7.71 35.84
N ILE J 118 6.76 6.93 36.01
CA ILE J 118 7.88 7.03 35.08
C ILE J 118 7.44 6.56 33.69
N ASN J 119 6.71 5.45 33.63
CA ASN J 119 6.24 4.94 32.34
C ASN J 119 5.04 5.71 31.80
N ARG J 120 4.35 6.47 32.65
CA ARG J 120 3.20 7.25 32.23
C ARG J 120 3.57 8.64 31.73
N THR J 121 4.44 9.35 32.45
CA THR J 121 4.86 10.68 32.02
C THR J 121 5.70 10.65 30.75
N PHE J 122 6.36 9.51 30.47
CA PHE J 122 7.17 9.38 29.27
C PHE J 122 6.60 8.38 28.27
N ASP J 123 5.42 7.83 28.54
CA ASP J 123 4.70 6.98 27.58
C ASP J 123 5.51 5.76 27.18
N LEU J 124 6.12 5.09 28.16
CA LEU J 124 6.87 3.87 27.94
C LEU J 124 6.00 2.69 28.37
N SER J 125 5.61 1.86 27.42
CA SER J 125 4.71 0.74 27.72
C SER J 125 5.47 -0.36 28.44
N PRO J 126 4.92 -0.91 29.53
CA PRO J 126 5.68 -1.91 30.32
C PRO J 126 5.87 -3.25 29.63
N SER J 127 5.15 -3.50 28.52
CA SER J 127 5.30 -4.76 27.81
C SER J 127 6.73 -4.98 27.36
N TRP J 128 7.40 -3.91 26.94
CA TRP J 128 8.78 -4.04 26.47
C TRP J 128 9.70 -4.50 27.59
N TYR J 129 9.57 -3.89 28.77
CA TYR J 129 10.43 -4.26 29.88
C TYR J 129 10.11 -5.66 30.40
N VAL J 130 8.83 -6.06 30.39
CA VAL J 130 8.53 -7.42 30.80
C VAL J 130 9.10 -8.41 29.79
N GLU J 131 9.14 -8.04 28.49
CA GLU J 131 9.78 -8.92 27.50
C GLU J 131 11.28 -9.02 27.74
N ALA J 132 11.93 -7.89 28.04
CA ALA J 132 13.36 -7.93 28.32
C ALA J 132 13.65 -8.80 29.53
N LEU J 133 12.80 -8.75 30.55
CA LEU J 133 13.00 -9.61 31.71
C LEU J 133 12.72 -11.07 31.39
N LYS J 134 11.77 -11.35 30.51
CA LYS J 134 11.60 -12.72 30.02
C LYS J 134 12.87 -13.21 29.34
N TYR J 135 13.48 -12.37 28.50
CA TYR J 135 14.74 -12.72 27.88
C TYR J 135 15.80 -13.00 28.93
N ILE J 136 15.86 -12.18 29.97
CA ILE J 136 16.90 -12.35 31.00
C ILE J 136 16.68 -13.67 31.75
N LYS J 137 15.43 -14.02 32.03
CA LYS J 137 15.17 -15.28 32.72
C LYS J 137 15.42 -16.48 31.82
N ALA J 138 15.28 -16.31 30.50
CA ALA J 138 15.46 -17.44 29.60
C ALA J 138 16.92 -17.67 29.26
N ASN J 139 17.62 -16.63 28.77
CA ASN J 139 18.96 -16.81 28.24
C ASN J 139 19.99 -17.05 29.34
N HIS J 140 19.78 -16.48 30.52
CA HIS J 140 20.68 -16.78 31.64
C HIS J 140 20.59 -18.26 32.00
N GLY J 141 21.74 -18.88 32.18
CA GLY J 141 21.80 -20.31 32.41
C GLY J 141 22.21 -20.68 33.82
N LEU J 142 21.24 -20.82 34.72
CA LEU J 142 21.50 -21.20 36.09
C LEU J 142 20.68 -22.44 36.43
N SER J 143 21.15 -23.17 37.44
CA SER J 143 20.55 -24.45 37.82
C SER J 143 20.46 -24.55 39.32
N GLY J 144 19.47 -25.31 39.79
CA GLY J 144 19.32 -25.55 41.21
C GLY J 144 18.79 -24.34 41.96
N GLN J 145 19.26 -24.19 43.20
CA GLN J 145 18.79 -23.09 44.04
C GLN J 145 19.31 -21.74 43.52
N ALA J 146 20.48 -21.73 42.88
CA ALA J 146 20.99 -20.49 42.29
C ALA J 146 20.10 -20.01 41.16
N ALA J 147 19.39 -20.92 40.49
CA ALA J 147 18.40 -20.52 39.50
C ALA J 147 17.14 -20.01 40.18
N ASN J 148 16.68 -20.69 41.23
CA ASN J 148 15.44 -20.32 41.89
C ASN J 148 15.54 -18.93 42.52
N GLU J 149 16.69 -18.62 43.13
CA GLU J 149 16.85 -17.33 43.79
C GLU J 149 16.72 -16.18 42.79
N ALA J 150 17.37 -16.30 41.63
CA ALA J 150 17.24 -15.26 40.62
C ALA J 150 15.85 -15.24 40.01
N ASN J 151 15.24 -16.41 39.84
CA ASN J 151 13.91 -16.49 39.26
C ASN J 151 12.88 -15.80 40.14
N THR J 152 13.04 -15.88 41.47
CA THR J 152 12.10 -15.23 42.36
C THR J 152 12.07 -13.72 42.13
N TYR J 153 13.24 -13.09 42.03
CA TYR J 153 13.28 -11.64 41.84
C TYR J 153 12.85 -11.24 40.43
N ILE J 154 13.22 -12.04 39.43
CA ILE J 154 12.74 -11.76 38.07
C ILE J 154 11.23 -11.82 38.02
N ASP J 155 10.64 -12.84 38.67
CA ASP J 155 9.18 -12.97 38.71
C ASP J 155 8.54 -11.84 39.51
N TYR J 156 9.21 -11.38 40.57
CA TYR J 156 8.72 -10.21 41.31
C TYR J 156 8.61 -9.00 40.39
N ALA J 157 9.66 -8.76 39.59
CA ALA J 157 9.62 -7.68 38.61
C ALA J 157 8.50 -7.88 37.59
N ILE J 158 8.34 -9.12 37.09
CA ILE J 158 7.26 -9.41 36.16
C ILE J 158 5.91 -9.05 36.77
N ASN J 159 5.66 -9.56 37.98
CA ASN J 159 4.36 -9.40 38.62
C ASN J 159 4.06 -7.94 38.89
N ALA J 160 5.06 -7.18 39.34
CA ALA J 160 4.81 -5.77 39.63
C ALA J 160 4.82 -4.90 38.38
N LEU J 161 5.26 -5.43 37.23
CA LEU J 161 5.08 -4.72 35.97
C LEU J 161 3.74 -5.04 35.32
N SER J 162 3.29 -6.28 35.42
CA SER J 162 2.02 -6.70 34.83
C SER J 162 0.84 -6.14 35.62
N MET K 1 30.40 11.82 -26.50
CA MET K 1 29.33 12.62 -25.90
C MET K 1 28.56 13.39 -26.97
N LYS K 2 27.23 13.32 -26.89
CA LYS K 2 26.34 13.82 -27.92
C LYS K 2 25.72 15.14 -27.48
N THR K 3 25.97 16.19 -28.26
CA THR K 3 25.26 17.46 -28.20
C THR K 3 24.73 17.76 -29.59
N PRO K 4 23.72 18.64 -29.72
CA PRO K 4 23.23 18.99 -31.05
C PRO K 4 24.33 19.47 -32.00
N ILE K 5 25.30 20.23 -31.49
CA ILE K 5 26.42 20.66 -32.32
C ILE K 5 27.24 19.45 -32.75
N THR K 6 27.60 18.59 -31.80
CA THR K 6 28.37 17.39 -32.14
C THR K 6 27.59 16.49 -33.08
N GLU K 7 26.27 16.38 -32.87
CA GLU K 7 25.44 15.57 -33.75
C GLU K 7 25.50 16.09 -35.18
N ALA K 8 25.32 17.40 -35.36
CA ALA K 8 25.38 17.97 -36.70
C ALA K 8 26.75 17.76 -37.34
N ILE K 9 27.82 18.01 -36.58
CA ILE K 9 29.16 17.85 -37.14
C ILE K 9 29.42 16.40 -37.54
N ALA K 10 29.00 15.45 -36.69
CA ALA K 10 29.22 14.04 -36.99
C ALA K 10 28.40 13.61 -38.21
N ALA K 11 27.15 14.06 -38.31
CA ALA K 11 26.36 13.75 -39.49
C ALA K 11 27.01 14.30 -40.75
N ALA K 12 27.50 15.54 -40.70
CA ALA K 12 28.13 16.12 -41.89
C ALA K 12 29.41 15.39 -42.26
N ASP K 13 30.24 15.03 -41.27
CA ASP K 13 31.51 14.40 -41.57
C ASP K 13 31.34 12.96 -42.04
N THR K 14 30.34 12.25 -41.51
CA THR K 14 30.11 10.86 -41.93
C THR K 14 29.73 10.79 -43.41
N GLN K 15 29.13 11.85 -43.95
CA GLN K 15 28.82 11.92 -45.37
C GLN K 15 29.73 12.91 -46.11
N GLY K 16 30.76 13.43 -45.45
CA GLY K 16 31.81 14.18 -46.12
C GLY K 16 31.41 15.51 -46.70
N ARG K 17 30.26 16.05 -46.33
CA ARG K 17 29.78 17.29 -46.92
C ARG K 17 30.02 18.46 -45.97
N PHE K 18 29.81 19.66 -46.51
CA PHE K 18 29.68 20.84 -45.65
C PHE K 18 28.35 20.78 -44.91
N LEU K 19 28.28 21.50 -43.80
CA LEU K 19 27.04 21.51 -43.01
C LEU K 19 25.91 22.12 -43.83
N SER K 20 24.78 21.43 -43.86
CA SER K 20 23.62 21.88 -44.61
C SER K 20 22.97 23.09 -43.93
N ASN K 21 22.20 23.84 -44.72
CA ASN K 21 21.52 25.03 -44.18
C ASN K 21 20.56 24.66 -43.06
N THR K 22 19.91 23.50 -43.16
CA THR K 22 19.04 23.05 -42.09
C THR K 22 19.84 22.75 -40.83
N GLU K 23 20.98 22.07 -40.97
CA GLU K 23 21.83 21.79 -39.82
C GLU K 23 22.36 23.09 -39.21
N LEU K 24 22.74 24.05 -40.06
CA LEU K 24 23.26 25.32 -39.56
C LEU K 24 22.18 26.09 -38.81
N GLN K 25 20.94 26.09 -39.31
CA GLN K 25 19.90 26.82 -38.61
C GLN K 25 19.47 26.10 -37.34
N ALA K 26 19.59 24.77 -37.30
CA ALA K 26 19.34 24.05 -36.04
C ALA K 26 20.38 24.41 -34.99
N VAL K 27 21.66 24.47 -35.39
CA VAL K 27 22.70 24.92 -34.48
C VAL K 27 22.42 26.35 -34.02
N ASN K 28 21.96 27.19 -34.94
CA ASN K 28 21.60 28.56 -34.60
C ASN K 28 20.50 28.60 -33.55
N GLY K 29 19.50 27.72 -33.68
CA GLY K 29 18.44 27.67 -32.67
C GLY K 29 18.96 27.24 -31.32
N ARG K 30 19.89 26.27 -31.31
CA ARG K 30 20.55 25.90 -30.06
C ARG K 30 21.19 27.12 -29.41
N PHE K 31 21.93 27.91 -30.20
CA PHE K 31 22.58 29.09 -29.65
C PHE K 31 21.58 30.15 -29.23
N GLU K 32 20.42 30.22 -29.88
CA GLU K 32 19.37 31.13 -29.44
C GLU K 32 18.81 30.73 -28.08
N ARG K 33 18.72 29.43 -27.80
CA ARG K 33 18.27 28.99 -26.49
C ARG K 33 19.37 29.01 -25.42
N ALA K 34 20.64 29.13 -25.84
CA ALA K 34 21.76 29.04 -24.92
C ALA K 34 21.63 29.99 -23.72
N ALA K 35 21.08 31.18 -23.91
CA ALA K 35 21.05 32.18 -22.84
C ALA K 35 20.14 31.72 -21.69
N ALA K 36 18.90 31.36 -22.02
CA ALA K 36 18.00 30.83 -20.99
C ALA K 36 18.55 29.54 -20.41
N SER K 37 19.20 28.71 -21.24
CA SER K 37 19.82 27.50 -20.73
C SER K 37 20.85 27.83 -19.64
N MET K 38 21.66 28.85 -19.88
CA MET K 38 22.70 29.21 -18.92
C MET K 38 22.10 29.81 -17.65
N GLU K 39 21.07 30.65 -17.79
CA GLU K 39 20.41 31.16 -16.59
C GLU K 39 19.84 30.03 -15.75
N ALA K 40 19.20 29.05 -16.40
CA ALA K 40 18.64 27.91 -15.66
C ALA K 40 19.73 27.10 -14.99
N ALA K 41 20.83 26.83 -15.69
CA ALA K 41 21.93 26.07 -15.08
C ALA K 41 22.50 26.80 -13.88
N ARG K 42 22.67 28.12 -13.99
CA ARG K 42 23.20 28.90 -12.86
C ARG K 42 22.26 28.85 -11.67
N ALA K 43 20.96 29.01 -11.91
CA ALA K 43 20.00 28.97 -10.81
C ALA K 43 19.96 27.60 -10.14
N LEU K 44 20.05 26.53 -10.94
CA LEU K 44 20.02 25.20 -10.36
C LEU K 44 21.31 24.86 -9.63
N THR K 45 22.43 25.44 -10.06
CA THR K 45 23.71 25.17 -9.39
C THR K 45 23.84 25.97 -8.09
N ASN K 46 23.42 27.24 -8.10
CA ASN K 46 23.60 28.09 -6.93
C ASN K 46 22.69 27.66 -5.77
N ASN K 47 21.57 27.01 -6.07
CA ASN K 47 20.65 26.51 -5.06
C ASN K 47 20.62 24.99 -5.04
N ALA K 48 21.78 24.37 -5.29
CA ALA K 48 21.83 22.92 -5.43
C ALA K 48 21.39 22.21 -4.16
N GLN K 49 22.06 22.48 -3.04
CA GLN K 49 21.79 21.72 -1.82
C GLN K 49 20.41 22.04 -1.25
N GLN K 50 19.96 23.28 -1.38
CA GLN K 50 18.61 23.63 -0.93
C GLN K 50 17.57 22.83 -1.71
N LEU K 51 17.71 22.78 -3.04
CA LEU K 51 16.78 22.03 -3.86
C LEU K 51 16.84 20.54 -3.56
N ILE K 52 18.05 20.00 -3.36
CA ILE K 52 18.19 18.58 -3.07
C ILE K 52 17.50 18.23 -1.75
N ASP K 53 17.75 19.02 -0.71
CA ASP K 53 17.14 18.77 0.59
C ASP K 53 15.62 18.90 0.52
N GLY K 54 15.12 19.92 -0.18
CA GLY K 54 13.69 20.06 -0.33
C GLY K 54 13.05 18.91 -1.08
N ALA K 55 13.77 18.38 -2.09
CA ALA K 55 13.25 17.24 -2.84
C ALA K 55 13.18 15.98 -1.98
N ALA K 56 14.26 15.71 -1.23
CA ALA K 56 14.22 14.58 -0.30
C ALA K 56 13.08 14.72 0.68
N ASN K 57 12.86 15.93 1.21
CA ASN K 57 11.79 16.14 2.18
C ASN K 57 10.42 15.93 1.55
N ALA K 58 10.21 16.45 0.34
CA ALA K 58 8.93 16.26 -0.34
C ALA K 58 8.67 14.77 -0.61
N VAL K 59 9.74 14.03 -0.90
CA VAL K 59 9.60 12.59 -1.12
C VAL K 59 9.19 11.90 0.18
N TYR K 60 9.88 12.23 1.28
CA TYR K 60 9.54 11.62 2.56
C TYR K 60 8.13 12.01 3.02
N GLN K 61 7.64 13.16 2.58
CA GLN K 61 6.29 13.57 2.96
C GLN K 61 5.20 13.00 2.05
N LYS K 62 5.54 12.66 0.80
CA LYS K 62 4.56 11.99 -0.05
C LYS K 62 4.55 10.48 0.17
N PHE K 63 5.72 9.88 0.38
CA PHE K 63 5.85 8.46 0.69
C PHE K 63 6.47 8.34 2.08
N PRO K 64 5.67 8.48 3.14
CA PRO K 64 6.24 8.50 4.49
C PRO K 64 6.93 7.20 4.90
N TYR K 65 6.45 6.06 4.39
CA TYR K 65 7.05 4.78 4.75
C TYR K 65 8.53 4.73 4.45
N THR K 66 9.01 5.55 3.50
CA THR K 66 10.42 5.56 3.16
C THR K 66 11.29 5.93 4.37
N THR K 67 10.77 6.77 5.27
CA THR K 67 11.48 7.13 6.48
C THR K 67 11.11 6.25 7.68
N GLN K 68 10.38 5.15 7.44
CA GLN K 68 9.93 4.28 8.52
C GLN K 68 10.40 2.85 8.38
N MET K 69 10.35 2.27 7.18
CA MET K 69 10.70 0.88 7.00
C MET K 69 12.19 0.66 7.14
N GLN K 70 12.57 -0.39 7.87
CA GLN K 70 13.96 -0.75 8.02
C GLN K 70 14.49 -1.33 6.70
N GLY K 71 15.78 -1.63 6.68
CA GLY K 71 16.39 -2.20 5.51
C GLY K 71 17.13 -1.17 4.68
N ALA K 72 18.13 -1.65 3.93
CA ALA K 72 18.97 -0.74 3.13
C ALA K 72 18.15 -0.03 2.07
N ASN K 73 17.15 -0.70 1.51
CA ASN K 73 16.32 -0.13 0.46
C ASN K 73 15.81 1.25 0.86
N PHE K 74 15.26 1.39 2.07
CA PHE K 74 14.59 2.60 2.52
C PHE K 74 15.55 3.56 3.23
N ALA K 75 15.03 4.75 3.55
CA ALA K 75 15.82 5.83 4.12
C ALA K 75 15.35 6.15 5.54
N SER K 76 15.33 5.13 6.41
CA SER K 76 14.97 5.36 7.81
C SER K 76 16.17 5.85 8.61
N ASP K 77 17.37 5.36 8.28
CA ASP K 77 18.59 5.83 8.90
C ASP K 77 19.10 7.09 8.21
N SER K 78 20.19 7.65 8.76
CA SER K 78 20.77 8.85 8.15
C SER K 78 21.55 8.51 6.89
N ARG K 79 22.11 7.30 6.82
CA ARG K 79 22.80 6.88 5.60
C ARG K 79 21.83 6.77 4.43
N GLY K 80 20.62 6.28 4.68
CA GLY K 80 19.62 6.21 3.63
C GLY K 80 19.24 7.58 3.10
N LYS K 81 19.06 8.55 3.99
CA LYS K 81 18.77 9.92 3.57
C LYS K 81 19.94 10.52 2.80
N SER K 82 21.17 10.20 3.22
CA SER K 82 22.34 10.68 2.49
C SER K 82 22.37 10.12 1.07
N LYS K 83 22.10 8.82 0.92
CA LYS K 83 22.09 8.21 -0.41
C LYS K 83 20.96 8.78 -1.27
N CYS K 84 19.79 9.03 -0.66
CA CYS K 84 18.66 9.60 -1.40
C CYS K 84 19.00 11.00 -1.91
N ALA K 85 19.52 11.85 -1.02
CA ALA K 85 19.91 13.20 -1.42
C ALA K 85 21.04 13.17 -2.45
N ARG K 86 21.93 12.19 -2.37
CA ARG K 86 23.01 12.08 -3.34
C ARG K 86 22.49 11.64 -4.71
N ASP K 87 21.47 10.78 -4.74
CA ASP K 87 20.84 10.43 -6.01
C ASP K 87 20.13 11.62 -6.62
N ILE K 88 19.41 12.39 -5.79
CA ILE K 88 18.76 13.60 -6.30
C ILE K 88 19.80 14.58 -6.82
N GLY K 89 20.96 14.64 -6.15
CA GLY K 89 22.06 15.45 -6.65
C GLY K 89 22.58 14.95 -7.99
N TYR K 90 22.67 13.63 -8.15
CA TYR K 90 22.98 13.06 -9.45
C TYR K 90 22.06 13.63 -10.52
N TYR K 91 20.74 13.53 -10.27
CA TYR K 91 19.76 13.97 -11.25
C TYR K 91 19.93 15.44 -11.59
N LEU K 92 20.08 16.29 -10.56
CA LEU K 92 20.20 17.73 -10.80
C LEU K 92 21.51 18.07 -11.52
N ARG K 93 22.60 17.38 -11.15
CA ARG K 93 23.88 17.52 -11.83
C ARG K 93 23.73 17.27 -13.33
N ILE K 94 23.17 16.12 -13.69
CA ILE K 94 23.07 15.77 -15.10
C ILE K 94 22.08 16.68 -15.82
N ILE K 95 21.06 17.18 -15.11
CA ILE K 95 20.15 18.14 -15.71
C ILE K 95 20.89 19.43 -16.07
N THR K 96 21.78 19.88 -15.18
CA THR K 96 22.61 21.05 -15.49
C THR K 96 23.52 20.76 -16.68
N TYR K 97 24.09 19.55 -16.72
CA TYR K 97 24.88 19.14 -17.88
C TYR K 97 24.06 19.28 -19.16
N SER K 98 22.83 18.79 -19.15
CA SER K 98 21.97 18.83 -20.32
C SER K 98 21.62 20.27 -20.71
N LEU K 99 21.44 21.13 -19.70
CA LEU K 99 21.19 22.54 -19.98
C LEU K 99 22.38 23.18 -20.68
N VAL K 100 23.59 22.89 -20.19
CA VAL K 100 24.79 23.45 -20.81
C VAL K 100 24.97 22.88 -22.22
N ALA K 101 24.61 21.62 -22.43
CA ALA K 101 24.77 20.98 -23.72
C ALA K 101 23.69 21.37 -24.71
N GLY K 102 22.57 21.90 -24.24
CA GLY K 102 21.48 22.24 -25.13
C GLY K 102 20.72 21.06 -25.68
N GLY K 103 20.86 19.89 -25.04
CA GLY K 103 20.19 18.69 -25.50
C GLY K 103 20.12 17.67 -24.38
N THR K 104 19.51 16.53 -24.69
CA THR K 104 19.29 15.47 -23.73
C THR K 104 20.39 14.40 -23.75
N GLY K 105 21.47 14.63 -24.50
CA GLY K 105 22.57 13.70 -24.57
C GLY K 105 23.15 13.31 -23.22
N PRO K 106 23.60 14.31 -22.45
CA PRO K 106 24.12 14.00 -21.11
C PRO K 106 23.14 13.22 -20.25
N LEU K 107 21.87 13.61 -20.25
CA LEU K 107 20.87 12.84 -19.52
C LEU K 107 20.78 11.41 -20.02
N ASP K 108 20.88 11.24 -21.34
CA ASP K 108 20.75 9.90 -21.92
C ASP K 108 21.90 9.00 -21.53
N GLU K 109 23.13 9.49 -21.59
CA GLU K 109 24.28 8.62 -21.37
C GLU K 109 24.70 8.52 -19.90
N TYR K 110 24.61 9.62 -19.15
CA TYR K 110 25.08 9.64 -17.77
C TYR K 110 24.05 9.16 -16.76
N LEU K 111 22.77 9.16 -17.11
CA LEU K 111 21.73 8.85 -16.13
C LEU K 111 20.81 7.72 -16.59
N ILE K 112 20.28 7.83 -17.80
CA ILE K 112 19.24 6.92 -18.26
C ILE K 112 19.81 5.53 -18.52
N ALA K 113 21.02 5.47 -19.09
CA ALA K 113 21.66 4.21 -19.45
C ALA K 113 21.81 3.31 -18.24
N GLY K 114 21.02 2.24 -18.18
CA GLY K 114 21.06 1.33 -17.05
C GLY K 114 20.28 1.78 -15.84
N LEU K 115 19.51 2.87 -15.94
CA LEU K 115 18.77 3.38 -14.80
C LEU K 115 17.69 2.39 -14.36
N ASP K 116 17.02 1.74 -15.32
CA ASP K 116 16.01 0.76 -14.99
C ASP K 116 16.62 -0.40 -14.20
N GLU K 117 17.76 -0.91 -14.65
CA GLU K 117 18.40 -2.01 -13.95
C GLU K 117 18.96 -1.57 -12.60
N ILE K 118 19.36 -0.31 -12.48
CA ILE K 118 19.82 0.19 -11.19
C ILE K 118 18.66 0.23 -10.20
N ASN K 119 17.51 0.73 -10.63
CA ASN K 119 16.36 0.80 -9.73
C ASN K 119 15.74 -0.57 -9.47
N ARG K 120 15.93 -1.53 -10.38
CA ARG K 120 15.43 -2.87 -10.14
C ARG K 120 16.34 -3.65 -9.20
N THR K 121 17.67 -3.49 -9.37
CA THR K 121 18.61 -4.25 -8.56
C THR K 121 18.54 -3.84 -7.10
N PHE K 122 18.56 -2.55 -6.82
CA PHE K 122 18.54 -2.03 -5.46
C PHE K 122 17.13 -1.72 -4.97
N ASP K 123 16.11 -2.15 -5.72
CA ASP K 123 14.71 -2.09 -5.27
C ASP K 123 14.27 -0.67 -4.95
N LEU K 124 14.74 0.29 -5.75
CA LEU K 124 14.34 1.69 -5.61
C LEU K 124 13.12 1.98 -6.48
N SER K 125 12.11 2.58 -5.89
CA SER K 125 10.88 2.86 -6.62
C SER K 125 11.04 4.14 -7.43
N PRO K 126 10.71 4.12 -8.73
CA PRO K 126 10.86 5.33 -9.54
C PRO K 126 9.93 6.47 -9.14
N SER K 127 8.79 6.16 -8.49
CA SER K 127 7.89 7.22 -8.06
C SER K 127 8.57 8.19 -7.10
N TRP K 128 9.50 7.69 -6.29
CA TRP K 128 10.27 8.56 -5.40
C TRP K 128 10.97 9.66 -6.18
N TYR K 129 11.77 9.27 -7.18
CA TYR K 129 12.53 10.23 -7.94
C TYR K 129 11.63 11.11 -8.80
N VAL K 130 10.49 10.56 -9.25
CA VAL K 130 9.51 11.38 -9.97
C VAL K 130 8.99 12.50 -9.08
N GLU K 131 8.66 12.18 -7.83
CA GLU K 131 8.16 13.19 -6.90
C GLU K 131 9.23 14.22 -6.58
N ALA K 132 10.47 13.77 -6.37
CA ALA K 132 11.56 14.71 -6.15
C ALA K 132 11.74 15.65 -7.33
N LEU K 133 11.66 15.12 -8.55
CA LEU K 133 11.80 15.96 -9.73
C LEU K 133 10.65 16.94 -9.86
N LYS K 134 9.44 16.53 -9.52
CA LYS K 134 8.31 17.44 -9.53
C LYS K 134 8.52 18.59 -8.55
N TYR K 135 9.02 18.27 -7.35
CA TYR K 135 9.40 19.31 -6.41
C TYR K 135 10.38 20.28 -7.04
N ILE K 136 11.48 19.76 -7.57
CA ILE K 136 12.54 20.62 -8.11
C ILE K 136 12.00 21.49 -9.25
N LYS K 137 11.12 20.93 -10.07
CA LYS K 137 10.53 21.70 -11.16
C LYS K 137 9.63 22.80 -10.64
N ALA K 138 8.93 22.56 -9.54
CA ALA K 138 8.03 23.58 -9.01
C ALA K 138 8.76 24.67 -8.22
N ASN K 139 9.97 24.41 -7.73
CA ASN K 139 10.64 25.34 -6.82
C ASN K 139 12.02 25.75 -7.31
N HIS K 140 12.18 25.94 -8.62
CA HIS K 140 13.42 26.54 -9.12
C HIS K 140 13.32 28.04 -9.27
N GLY K 141 12.14 28.62 -9.06
CA GLY K 141 11.95 30.07 -9.09
C GLY K 141 12.14 30.73 -10.44
N LEU K 142 12.30 29.95 -11.50
CA LEU K 142 12.57 30.52 -12.81
C LEU K 142 11.26 30.95 -13.48
N SER K 143 11.41 31.81 -14.49
CA SER K 143 10.30 32.24 -15.32
C SER K 143 10.78 32.37 -16.76
N GLY K 144 9.83 32.40 -17.69
CA GLY K 144 10.17 32.57 -19.08
C GLY K 144 10.90 31.36 -19.66
N GLN K 145 11.80 31.64 -20.59
CA GLN K 145 12.48 30.56 -21.32
C GLN K 145 13.45 29.79 -20.44
N ALA K 146 13.99 30.42 -19.40
CA ALA K 146 14.82 29.69 -18.44
C ALA K 146 14.00 28.59 -17.77
N ALA K 147 12.82 28.95 -17.26
CA ALA K 147 11.91 27.97 -16.70
C ALA K 147 11.53 26.91 -17.74
N ASN K 148 11.31 27.35 -18.99
CA ASN K 148 10.91 26.40 -20.03
C ASN K 148 11.99 25.35 -20.28
N GLU K 149 13.25 25.76 -20.33
CA GLU K 149 14.35 24.83 -20.57
C GLU K 149 14.56 23.90 -19.38
N ALA K 150 14.56 24.47 -18.16
CA ALA K 150 14.68 23.65 -16.97
C ALA K 150 13.58 22.59 -16.91
N ASN K 151 12.34 23.00 -17.19
CA ASN K 151 11.23 22.05 -17.19
C ASN K 151 11.38 21.03 -18.30
N THR K 152 11.93 21.43 -19.45
CA THR K 152 12.20 20.48 -20.53
C THR K 152 13.03 19.31 -20.03
N TYR K 153 14.16 19.61 -19.40
CA TYR K 153 15.05 18.51 -19.01
C TYR K 153 14.53 17.76 -17.77
N ILE K 154 13.87 18.47 -16.85
CA ILE K 154 13.25 17.80 -15.71
C ILE K 154 12.17 16.82 -16.18
N ASP K 155 11.35 17.24 -17.15
CA ASP K 155 10.30 16.38 -17.65
C ASP K 155 10.85 15.23 -18.46
N TYR K 156 11.98 15.44 -19.17
CA TYR K 156 12.64 14.32 -19.82
C TYR K 156 13.04 13.25 -18.81
N ALA K 157 13.65 13.68 -17.70
CA ALA K 157 14.01 12.72 -16.65
C ALA K 157 12.77 12.01 -16.10
N ILE K 158 11.70 12.77 -15.84
CA ILE K 158 10.48 12.19 -15.29
C ILE K 158 9.90 11.15 -16.26
N ASN K 159 9.85 11.49 -17.55
CA ASN K 159 9.36 10.56 -18.57
C ASN K 159 10.20 9.30 -18.58
N ALA K 160 11.52 9.43 -18.46
CA ALA K 160 12.38 8.25 -18.38
C ALA K 160 12.02 7.39 -17.18
N LEU K 161 11.65 8.01 -16.06
CA LEU K 161 11.29 7.23 -14.88
C LEU K 161 9.93 6.56 -15.02
N SER K 162 9.02 7.17 -15.77
CA SER K 162 7.67 6.64 -15.92
C SER K 162 7.65 5.37 -16.76
N MET L 1 -31.89 51.56 -11.81
CA MET L 1 -32.56 50.32 -12.19
C MET L 1 -33.75 50.07 -11.27
N LYS L 2 -34.69 49.23 -11.73
CA LYS L 2 -35.96 49.00 -11.04
C LYS L 2 -35.85 47.75 -10.16
N THR L 3 -35.71 47.96 -8.86
CA THR L 3 -35.74 46.92 -7.86
C THR L 3 -36.81 47.29 -6.83
N PRO L 4 -37.29 46.31 -6.06
CA PRO L 4 -38.27 46.63 -5.00
C PRO L 4 -37.80 47.72 -4.04
N ILE L 5 -36.52 47.70 -3.67
CA ILE L 5 -35.99 48.72 -2.77
C ILE L 5 -35.99 50.08 -3.45
N THR L 6 -35.45 50.16 -4.67
CA THR L 6 -35.50 51.40 -5.42
C THR L 6 -36.93 51.84 -5.66
N GLU L 7 -37.83 50.88 -5.89
CA GLU L 7 -39.24 51.21 -6.10
C GLU L 7 -39.82 51.90 -4.87
N ALA L 8 -39.58 51.34 -3.68
CA ALA L 8 -40.07 51.95 -2.45
C ALA L 8 -39.48 53.34 -2.26
N ILE L 9 -38.16 53.48 -2.46
CA ILE L 9 -37.51 54.77 -2.23
C ILE L 9 -38.05 55.81 -3.21
N ALA L 10 -38.24 55.43 -4.47
CA ALA L 10 -38.77 56.37 -5.46
C ALA L 10 -40.21 56.74 -5.16
N ALA L 11 -41.02 55.78 -4.73
CA ALA L 11 -42.40 56.08 -4.38
C ALA L 11 -42.49 57.00 -3.16
N ALA L 12 -41.48 56.96 -2.29
CA ALA L 12 -41.50 57.87 -1.15
C ALA L 12 -41.00 59.26 -1.53
N ASP L 13 -39.93 59.34 -2.34
CA ASP L 13 -39.41 60.65 -2.71
C ASP L 13 -40.35 61.41 -3.64
N THR L 14 -41.29 60.72 -4.28
CA THR L 14 -42.26 61.40 -5.13
C THR L 14 -43.28 62.18 -4.33
N GLN L 15 -43.47 61.85 -3.05
CA GLN L 15 -44.41 62.55 -2.19
C GLN L 15 -43.72 63.28 -1.04
N GLY L 16 -42.41 63.40 -1.07
CA GLY L 16 -41.68 64.12 -0.03
C GLY L 16 -41.95 63.62 1.37
N ARG L 17 -42.04 62.30 1.54
CA ARG L 17 -42.43 61.70 2.80
C ARG L 17 -41.44 60.59 3.17
N PHE L 18 -41.58 60.09 4.39
CA PHE L 18 -40.81 58.95 4.84
C PHE L 18 -41.46 57.66 4.34
N LEU L 19 -40.80 56.53 4.61
CA LEU L 19 -41.33 55.23 4.21
C LEU L 19 -42.50 54.84 5.10
N SER L 20 -43.65 54.55 4.49
CA SER L 20 -44.76 53.99 5.24
C SER L 20 -44.44 52.56 5.67
N ASN L 21 -45.24 52.05 6.60
CA ASN L 21 -44.96 50.73 7.18
C ASN L 21 -45.12 49.61 6.16
N THR L 22 -46.00 49.79 5.17
CA THR L 22 -46.22 48.75 4.17
C THR L 22 -45.00 48.57 3.28
N GLU L 23 -44.40 49.67 2.83
CA GLU L 23 -43.16 49.56 2.05
C GLU L 23 -42.03 48.98 2.88
N LEU L 24 -41.98 49.29 4.19
CA LEU L 24 -41.01 48.67 5.06
C LEU L 24 -41.19 47.15 5.10
N GLN L 25 -42.45 46.70 5.19
CA GLN L 25 -42.69 45.26 5.18
C GLN L 25 -42.32 44.64 3.84
N ALA L 26 -42.54 45.37 2.74
CA ALA L 26 -42.16 44.86 1.43
C ALA L 26 -40.65 44.65 1.32
N VAL L 27 -39.87 45.67 1.71
CA VAL L 27 -38.41 45.53 1.62
C VAL L 27 -37.91 44.49 2.60
N ASN L 28 -38.58 44.33 3.75
CA ASN L 28 -38.19 43.27 4.68
C ASN L 28 -38.46 41.89 4.10
N GLY L 29 -39.56 41.74 3.34
CA GLY L 29 -39.81 40.47 2.67
C GLY L 29 -38.77 40.17 1.61
N ARG L 30 -38.36 41.20 0.86
CA ARG L 30 -37.25 41.02 -0.08
C ARG L 30 -36.02 40.52 0.65
N PHE L 31 -35.68 41.13 1.79
CA PHE L 31 -34.51 40.69 2.55
C PHE L 31 -34.69 39.28 3.08
N GLU L 32 -35.93 38.88 3.37
CA GLU L 32 -36.20 37.50 3.77
C GLU L 32 -35.89 36.53 2.65
N ARG L 33 -36.20 36.89 1.41
CA ARG L 33 -35.91 36.02 0.27
C ARG L 33 -34.45 36.11 -0.20
N ALA L 34 -33.71 37.12 0.27
CA ALA L 34 -32.38 37.42 -0.26
C ALA L 34 -31.43 36.22 -0.25
N ALA L 35 -31.43 35.45 0.85
CA ALA L 35 -30.44 34.38 0.97
C ALA L 35 -30.66 33.28 -0.05
N ALA L 36 -31.91 32.83 -0.20
CA ALA L 36 -32.23 31.83 -1.20
C ALA L 36 -31.95 32.35 -2.60
N SER L 37 -32.28 33.63 -2.85
CA SER L 37 -31.96 34.21 -4.16
C SER L 37 -30.47 34.16 -4.43
N MET L 38 -29.65 34.44 -3.40
CA MET L 38 -28.20 34.42 -3.57
C MET L 38 -27.69 33.02 -3.86
N GLU L 39 -28.17 32.03 -3.12
CA GLU L 39 -27.75 30.65 -3.37
C GLU L 39 -28.10 30.23 -4.79
N ALA L 40 -29.32 30.55 -5.24
CA ALA L 40 -29.73 30.20 -6.59
C ALA L 40 -28.87 30.91 -7.63
N ALA L 41 -28.55 32.19 -7.39
CA ALA L 41 -27.73 32.94 -8.35
C ALA L 41 -26.34 32.32 -8.47
N ARG L 42 -25.72 31.99 -7.34
CA ARG L 42 -24.40 31.37 -7.39
C ARG L 42 -24.46 30.04 -8.12
N ALA L 43 -25.46 29.22 -7.82
CA ALA L 43 -25.57 27.91 -8.47
C ALA L 43 -25.77 28.04 -9.97
N LEU L 44 -26.60 29.00 -10.40
CA LEU L 44 -26.83 29.18 -11.83
C LEU L 44 -25.61 29.76 -12.54
N THR L 45 -24.86 30.63 -11.86
CA THR L 45 -23.67 31.20 -12.50
C THR L 45 -22.56 30.15 -12.64
N ASN L 46 -22.38 29.30 -11.62
CA ASN L 46 -21.31 28.32 -11.68
C ASN L 46 -21.54 27.32 -12.81
N ASN L 47 -22.70 26.67 -12.84
CA ASN L 47 -23.03 25.67 -13.85
C ASN L 47 -23.58 26.29 -15.12
N ALA L 48 -23.04 27.43 -15.54
CA ALA L 48 -23.62 28.16 -16.66
C ALA L 48 -23.43 27.41 -17.97
N GLN L 49 -22.19 26.99 -18.27
CA GLN L 49 -21.90 26.37 -19.55
C GLN L 49 -22.70 25.09 -19.75
N GLN L 50 -22.71 24.22 -18.73
CA GLN L 50 -23.45 22.96 -18.83
C GLN L 50 -24.93 23.21 -19.05
N LEU L 51 -25.52 24.12 -18.29
CA LEU L 51 -26.95 24.42 -18.43
C LEU L 51 -27.25 24.99 -19.81
N ILE L 52 -26.41 25.89 -20.30
CA ILE L 52 -26.67 26.54 -21.58
C ILE L 52 -26.59 25.52 -22.71
N ASP L 53 -25.55 24.68 -22.70
CA ASP L 53 -25.41 23.68 -23.76
C ASP L 53 -26.52 22.63 -23.68
N GLY L 54 -26.94 22.27 -22.47
CA GLY L 54 -28.04 21.33 -22.34
C GLY L 54 -29.35 21.89 -22.84
N ALA L 55 -29.61 23.17 -22.58
CA ALA L 55 -30.81 23.81 -23.10
C ALA L 55 -30.76 23.91 -24.62
N ALA L 56 -29.59 24.22 -25.18
CA ALA L 56 -29.45 24.23 -26.64
C ALA L 56 -29.75 22.85 -27.22
N ASN L 57 -29.21 21.80 -26.60
CA ASN L 57 -29.48 20.45 -27.08
C ASN L 57 -30.96 20.11 -26.98
N ALA L 58 -31.61 20.51 -25.88
CA ALA L 58 -33.04 20.24 -25.74
C ALA L 58 -33.84 20.94 -26.83
N VAL L 59 -33.47 22.18 -27.16
CA VAL L 59 -34.16 22.90 -28.23
C VAL L 59 -33.95 22.20 -29.56
N TYR L 60 -32.72 21.74 -29.84
CA TYR L 60 -32.45 21.09 -31.12
C TYR L 60 -33.22 19.77 -31.23
N GLN L 61 -33.21 18.96 -30.18
CA GLN L 61 -33.92 17.68 -30.22
C GLN L 61 -35.43 17.85 -30.16
N LYS L 62 -35.93 19.00 -29.69
CA LYS L 62 -37.36 19.24 -29.71
C LYS L 62 -37.82 19.74 -31.07
N PHE L 63 -37.11 20.72 -31.63
CA PHE L 63 -37.39 21.24 -32.97
C PHE L 63 -36.25 20.85 -33.90
N PRO L 64 -36.29 19.65 -34.50
CA PRO L 64 -35.21 19.27 -35.43
C PRO L 64 -35.17 20.12 -36.69
N TYR L 65 -36.30 20.69 -37.11
CA TYR L 65 -36.29 21.56 -38.28
C TYR L 65 -35.40 22.78 -38.08
N THR L 66 -35.08 23.12 -36.83
CA THR L 66 -34.18 24.24 -36.56
C THR L 66 -32.73 23.91 -36.88
N THR L 67 -32.35 22.63 -36.92
CA THR L 67 -31.04 22.26 -37.41
C THR L 67 -31.07 21.82 -38.87
N GLN L 68 -32.14 22.17 -39.61
CA GLN L 68 -32.31 21.65 -40.96
C GLN L 68 -33.15 22.54 -41.89
N MET L 69 -33.35 23.82 -41.58
CA MET L 69 -34.16 24.70 -42.41
C MET L 69 -33.34 25.75 -43.18
N GLN L 70 -32.08 25.97 -42.79
CA GLN L 70 -31.06 26.69 -43.55
C GLN L 70 -31.28 28.19 -43.66
N GLY L 71 -32.19 28.77 -42.91
CA GLY L 71 -32.33 30.20 -42.88
C GLY L 71 -31.23 30.84 -42.04
N ALA L 72 -31.22 32.17 -42.01
CA ALA L 72 -30.35 32.88 -41.08
C ALA L 72 -30.82 32.66 -39.64
N ASN L 73 -32.13 32.58 -39.43
CA ASN L 73 -32.70 32.44 -38.10
C ASN L 73 -32.44 31.07 -37.48
N PHE L 74 -32.04 30.08 -38.28
CA PHE L 74 -31.94 28.70 -37.82
C PHE L 74 -30.49 28.31 -37.54
N ALA L 75 -30.34 27.24 -36.77
CA ALA L 75 -29.02 26.81 -36.29
C ALA L 75 -28.52 25.61 -37.09
N SER L 76 -28.44 25.81 -38.41
CA SER L 76 -27.91 24.78 -39.29
C SER L 76 -26.38 24.73 -39.26
N ASP L 77 -25.73 25.87 -39.08
CA ASP L 77 -24.28 25.98 -39.08
C ASP L 77 -23.77 26.27 -37.67
N SER L 78 -22.45 26.35 -37.54
CA SER L 78 -21.85 26.69 -36.25
C SER L 78 -22.26 28.09 -35.80
N ARG L 79 -22.46 29.00 -36.75
CA ARG L 79 -22.87 30.36 -36.41
C ARG L 79 -24.24 30.37 -35.76
N GLY L 80 -25.20 29.65 -36.36
CA GLY L 80 -26.54 29.61 -35.80
C GLY L 80 -26.59 28.96 -34.43
N LYS L 81 -25.85 27.86 -34.25
CA LYS L 81 -25.81 27.20 -32.95
C LYS L 81 -25.15 28.08 -31.91
N SER L 82 -24.10 28.82 -32.29
CA SER L 82 -23.45 29.75 -31.37
C SER L 82 -24.40 30.87 -30.97
N LYS L 83 -25.16 31.40 -31.93
CA LYS L 83 -26.13 32.44 -31.61
C LYS L 83 -27.22 31.92 -30.68
N CYS L 84 -27.67 30.67 -30.90
CA CYS L 84 -28.67 30.08 -30.02
C CYS L 84 -28.15 29.92 -28.60
N ALA L 85 -26.94 29.35 -28.46
CA ALA L 85 -26.35 29.20 -27.14
C ALA L 85 -26.14 30.55 -26.47
N ARG L 86 -25.79 31.58 -27.25
CA ARG L 86 -25.58 32.90 -26.68
C ARG L 86 -26.89 33.53 -26.22
N ASP L 87 -27.99 33.29 -26.95
CA ASP L 87 -29.29 33.77 -26.50
C ASP L 87 -29.72 33.06 -25.21
N ILE L 88 -29.47 31.75 -25.12
CA ILE L 88 -29.77 31.04 -23.88
C ILE L 88 -28.92 31.60 -22.74
N GLY L 89 -27.67 31.95 -23.03
CA GLY L 89 -26.85 32.61 -22.03
C GLY L 89 -27.42 33.94 -21.59
N TYR L 90 -27.93 34.72 -22.55
CA TYR L 90 -28.65 35.95 -22.22
C TYR L 90 -29.74 35.67 -21.18
N TYR L 91 -30.59 34.68 -21.48
CA TYR L 91 -31.71 34.37 -20.60
C TYR L 91 -31.23 34.00 -19.20
N LEU L 92 -30.27 33.06 -19.12
CA LEU L 92 -29.77 32.62 -17.82
C LEU L 92 -29.12 33.76 -17.05
N ARG L 93 -28.35 34.60 -17.75
CA ARG L 93 -27.65 35.71 -17.11
C ARG L 93 -28.65 36.71 -16.54
N ILE L 94 -29.68 37.06 -17.31
CA ILE L 94 -30.63 38.05 -16.80
C ILE L 94 -31.51 37.45 -15.71
N ILE L 95 -31.71 36.12 -15.73
CA ILE L 95 -32.40 35.47 -14.62
C ILE L 95 -31.57 35.58 -13.34
N THR L 96 -30.24 35.40 -13.45
CA THR L 96 -29.39 35.61 -12.28
C THR L 96 -29.44 37.07 -11.83
N TYR L 97 -29.49 38.01 -12.78
CA TYR L 97 -29.65 39.42 -12.44
C TYR L 97 -30.89 39.64 -11.60
N SER L 98 -32.03 39.11 -12.05
CA SER L 98 -33.28 39.27 -11.30
C SER L 98 -33.25 38.57 -9.96
N LEU L 99 -32.55 37.44 -9.86
CA LEU L 99 -32.36 36.80 -8.57
C LEU L 99 -31.63 37.72 -7.60
N VAL L 100 -30.52 38.31 -8.06
CA VAL L 100 -29.76 39.23 -7.22
C VAL L 100 -30.63 40.43 -6.84
N ALA L 101 -31.39 40.96 -7.79
CA ALA L 101 -32.20 42.14 -7.53
C ALA L 101 -33.39 41.84 -6.63
N GLY L 102 -33.85 40.59 -6.59
CA GLY L 102 -35.02 40.26 -5.81
C GLY L 102 -36.34 40.59 -6.48
N GLY L 103 -36.34 40.79 -7.80
CA GLY L 103 -37.54 41.16 -8.52
C GLY L 103 -37.30 41.04 -10.01
N THR L 104 -38.39 41.13 -10.76
CA THR L 104 -38.34 40.94 -12.21
C THR L 104 -37.94 42.20 -12.97
N GLY L 105 -37.42 43.20 -12.27
CA GLY L 105 -36.95 44.41 -12.90
C GLY L 105 -35.96 44.16 -14.03
N PRO L 106 -34.85 43.48 -13.73
CA PRO L 106 -33.87 43.21 -14.80
C PRO L 106 -34.44 42.43 -15.96
N LEU L 107 -35.32 41.46 -15.70
CA LEU L 107 -35.92 40.72 -16.80
C LEU L 107 -36.81 41.61 -17.65
N ASP L 108 -37.48 42.59 -17.03
CA ASP L 108 -38.37 43.47 -17.79
C ASP L 108 -37.56 44.48 -18.61
N GLU L 109 -36.50 45.03 -18.02
CA GLU L 109 -35.75 46.07 -18.72
C GLU L 109 -34.79 45.50 -19.75
N TYR L 110 -34.08 44.44 -19.41
CA TYR L 110 -33.02 43.92 -20.27
C TYR L 110 -33.49 42.92 -21.30
N LEU L 111 -34.60 42.21 -21.04
CA LEU L 111 -35.01 41.10 -21.89
C LEU L 111 -36.35 41.37 -22.56
N ILE L 112 -37.43 41.52 -21.78
CA ILE L 112 -38.77 41.54 -22.37
C ILE L 112 -38.98 42.76 -23.23
N ALA L 113 -38.38 43.91 -22.86
CA ALA L 113 -38.49 45.12 -23.66
C ALA L 113 -37.92 44.89 -25.05
N GLY L 114 -38.79 44.89 -26.06
CA GLY L 114 -38.38 44.64 -27.43
C GLY L 114 -38.08 43.20 -27.75
N LEU L 115 -38.39 42.27 -26.84
CA LEU L 115 -38.14 40.86 -27.11
C LEU L 115 -38.97 40.37 -28.28
N ASP L 116 -40.27 40.71 -28.28
CA ASP L 116 -41.13 40.26 -29.37
C ASP L 116 -40.79 40.97 -30.68
N GLU L 117 -40.38 42.24 -30.61
CA GLU L 117 -39.87 42.91 -31.81
C GLU L 117 -38.63 42.20 -32.34
N ILE L 118 -37.72 41.80 -31.43
CA ILE L 118 -36.52 41.07 -31.84
C ILE L 118 -36.89 39.76 -32.50
N ASN L 119 -37.84 39.03 -31.91
CA ASN L 119 -38.20 37.72 -32.43
C ASN L 119 -38.97 37.83 -33.74
N ARG L 120 -39.72 38.91 -33.94
CA ARG L 120 -40.47 39.09 -35.18
C ARG L 120 -39.59 39.61 -36.31
N THR L 121 -38.58 40.43 -36.00
CA THR L 121 -37.70 40.94 -37.04
C THR L 121 -36.76 39.86 -37.55
N PHE L 122 -36.21 39.04 -36.65
CA PHE L 122 -35.25 38.01 -37.02
C PHE L 122 -35.87 36.62 -37.08
N ASP L 123 -37.20 36.53 -37.06
CA ASP L 123 -37.93 35.26 -37.23
C ASP L 123 -37.49 34.23 -36.20
N LEU L 124 -37.59 34.62 -34.93
CA LEU L 124 -37.28 33.75 -33.81
C LEU L 124 -38.58 33.34 -33.14
N SER L 125 -38.78 32.02 -32.99
CA SER L 125 -40.03 31.55 -32.40
C SER L 125 -39.86 31.37 -30.89
N PRO L 126 -40.78 31.88 -30.08
CA PRO L 126 -40.63 31.77 -28.62
C PRO L 126 -40.52 30.35 -28.11
N SER L 127 -41.17 29.39 -28.77
CA SER L 127 -41.20 28.01 -28.27
C SER L 127 -39.80 27.45 -28.03
N TRP L 128 -38.83 27.87 -28.85
CA TRP L 128 -37.45 27.44 -28.64
C TRP L 128 -36.97 27.81 -27.25
N TYR L 129 -37.03 29.11 -26.92
CA TYR L 129 -36.56 29.56 -25.62
C TYR L 129 -37.46 29.05 -24.50
N VAL L 130 -38.74 28.78 -24.78
CA VAL L 130 -39.60 28.19 -23.77
C VAL L 130 -39.10 26.80 -23.38
N GLU L 131 -38.78 25.98 -24.38
CA GLU L 131 -38.24 24.66 -24.08
C GLU L 131 -36.88 24.76 -23.38
N ALA L 132 -36.06 25.73 -23.79
CA ALA L 132 -34.77 25.93 -23.13
C ALA L 132 -34.95 26.28 -21.66
N LEU L 133 -35.88 27.19 -21.36
CA LEU L 133 -36.15 27.57 -19.98
C LEU L 133 -36.71 26.40 -19.18
N LYS L 134 -37.54 25.57 -19.82
CA LYS L 134 -38.03 24.37 -19.14
C LYS L 134 -36.86 23.45 -18.77
N TYR L 135 -35.93 23.24 -19.69
CA TYR L 135 -34.76 22.42 -19.39
C TYR L 135 -33.97 23.02 -18.22
N ILE L 136 -33.74 24.34 -18.24
CA ILE L 136 -32.96 24.96 -17.17
C ILE L 136 -33.68 24.83 -15.83
N LYS L 137 -35.01 24.98 -15.83
CA LYS L 137 -35.77 24.80 -14.60
C LYS L 137 -35.67 23.36 -14.09
N ALA L 138 -35.61 22.40 -15.00
CA ALA L 138 -35.56 20.99 -14.61
C ALA L 138 -34.16 20.52 -14.26
N ASN L 139 -33.11 21.28 -14.60
CA ASN L 139 -31.75 20.79 -14.42
C ASN L 139 -30.86 21.76 -13.63
N HIS L 140 -31.43 22.64 -12.82
CA HIS L 140 -30.62 23.54 -12.01
C HIS L 140 -30.20 22.93 -10.68
N GLY L 141 -30.67 21.73 -10.35
CA GLY L 141 -30.20 20.99 -9.20
C GLY L 141 -30.41 21.65 -7.87
N LEU L 142 -31.34 22.60 -7.78
CA LEU L 142 -31.58 23.32 -6.53
C LEU L 142 -32.71 22.67 -5.75
N SER L 143 -32.78 23.03 -4.46
CA SER L 143 -33.79 22.51 -3.56
C SER L 143 -34.27 23.62 -2.64
N GLY L 144 -35.49 23.45 -2.13
CA GLY L 144 -36.02 24.38 -1.14
C GLY L 144 -36.28 25.76 -1.69
N GLN L 145 -36.05 26.77 -0.84
CA GLN L 145 -36.36 28.15 -1.21
C GLN L 145 -35.49 28.62 -2.36
N ALA L 146 -34.29 28.09 -2.52
CA ALA L 146 -33.46 28.43 -3.66
C ALA L 146 -34.11 27.98 -4.96
N ALA L 147 -34.60 26.73 -4.99
CA ALA L 147 -35.31 26.24 -6.16
C ALA L 147 -36.58 27.05 -6.41
N ASN L 148 -37.29 27.42 -5.33
CA ASN L 148 -38.47 28.25 -5.49
C ASN L 148 -38.14 29.59 -6.15
N GLU L 149 -37.09 30.25 -5.65
CA GLU L 149 -36.72 31.56 -6.20
C GLU L 149 -36.28 31.44 -7.66
N ALA L 150 -35.51 30.41 -7.99
CA ALA L 150 -35.07 30.25 -9.37
C ALA L 150 -36.26 29.99 -10.30
N ASN L 151 -37.13 29.05 -9.92
CA ASN L 151 -38.29 28.74 -10.74
C ASN L 151 -39.21 29.94 -10.87
N THR L 152 -39.25 30.83 -9.87
CA THR L 152 -40.03 32.05 -9.99
C THR L 152 -39.69 32.81 -11.26
N TYR L 153 -38.42 33.17 -11.42
CA TYR L 153 -38.02 33.98 -12.57
C TYR L 153 -37.99 33.16 -13.85
N ILE L 154 -37.68 31.87 -13.77
CA ILE L 154 -37.78 31.04 -14.99
C ILE L 154 -39.22 31.02 -15.50
N ASP L 155 -40.19 30.88 -14.59
CA ASP L 155 -41.60 30.86 -15.00
C ASP L 155 -42.06 32.23 -15.47
N TYR L 156 -41.57 33.30 -14.85
CA TYR L 156 -41.86 34.63 -15.36
C TYR L 156 -41.38 34.78 -16.80
N ALA L 157 -40.17 34.32 -17.09
CA ALA L 157 -39.65 34.40 -18.45
C ALA L 157 -40.47 33.54 -19.41
N ILE L 158 -40.88 32.36 -18.97
CA ILE L 158 -41.69 31.48 -19.82
C ILE L 158 -43.02 32.14 -20.14
N ASN L 159 -43.67 32.72 -19.13
CA ASN L 159 -44.97 33.37 -19.34
C ASN L 159 -44.83 34.61 -20.22
N ALA L 160 -43.70 35.31 -20.13
CA ALA L 160 -43.49 36.47 -20.99
C ALA L 160 -43.36 36.07 -22.46
N LEU L 161 -42.96 34.83 -22.73
CA LEU L 161 -42.83 34.32 -24.10
C LEU L 161 -44.09 33.62 -24.58
N SER L 162 -45.10 33.48 -23.72
CA SER L 162 -46.33 32.78 -24.09
C SER L 162 -47.47 33.75 -24.37
#